data_8H1C
#
_entry.id   8H1C
#
_cell.length_a   1.00
_cell.length_b   1.00
_cell.length_c   1.00
_cell.angle_alpha   90.00
_cell.angle_beta   90.00
_cell.angle_gamma   90.00
#
_symmetry.space_group_name_H-M   'P 1'
#
loop_
_entity.id
_entity.type
_entity.pdbx_description
1 polymer 'Glycine--tRNA ligase'
2 polymer 'tRNA(gly) (74-MER)'
#
loop_
_entity_poly.entity_id
_entity_poly.type
_entity_poly.pdbx_seq_one_letter_code
_entity_poly.pdbx_strand_id
1 'polypeptide(L)'
;HHHHHHHHGSSLEVLFQGPAVASADGDAPSPVSVSASAATKGPSSSSVLTFQQAIQRLQDYWASVGCAVMQCSNTEVGAG
TMNPLTFLRVLGPEPWNVAYVEPSIRPDDSRYGDNPNRLQRHTQFQVILKPDPGNSQDLFLHSLSALGINVREHDIRFVE
DNWESPVLGAWGLGWEVWMDGMEITQFTYFQQSGSLPLLPVSVEITYGLERILMSLQGVDHFKNIQYTKGITYGELFLEN
EKEMSAYYLEHANVDNIQKHFDDFEEEARSLLSLWLPIPAYDHVLKASHAFNILDSRGFVGVTERARYFGRMRSLARQCA
QLWVKTRENLGYPLGTYQESNLIYPHVSEKPSRKGVVGQPRAFVLEIGTEELPPHDVIEATKQLEKSLIQILEKRRLSHG
KVRSYGTPRRLAVVVENLNMKQMEEEIELRGPPVAKAFDQEGRPTKAAEGFCRKNNVPIDSLYRRTDGKTEYIYARVKES
ARFADEVLTEDLPTIISGISFPKSMRWNSNIVFSRPIRWIFALHGDLIVPFCFAGISSGNQSCGLRNSSLANFKVEAAEL
YLHTLEKAGILIDMQERKQRILHDSSILAEGVGGDIIAPDSLVQEVINLVEAPMPIIGRYDVSFLALPKDVLITVMQKHQ
KYFPVTSKTMGNLLPCFITVANGAIKEEVVRKGNEAVLRARYEDAKFFYKMDTQKKLSEFRDQLSSILFHERLGTMLDKM
KRVENTVAEVALLLGINEKMIPAIKDAAALAMSDLATNIVTEFTSLAGIMARHYALRDGLSEQIAEALFEITLPRFSGDV
FPKTDPGIVLAVTDRLDSLVGLFGAGCQPSSTNDPFGLRRISYGLVQILVENKKNFDLTKALTLVAEEQPITIDSGVIDE
VVQFVTRRLEQLLVDEGINCEIVRSVLIERANCPYLASQTAIEMEAFSRTEDFPKIVEAYSRPTRIIRGKEIGSALEVDA
SVFEKDEERALWSAYLEVADKIHPGVDIKAFADASLELLQPLEDFFTNVFVMAEDEKVRNNRLALLTKVASLPKGIADLS
VLPGF
;
B,A
2 'polyribonucleotide' (GTP)CGAGCGUAGUUCAAUGGUAAAACAUCUCCUUGCCAAGGAGAAGAUACGGGUUCGAUUCCCGCCGCUCGCCCCA C,D
#
loop_
_chem_comp.id
_chem_comp.type
_chem_comp.name
_chem_comp.formula
A RNA linking ADENOSINE-5'-MONOPHOSPHATE 'C10 H14 N5 O7 P'
C RNA linking CYTIDINE-5'-MONOPHOSPHATE 'C9 H14 N3 O8 P'
G RNA linking GUANOSINE-5'-MONOPHOSPHATE 'C10 H14 N5 O8 P'
GTP non-polymer GUANOSINE-5'-TRIPHOSPHATE 'C10 H16 N5 O14 P3'
U RNA linking URIDINE-5'-MONOPHOSPHATE 'C9 H13 N2 O9 P'
#
# COMPACT_ATOMS: atom_id res chain seq x y z
CA SER A 47 12.69 26.91 15.55
C SER A 47 12.67 25.44 15.97
N VAL A 48 11.46 24.88 16.04
CA VAL A 48 11.27 23.48 16.43
C VAL A 48 10.93 22.66 15.20
N LEU A 49 11.61 21.53 15.06
CA LEU A 49 11.41 20.67 13.91
C LEU A 49 10.01 20.06 13.91
N THR A 50 9.41 19.97 12.73
CA THR A 50 8.10 19.35 12.56
C THR A 50 8.24 18.02 11.82
N PHE A 51 7.18 17.22 11.89
CA PHE A 51 7.24 15.85 11.37
C PHE A 51 7.30 15.80 9.86
N GLN A 52 6.60 16.71 9.17
CA GLN A 52 6.49 16.63 7.72
C GLN A 52 7.71 17.20 7.01
N GLN A 53 8.64 17.83 7.74
CA GLN A 53 9.89 18.28 7.15
C GLN A 53 11.10 17.47 7.58
N ALA A 54 10.98 16.66 8.64
CA ALA A 54 12.03 15.69 8.93
C ALA A 54 12.18 14.70 7.78
N ILE A 55 11.07 14.33 7.15
CA ILE A 55 11.14 13.49 5.96
C ILE A 55 11.86 14.23 4.83
N GLN A 56 11.53 15.51 4.64
CA GLN A 56 12.18 16.28 3.58
C GLN A 56 13.66 16.49 3.84
N ARG A 57 14.11 16.46 5.09
CA ARG A 57 15.53 16.54 5.38
C ARG A 57 16.23 15.18 5.34
N LEU A 58 15.50 14.10 5.64
CA LEU A 58 16.07 12.75 5.57
C LEU A 58 16.04 12.16 4.18
N GLN A 59 15.32 12.78 3.24
CA GLN A 59 15.33 12.31 1.86
C GLN A 59 16.31 13.07 0.98
N ASP A 60 16.33 14.40 1.06
CA ASP A 60 17.25 15.17 0.24
C ASP A 60 18.70 14.97 0.66
N TYR A 61 18.95 14.49 1.89
CA TYR A 61 20.31 14.15 2.27
C TYR A 61 20.76 12.86 1.59
N TRP A 62 20.02 11.77 1.81
CA TRP A 62 20.39 10.49 1.20
C TRP A 62 20.26 10.51 -0.32
N ALA A 63 19.59 11.51 -0.89
CA ALA A 63 19.60 11.65 -2.35
C ALA A 63 20.89 12.27 -2.86
N SER A 64 21.70 12.86 -1.99
CA SER A 64 22.96 13.44 -2.41
C SER A 64 24.12 12.46 -2.27
N VAL A 65 24.02 11.52 -1.32
CA VAL A 65 25.06 10.50 -1.20
C VAL A 65 25.04 9.57 -2.41
N GLY A 66 23.85 9.25 -2.91
CA GLY A 66 23.74 8.41 -4.09
C GLY A 66 22.59 7.43 -4.05
N CYS A 67 21.87 7.39 -2.94
CA CYS A 67 20.75 6.48 -2.81
C CYS A 67 19.61 6.90 -3.72
N ALA A 68 18.78 5.93 -4.09
CA ALA A 68 17.61 6.16 -4.95
C ALA A 68 16.36 5.99 -4.09
N VAL A 69 15.67 7.10 -3.83
CA VAL A 69 14.48 7.06 -2.98
C VAL A 69 13.30 6.53 -3.76
N MET A 70 12.50 5.68 -3.12
CA MET A 70 11.34 5.09 -3.77
C MET A 70 10.10 5.22 -2.90
N GLN A 71 9.00 4.60 -3.32
CA GLN A 71 7.75 4.68 -2.58
C GLN A 71 7.70 3.61 -1.50
N CYS A 72 6.62 3.64 -0.71
CA CYS A 72 6.46 2.72 0.41
C CYS A 72 5.99 1.36 -0.11
N SER A 73 5.60 0.48 0.80
CA SER A 73 5.12 -0.83 0.43
C SER A 73 3.70 -0.74 -0.14
N ASN A 74 3.14 -1.89 -0.49
CA ASN A 74 1.79 -1.97 -1.01
C ASN A 74 0.87 -2.78 -0.10
N THR A 75 1.30 -3.96 0.32
CA THR A 75 0.54 -4.77 1.26
C THR A 75 0.98 -4.44 2.69
N GLU A 76 0.09 -4.71 3.64
CA GLU A 76 0.37 -4.43 5.05
C GLU A 76 1.58 -5.22 5.51
N VAL A 77 2.69 -4.54 5.79
CA VAL A 77 3.91 -5.19 6.23
C VAL A 77 3.95 -5.19 7.75
N GLY A 78 4.26 -6.33 8.34
CA GLY A 78 4.33 -6.43 9.77
C GLY A 78 5.53 -5.80 10.41
N ALA A 79 6.50 -5.35 9.62
CA ALA A 79 7.69 -4.70 10.14
C ALA A 79 8.29 -3.85 9.02
N GLY A 80 9.52 -3.42 9.20
CA GLY A 80 10.22 -2.63 8.22
C GLY A 80 11.19 -3.37 7.34
N THR A 81 11.35 -4.68 7.53
CA THR A 81 12.31 -5.46 6.77
C THR A 81 11.67 -6.34 5.71
N MET A 82 10.45 -6.84 5.96
CA MET A 82 9.83 -7.79 5.05
C MET A 82 9.41 -7.17 3.73
N ASN A 83 9.73 -5.90 3.48
CA ASN A 83 9.39 -5.28 2.22
C ASN A 83 10.13 -5.97 1.08
N PRO A 84 9.50 -6.19 -0.07
CA PRO A 84 10.21 -6.81 -1.19
C PRO A 84 11.37 -5.98 -1.72
N LEU A 85 11.48 -4.71 -1.35
CA LEU A 85 12.60 -3.87 -1.76
C LEU A 85 13.84 -4.08 -0.90
N THR A 86 13.76 -4.90 0.13
CA THR A 86 14.92 -5.19 0.97
C THR A 86 15.21 -6.67 1.11
N PHE A 87 14.18 -7.51 1.27
CA PHE A 87 14.42 -8.93 1.49
C PHE A 87 14.87 -9.62 0.22
N LEU A 88 14.25 -9.31 -0.91
CA LEU A 88 14.57 -9.98 -2.16
C LEU A 88 15.73 -9.34 -2.91
N ARG A 89 16.11 -8.10 -2.58
CA ARG A 89 17.10 -7.40 -3.36
C ARG A 89 18.50 -7.45 -2.77
N VAL A 90 18.65 -7.84 -1.50
CA VAL A 90 19.99 -7.99 -0.96
C VAL A 90 20.69 -9.23 -1.48
N LEU A 91 19.95 -10.19 -2.02
CA LEU A 91 20.52 -11.42 -2.53
C LEU A 91 21.05 -11.22 -3.94
N GLY A 92 22.29 -11.65 -4.17
CA GLY A 92 22.90 -11.54 -5.47
C GLY A 92 23.88 -10.40 -5.55
N PRO A 93 24.93 -10.55 -6.35
CA PRO A 93 25.98 -9.53 -6.46
C PRO A 93 25.65 -8.39 -7.41
N GLU A 94 24.88 -7.43 -6.90
CA GLU A 94 24.59 -6.19 -7.60
C GLU A 94 24.57 -5.05 -6.61
N PRO A 95 25.01 -3.86 -7.01
CA PRO A 95 24.92 -2.70 -6.12
C PRO A 95 23.46 -2.33 -5.85
N TRP A 96 23.23 -1.80 -4.64
CA TRP A 96 21.87 -1.47 -4.22
C TRP A 96 21.96 -0.45 -3.10
N ASN A 97 21.52 0.78 -3.37
CA ASN A 97 21.54 1.87 -2.40
C ASN A 97 20.15 2.52 -2.40
N VAL A 98 19.31 2.17 -1.42
CA VAL A 98 17.94 2.64 -1.42
C VAL A 98 17.55 3.15 -0.04
N ALA A 99 16.85 4.29 -0.02
CA ALA A 99 16.28 4.83 1.21
C ALA A 99 14.83 5.18 0.96
N TYR A 100 13.94 4.71 1.84
CA TYR A 100 12.53 4.98 1.68
C TYR A 100 11.87 5.03 3.05
N VAL A 101 10.56 5.31 3.06
CA VAL A 101 9.79 5.48 4.27
C VAL A 101 8.57 4.58 4.19
N GLU A 102 8.28 3.85 5.27
CA GLU A 102 7.13 2.96 5.22
C GLU A 102 6.39 2.92 6.54
N PRO A 103 5.07 2.88 6.50
CA PRO A 103 4.31 2.55 7.71
C PRO A 103 4.51 1.10 8.08
N SER A 104 4.38 0.81 9.36
CA SER A 104 4.46 -0.56 9.86
C SER A 104 3.29 -0.81 10.79
N ILE A 105 2.58 -1.90 10.53
CA ILE A 105 1.38 -2.29 11.27
C ILE A 105 1.69 -3.55 12.04
N ARG A 106 1.45 -3.53 13.35
CA ARG A 106 1.64 -4.73 14.16
C ARG A 106 0.45 -4.88 15.12
N PRO A 107 -0.52 -5.74 14.79
CA PRO A 107 -1.71 -5.85 15.62
C PRO A 107 -1.42 -6.33 17.04
N ASP A 108 -0.32 -7.06 17.25
CA ASP A 108 -0.05 -7.59 18.58
C ASP A 108 0.23 -6.47 19.58
N ASP A 109 0.71 -5.31 19.10
CA ASP A 109 1.03 -4.19 19.97
C ASP A 109 -0.08 -3.16 20.00
N SER A 110 -1.34 -3.59 19.91
CA SER A 110 -2.47 -2.68 19.93
C SER A 110 -2.93 -2.48 21.37
N ARG A 111 -3.02 -1.23 21.79
CA ARG A 111 -3.40 -0.88 23.16
C ARG A 111 -4.45 0.22 23.17
N TYR A 112 -5.39 0.18 22.22
CA TYR A 112 -6.48 1.13 22.13
C TYR A 112 -6.01 2.57 21.92
N GLY A 113 -4.75 2.76 21.54
CA GLY A 113 -4.22 4.09 21.29
C GLY A 113 -4.25 5.00 22.50
N ASP A 114 -3.81 4.48 23.65
CA ASP A 114 -3.78 5.26 24.87
C ASP A 114 -2.38 5.27 25.47
N ASN A 115 -1.67 4.15 25.35
CA ASN A 115 -0.31 4.07 25.89
C ASN A 115 0.62 4.89 25.03
N PRO A 116 1.33 5.88 25.59
CA PRO A 116 2.13 6.79 24.76
C PRO A 116 3.35 6.15 24.11
N ASN A 117 3.59 4.86 24.30
CA ASN A 117 4.75 4.21 23.71
C ASN A 117 4.40 3.23 22.60
N ARG A 118 3.32 2.46 22.73
CA ARG A 118 2.98 1.42 21.78
C ARG A 118 1.77 1.83 20.95
N LEU A 119 1.90 1.71 19.63
CA LEU A 119 0.83 1.99 18.70
C LEU A 119 0.71 0.82 17.74
N GLN A 120 -0.38 0.81 16.97
CA GLN A 120 -0.60 -0.23 15.97
C GLN A 120 -0.17 0.22 14.58
N ARG A 121 0.36 1.43 14.43
CA ARG A 121 0.84 1.92 13.14
C ARG A 121 1.92 2.96 13.42
N HIS A 122 3.17 2.59 13.17
CA HIS A 122 4.28 3.52 13.36
C HIS A 122 5.10 3.62 12.10
N THR A 123 5.57 4.83 11.79
CA THR A 123 6.25 5.11 10.54
C THR A 123 7.75 4.95 10.74
N GLN A 124 8.38 4.15 9.88
CA GLN A 124 9.82 3.94 9.94
C GLN A 124 10.48 4.44 8.67
N PHE A 125 11.78 4.69 8.79
CA PHE A 125 12.62 5.04 7.64
C PHE A 125 13.68 3.97 7.48
N GLN A 126 13.85 3.47 6.26
CA GLN A 126 14.76 2.38 5.99
C GLN A 126 15.83 2.83 5.01
N VAL A 127 17.09 2.48 5.30
CA VAL A 127 18.20 2.73 4.39
C VAL A 127 19.00 1.45 4.24
N ILE A 128 19.21 1.03 3.00
CA ILE A 128 19.96 -0.18 2.68
C ILE A 128 21.12 0.21 1.78
N LEU A 129 22.33 -0.19 2.17
CA LEU A 129 23.55 0.08 1.42
C LEU A 129 24.24 -1.25 1.11
N LYS A 130 24.57 -1.47 -0.16
CA LYS A 130 25.35 -2.61 -0.57
C LYS A 130 26.12 -2.22 -1.82
N PRO A 131 27.44 -2.39 -1.84
CA PRO A 131 28.24 -2.84 -0.70
C PRO A 131 28.55 -1.73 0.28
N ASP A 132 29.02 -2.07 1.47
CA ASP A 132 29.36 -1.07 2.46
C ASP A 132 30.60 -0.28 2.01
N PRO A 133 30.52 1.03 1.91
CA PRO A 133 31.64 1.82 1.37
C PRO A 133 32.74 2.16 2.36
N GLY A 134 32.63 1.74 3.63
CA GLY A 134 33.63 2.03 4.63
C GLY A 134 33.33 3.22 5.51
N ASN A 135 32.46 4.13 5.07
CA ASN A 135 31.99 5.24 5.88
C ASN A 135 30.64 4.94 6.50
N SER A 136 30.42 3.68 6.88
CA SER A 136 29.07 3.23 7.22
C SER A 136 28.50 4.02 8.39
N GLN A 137 29.28 4.22 9.44
CA GLN A 137 28.80 4.92 10.62
C GLN A 137 29.28 6.36 10.70
N ASP A 138 29.83 6.91 9.62
CA ASP A 138 30.11 8.34 9.56
C ASP A 138 29.04 9.08 8.77
N LEU A 139 28.54 8.47 7.70
CA LEU A 139 27.42 9.05 6.98
C LEU A 139 26.20 9.16 7.87
N PHE A 140 25.99 8.20 8.77
CA PHE A 140 24.86 8.27 9.69
C PHE A 140 24.97 9.48 10.60
N LEU A 141 26.15 9.74 11.16
CA LEU A 141 26.32 10.90 12.01
C LEU A 141 26.20 12.20 11.23
N HIS A 142 26.70 12.24 9.99
CA HIS A 142 26.50 13.43 9.18
C HIS A 142 25.02 13.69 8.91
N SER A 143 24.26 12.64 8.62
CA SER A 143 22.82 12.79 8.42
C SER A 143 22.14 13.26 9.69
N LEU A 144 22.56 12.72 10.83
CA LEU A 144 21.98 13.13 12.11
C LEU A 144 22.24 14.61 12.37
N SER A 145 23.44 15.08 12.04
CA SER A 145 23.74 16.50 12.17
C SER A 145 22.92 17.34 11.20
N ALA A 146 22.72 16.86 9.97
CA ALA A 146 21.95 17.61 8.98
C ALA A 146 20.46 17.63 9.31
N LEU A 147 19.98 16.66 10.09
CA LEU A 147 18.56 16.63 10.44
C LEU A 147 18.15 17.85 11.25
N GLY A 148 19.02 18.32 12.15
CA GLY A 148 18.71 19.51 12.91
C GLY A 148 19.23 19.45 14.33
N ILE A 149 19.66 18.28 14.77
CA ILE A 149 20.20 18.11 16.11
C ILE A 149 21.72 18.13 16.04
N ASN A 150 22.33 18.69 17.08
CA ASN A 150 23.78 18.81 17.13
C ASN A 150 24.39 17.56 17.74
N VAL A 151 25.65 17.32 17.38
CA VAL A 151 26.35 16.11 17.81
C VAL A 151 27.29 16.45 18.96
N ARG A 152 27.81 17.67 18.97
CA ARG A 152 28.76 18.07 20.00
C ARG A 152 28.11 18.26 21.37
N GLU A 153 26.78 18.33 21.43
CA GLU A 153 26.08 18.55 22.70
C GLU A 153 25.01 17.50 22.94
N HIS A 154 25.24 16.28 22.48
CA HIS A 154 24.32 15.18 22.75
C HIS A 154 25.11 13.88 22.82
N ASP A 155 24.85 13.09 23.85
CA ASP A 155 25.55 11.83 24.04
C ASP A 155 25.02 10.82 23.03
N ILE A 156 25.72 10.68 21.91
CA ILE A 156 25.38 9.69 20.88
C ILE A 156 26.31 8.51 21.07
N ARG A 157 25.77 7.38 21.52
CA ARG A 157 26.60 6.20 21.76
C ARG A 157 25.97 4.99 21.10
N PHE A 158 26.78 3.96 20.91
CA PHE A 158 26.34 2.71 20.29
C PHE A 158 26.34 1.62 21.36
N VAL A 159 25.25 0.88 21.47
CA VAL A 159 25.15 -0.25 22.38
C VAL A 159 24.88 -1.50 21.57
N GLU A 160 25.70 -2.53 21.79
CA GLU A 160 25.62 -3.74 20.97
C GLU A 160 24.26 -4.41 21.10
N ASP A 161 23.78 -4.95 19.98
CA ASP A 161 22.50 -5.66 19.95
C ASP A 161 22.46 -6.50 18.69
N ASN A 162 22.25 -7.81 18.86
CA ASN A 162 22.26 -8.76 17.75
C ASN A 162 20.83 -9.02 17.30
N TRP A 163 20.54 -8.69 16.05
CA TRP A 163 19.20 -8.89 15.51
C TRP A 163 19.09 -10.25 14.83
N GLU A 164 17.96 -10.93 15.09
CA GLU A 164 17.75 -12.26 14.52
C GLU A 164 16.25 -12.53 14.45
N SER A 165 15.79 -13.02 13.31
CA SER A 165 14.37 -13.27 13.08
C SER A 165 14.16 -14.64 12.46
N PRO A 166 13.65 -15.61 13.21
CA PRO A 166 13.46 -16.97 12.64
C PRO A 166 12.34 -17.05 11.63
N VAL A 167 11.47 -16.05 11.54
CA VAL A 167 10.32 -16.13 10.63
C VAL A 167 10.79 -16.23 9.19
N LEU A 168 11.80 -15.45 8.82
CA LEU A 168 12.31 -15.43 7.46
C LEU A 168 13.76 -15.88 7.36
N GLY A 169 14.39 -16.27 8.46
CA GLY A 169 15.74 -16.78 8.40
C GLY A 169 16.78 -15.73 8.07
N ALA A 170 17.02 -14.80 8.99
CA ALA A 170 18.02 -13.77 8.79
C ALA A 170 18.68 -13.42 10.11
N TRP A 171 19.92 -12.97 10.04
CA TRP A 171 20.63 -12.52 11.23
C TRP A 171 21.79 -11.63 10.82
N GLY A 172 22.44 -11.06 11.82
CA GLY A 172 23.54 -10.16 11.56
C GLY A 172 24.10 -9.62 12.86
N LEU A 173 25.01 -8.67 12.74
CA LEU A 173 25.64 -8.05 13.89
C LEU A 173 25.50 -6.54 13.79
N GLY A 174 25.19 -5.90 14.92
CA GLY A 174 25.00 -4.47 14.87
C GLY A 174 24.78 -3.89 16.26
N TRP A 175 24.32 -2.65 16.25
CA TRP A 175 24.10 -1.89 17.48
C TRP A 175 22.76 -1.16 17.41
N GLU A 176 22.38 -0.59 18.54
CA GLU A 176 21.32 0.40 18.61
C GLU A 176 21.92 1.71 19.11
N VAL A 177 21.44 2.82 18.58
CA VAL A 177 22.01 4.12 18.87
C VAL A 177 21.24 4.76 20.01
N TRP A 178 21.94 5.02 21.11
CA TRP A 178 21.36 5.70 22.27
C TRP A 178 21.69 7.19 22.18
N MET A 179 20.65 8.01 22.31
CA MET A 179 20.78 9.46 22.35
C MET A 179 20.11 9.92 23.65
N ASP A 180 20.92 10.14 24.68
CA ASP A 180 20.45 10.55 26.00
C ASP A 180 19.46 9.53 26.57
N GLY A 181 19.72 8.24 26.33
CA GLY A 181 18.90 7.18 26.86
C GLY A 181 17.78 6.71 25.95
N MET A 182 17.50 7.44 24.87
CA MET A 182 16.47 7.03 23.93
C MET A 182 17.07 6.14 22.85
N GLU A 183 16.40 5.04 22.55
CA GLU A 183 16.77 4.16 21.45
C GLU A 183 16.05 4.65 20.20
N ILE A 184 16.80 5.24 19.27
CA ILE A 184 16.19 5.88 18.11
C ILE A 184 16.57 5.25 16.78
N THR A 185 17.58 4.40 16.73
CA THR A 185 18.06 3.90 15.45
C THR A 185 18.67 2.52 15.62
N GLN A 186 18.44 1.66 14.64
CA GLN A 186 19.02 0.32 14.58
C GLN A 186 20.03 0.29 13.45
N PHE A 187 21.23 -0.21 13.74
CA PHE A 187 22.31 -0.31 12.76
C PHE A 187 22.71 -1.77 12.67
N THR A 188 22.75 -2.33 11.46
CA THR A 188 22.99 -3.77 11.37
C THR A 188 23.72 -4.13 10.09
N TYR A 189 24.85 -4.84 10.23
CA TYR A 189 25.48 -5.55 9.14
C TYR A 189 24.78 -6.91 9.01
N PHE A 190 24.20 -7.17 7.83
CA PHE A 190 23.56 -8.45 7.59
C PHE A 190 24.61 -9.56 7.47
N GLN A 191 24.16 -10.80 7.65
CA GLN A 191 25.01 -11.94 7.40
C GLN A 191 24.35 -13.06 6.61
N GLN A 192 23.02 -13.12 6.59
CA GLN A 192 22.30 -14.23 5.97
C GLN A 192 20.85 -13.84 5.79
N SER A 193 20.29 -14.14 4.63
CA SER A 193 18.89 -13.87 4.33
C SER A 193 18.27 -15.14 3.76
N GLY A 194 17.12 -15.54 4.31
CA GLY A 194 16.54 -16.81 3.95
C GLY A 194 17.45 -17.94 4.38
N SER A 195 18.13 -18.56 3.42
CA SER A 195 19.15 -19.54 3.72
C SER A 195 20.47 -19.29 3.01
N LEU A 196 20.50 -18.43 2.00
CA LEU A 196 21.74 -18.14 1.31
C LEU A 196 22.64 -17.26 2.17
N PRO A 197 23.95 -17.43 2.07
CA PRO A 197 24.86 -16.47 2.72
C PRO A 197 25.04 -15.23 1.85
N LEU A 198 25.02 -14.07 2.50
CA LEU A 198 25.13 -12.81 1.79
C LEU A 198 26.52 -12.64 1.20
N LEU A 199 26.57 -12.14 -0.04
CA LEU A 199 27.83 -11.80 -0.68
C LEU A 199 27.62 -10.75 -1.75
N PRO A 200 28.04 -9.49 -1.53
CA PRO A 200 28.69 -8.99 -0.31
C PRO A 200 27.67 -8.64 0.78
N VAL A 201 28.16 -8.48 2.02
CA VAL A 201 27.25 -8.14 3.12
C VAL A 201 26.75 -6.72 2.96
N SER A 202 25.57 -6.46 3.52
CA SER A 202 24.90 -5.17 3.38
C SER A 202 24.72 -4.51 4.75
N VAL A 203 24.46 -3.21 4.70
CA VAL A 203 24.29 -2.38 5.89
C VAL A 203 22.86 -1.85 5.89
N GLU A 204 22.15 -2.04 7.00
CA GLU A 204 20.80 -1.55 7.16
C GLU A 204 20.75 -0.56 8.31
N ILE A 205 20.18 0.62 8.03
CA ILE A 205 19.99 1.67 9.01
C ILE A 205 18.49 1.92 9.10
N THR A 206 17.92 1.70 10.28
CA THR A 206 16.49 1.85 10.49
C THR A 206 16.26 2.99 11.47
N TYR A 207 15.59 4.04 10.99
CA TYR A 207 15.19 5.17 11.82
C TYR A 207 13.78 4.91 12.34
N GLY A 208 13.62 4.92 13.65
CA GLY A 208 12.29 4.94 14.24
C GLY A 208 11.86 6.37 14.36
N LEU A 209 11.08 6.85 13.39
CA LEU A 209 10.86 8.28 13.22
C LEU A 209 9.78 8.84 14.14
N GLU A 210 8.95 8.00 14.76
CA GLU A 210 7.89 8.52 15.60
C GLU A 210 8.40 8.99 16.95
N ARG A 211 9.51 8.42 17.45
CA ARG A 211 10.04 8.81 18.75
C ARG A 211 11.14 9.86 18.67
N ILE A 212 11.78 10.03 17.51
CA ILE A 212 12.82 11.04 17.40
C ILE A 212 12.24 12.42 17.69
N LEU A 213 11.13 12.76 17.05
CA LEU A 213 10.51 14.06 17.30
C LEU A 213 9.84 14.11 18.66
N MET A 214 9.29 12.99 19.13
CA MET A 214 8.69 12.95 20.45
C MET A 214 9.70 13.26 21.54
N SER A 215 10.97 12.90 21.32
CA SER A 215 12.03 13.23 22.25
C SER A 215 12.69 14.58 21.96
N LEU A 216 12.61 15.06 20.71
CA LEU A 216 13.30 16.30 20.35
C LEU A 216 12.46 17.52 20.68
N GLN A 217 11.18 17.50 20.35
CA GLN A 217 10.34 18.68 20.58
C GLN A 217 10.18 18.97 22.07
N GLY A 218 10.03 17.91 22.88
CA GLY A 218 9.84 18.07 24.30
C GLY A 218 8.47 17.63 24.80
N VAL A 219 7.64 17.07 23.95
CA VAL A 219 6.32 16.63 24.38
C VAL A 219 6.44 15.38 25.23
N ASP A 220 5.36 15.06 25.95
CA ASP A 220 5.30 13.88 26.80
C ASP A 220 4.40 12.79 26.26
N HIS A 221 3.29 13.14 25.64
CA HIS A 221 2.41 12.16 25.01
C HIS A 221 2.85 11.99 23.56
N PHE A 222 2.12 11.19 22.78
CA PHE A 222 2.42 11.03 21.37
C PHE A 222 1.50 11.86 20.48
N LYS A 223 0.28 12.13 20.92
CA LYS A 223 -0.64 12.95 20.16
C LYS A 223 -0.15 14.39 20.11
N ASN A 224 0.72 14.76 21.06
CA ASN A 224 1.22 16.12 21.11
C ASN A 224 2.28 16.41 20.06
N ILE A 225 2.70 15.40 19.31
CA ILE A 225 3.59 15.60 18.17
C ILE A 225 2.88 16.48 17.16
N GLN A 226 3.58 17.46 16.60
CA GLN A 226 3.02 18.33 15.58
C GLN A 226 3.47 17.87 14.21
N TYR A 227 2.51 17.60 13.33
CA TYR A 227 2.84 17.14 11.98
C TYR A 227 3.42 18.28 11.15
N THR A 228 2.81 19.46 11.22
CA THR A 228 3.23 20.61 10.42
C THR A 228 2.93 21.86 11.23
N LYS A 229 3.41 23.00 10.74
CA LYS A 229 3.11 24.28 11.39
C LYS A 229 1.65 24.61 11.17
N GLY A 230 0.81 24.33 12.17
CA GLY A 230 -0.62 24.58 12.11
C GLY A 230 -1.47 23.37 12.46
N ILE A 231 -0.97 22.16 12.19
CA ILE A 231 -1.72 20.94 12.45
C ILE A 231 -0.85 19.99 13.28
N THR A 232 -1.50 19.07 13.95
CA THR A 232 -0.84 18.14 14.85
C THR A 232 -1.05 16.69 14.37
N TYR A 233 -0.26 15.79 14.93
CA TYR A 233 -0.29 14.37 14.60
C TYR A 233 -1.42 13.62 15.28
N GLY A 234 -1.82 14.02 16.48
CA GLY A 234 -2.81 13.30 17.23
C GLY A 234 -4.25 13.64 16.89
N GLU A 235 -4.49 14.50 15.91
CA GLU A 235 -5.84 14.86 15.50
C GLU A 235 -6.21 14.36 14.11
N LEU A 236 -5.30 13.68 13.41
CA LEU A 236 -5.61 13.14 12.09
C LEU A 236 -5.11 11.71 11.89
N PHE A 237 -4.33 11.15 12.81
CA PHE A 237 -3.84 9.79 12.70
C PHE A 237 -4.28 8.96 13.89
N LEU A 238 -5.43 9.32 14.47
CA LEU A 238 -6.10 8.47 15.45
C LEU A 238 -7.34 7.79 14.88
N GLU A 239 -7.85 8.26 13.75
CA GLU A 239 -8.93 7.56 13.06
C GLU A 239 -8.49 6.18 12.62
N ASN A 240 -7.29 6.06 12.08
CA ASN A 240 -6.72 4.77 11.71
C ASN A 240 -6.05 4.09 12.90
N GLU A 241 -6.31 4.57 14.12
CA GLU A 241 -5.77 3.98 15.34
C GLU A 241 -6.86 3.34 16.19
N LYS A 242 -7.88 4.12 16.57
CA LYS A 242 -8.88 3.63 17.51
C LYS A 242 -9.72 2.50 16.91
N GLU A 243 -10.26 2.72 15.71
CA GLU A 243 -11.09 1.69 15.10
C GLU A 243 -10.27 0.47 14.72
N MET A 244 -9.02 0.67 14.31
CA MET A 244 -8.16 -0.48 14.00
C MET A 244 -7.87 -1.27 15.26
N SER A 245 -7.65 -0.59 16.39
CA SER A 245 -7.45 -1.31 17.65
C SER A 245 -8.70 -2.09 18.04
N ALA A 246 -9.87 -1.48 17.89
CA ALA A 246 -11.12 -2.18 18.21
C ALA A 246 -11.30 -3.40 17.31
N TYR A 247 -10.99 -3.27 16.03
CA TYR A 247 -11.10 -4.40 15.11
C TYR A 247 -10.12 -5.50 15.47
N TYR A 248 -8.88 -5.14 15.81
CA TYR A 248 -7.85 -6.12 16.13
C TYR A 248 -8.04 -6.74 17.51
N LEU A 249 -8.87 -6.16 18.38
CA LEU A 249 -9.01 -6.68 19.73
C LEU A 249 -10.20 -7.62 19.88
N GLU A 250 -11.41 -7.19 19.53
CA GLU A 250 -12.58 -8.00 19.85
C GLU A 250 -13.65 -8.05 18.76
N HIS A 251 -13.35 -7.64 17.53
CA HIS A 251 -14.31 -7.74 16.44
C HIS A 251 -13.75 -8.39 15.19
N ALA A 252 -12.53 -8.90 15.23
CA ALA A 252 -11.92 -9.54 14.08
C ALA A 252 -12.53 -10.93 13.93
N ASN A 253 -13.37 -11.12 12.92
CA ASN A 253 -14.05 -12.38 12.73
C ASN A 253 -13.04 -13.46 12.36
N VAL A 254 -12.88 -14.46 13.24
CA VAL A 254 -11.85 -15.48 13.06
C VAL A 254 -12.28 -16.59 12.13
N ASP A 255 -13.54 -16.59 11.67
CA ASP A 255 -13.98 -17.63 10.74
C ASP A 255 -13.23 -17.53 9.42
N ASN A 256 -13.02 -16.32 8.92
CA ASN A 256 -12.41 -16.12 7.62
C ASN A 256 -10.90 -16.16 7.63
N ILE A 257 -10.27 -15.81 8.76
CA ILE A 257 -8.80 -15.73 8.79
C ILE A 257 -8.18 -17.12 8.69
N GLN A 258 -8.73 -18.09 9.44
CA GLN A 258 -8.17 -19.43 9.45
C GLN A 258 -8.42 -20.19 8.15
N LYS A 259 -9.31 -19.69 7.28
CA LYS A 259 -9.48 -20.26 5.97
C LYS A 259 -8.85 -19.42 4.86
N HIS A 260 -8.47 -18.17 5.15
CA HIS A 260 -7.66 -17.41 4.20
C HIS A 260 -6.18 -17.75 4.34
N PHE A 261 -5.74 -18.15 5.54
CA PHE A 261 -4.32 -18.42 5.75
C PHE A 261 -3.85 -19.58 4.87
N ASP A 262 -4.55 -20.72 4.95
CA ASP A 262 -4.16 -21.88 4.15
C ASP A 262 -4.36 -21.63 2.66
N ASP A 263 -5.40 -20.88 2.31
CA ASP A 263 -5.62 -20.56 0.90
C ASP A 263 -4.46 -19.75 0.34
N PHE A 264 -4.01 -18.74 1.09
CA PHE A 264 -2.86 -17.95 0.66
C PHE A 264 -1.59 -18.80 0.61
N GLU A 265 -1.39 -19.69 1.57
CA GLU A 265 -0.22 -20.56 1.53
C GLU A 265 -0.22 -21.43 0.28
N GLU A 266 -1.35 -22.05 -0.02
CA GLU A 266 -1.44 -22.92 -1.19
C GLU A 266 -1.26 -22.12 -2.48
N GLU A 267 -1.86 -20.93 -2.56
CA GLU A 267 -1.70 -20.10 -3.75
C GLU A 267 -0.24 -19.69 -3.93
N ALA A 268 0.44 -19.35 -2.83
CA ALA A 268 1.85 -19.00 -2.94
C ALA A 268 2.68 -20.17 -3.42
N ARG A 269 2.40 -21.38 -2.90
CA ARG A 269 3.14 -22.55 -3.35
C ARG A 269 2.90 -22.82 -4.84
N SER A 270 1.64 -22.72 -5.28
CA SER A 270 1.33 -22.96 -6.68
C SER A 270 1.99 -21.94 -7.59
N LEU A 271 1.96 -20.66 -7.20
CA LEU A 271 2.63 -19.64 -7.99
C LEU A 271 4.14 -19.85 -8.03
N LEU A 272 4.74 -20.25 -6.91
CA LEU A 272 6.16 -20.49 -6.87
C LEU A 272 6.55 -21.67 -7.75
N SER A 273 5.68 -22.68 -7.86
CA SER A 273 5.97 -23.82 -8.72
C SER A 273 5.99 -23.46 -10.20
N LEU A 274 5.48 -22.28 -10.58
CA LEU A 274 5.43 -21.86 -11.97
C LEU A 274 6.53 -20.87 -12.34
N TRP A 275 7.53 -20.70 -11.48
CA TRP A 275 8.63 -19.76 -11.71
C TRP A 275 8.13 -18.33 -11.85
N LEU A 276 7.32 -17.92 -10.88
CA LEU A 276 6.82 -16.55 -10.79
C LEU A 276 7.17 -15.99 -9.41
N PRO A 277 8.33 -15.36 -9.25
CA PRO A 277 8.82 -15.03 -7.91
C PRO A 277 8.07 -13.90 -7.20
N ILE A 278 7.84 -12.79 -7.90
CA ILE A 278 7.35 -11.58 -7.25
C ILE A 278 5.95 -11.77 -6.68
N PRO A 279 4.95 -12.22 -7.44
CA PRO A 279 3.63 -12.47 -6.82
C PRO A 279 3.66 -13.55 -5.77
N ALA A 280 4.52 -14.57 -5.95
CA ALA A 280 4.62 -15.62 -4.96
C ALA A 280 5.08 -15.07 -3.62
N TYR A 281 6.07 -14.16 -3.63
CA TYR A 281 6.47 -13.55 -2.38
C TYR A 281 5.45 -12.52 -1.89
N ASP A 282 4.74 -11.87 -2.81
CA ASP A 282 3.73 -10.91 -2.40
C ASP A 282 2.63 -11.57 -1.59
N HIS A 283 2.21 -12.76 -2.03
CA HIS A 283 1.19 -13.49 -1.27
C HIS A 283 1.67 -13.89 0.11
N VAL A 284 2.98 -14.07 0.30
CA VAL A 284 3.50 -14.47 1.61
C VAL A 284 3.25 -13.38 2.65
N LEU A 285 3.32 -12.11 2.23
CA LEU A 285 3.10 -11.02 3.18
C LEU A 285 1.67 -11.02 3.72
N LYS A 286 0.69 -11.16 2.82
CA LYS A 286 -0.70 -11.21 3.27
C LYS A 286 -1.06 -12.56 3.90
N ALA A 287 -0.24 -13.59 3.71
CA ALA A 287 -0.38 -14.81 4.49
C ALA A 287 0.15 -14.64 5.91
N SER A 288 1.29 -13.96 6.07
CA SER A 288 1.88 -13.73 7.38
C SER A 288 1.15 -12.67 8.19
N HIS A 289 0.42 -11.77 7.53
CA HIS A 289 -0.41 -10.83 8.26
C HIS A 289 -1.59 -11.52 8.95
N ALA A 290 -2.16 -12.54 8.32
CA ALA A 290 -3.28 -13.26 8.92
C ALA A 290 -2.87 -13.96 10.20
N PHE A 291 -1.67 -14.53 10.23
CA PHE A 291 -1.19 -15.17 11.45
C PHE A 291 -1.06 -14.17 12.60
N ASN A 292 -0.54 -12.97 12.30
CA ASN A 292 -0.43 -11.96 13.34
C ASN A 292 -1.79 -11.51 13.83
N ILE A 293 -2.74 -11.33 12.91
CA ILE A 293 -4.07 -10.91 13.34
C ILE A 293 -4.76 -12.01 14.14
N LEU A 294 -4.46 -13.28 13.83
CA LEU A 294 -4.96 -14.38 14.65
C LEU A 294 -4.36 -14.35 16.04
N ASP A 295 -3.05 -14.07 16.13
CA ASP A 295 -2.40 -13.99 17.43
C ASP A 295 -2.98 -12.85 18.25
N SER A 296 -3.36 -11.74 17.59
CA SER A 296 -3.91 -10.60 18.31
C SER A 296 -5.21 -10.94 19.01
N ARG A 297 -6.11 -11.64 18.32
CA ARG A 297 -7.37 -12.02 18.94
C ARG A 297 -7.16 -12.97 20.10
N GLY A 298 -6.25 -13.93 19.95
CA GLY A 298 -5.98 -14.91 20.98
C GLY A 298 -6.57 -16.27 20.74
N PHE A 299 -6.70 -16.71 19.48
CA PHE A 299 -7.23 -18.03 19.17
C PHE A 299 -6.17 -18.98 18.64
N VAL A 300 -4.91 -18.72 18.94
CA VAL A 300 -3.81 -19.60 18.58
C VAL A 300 -3.25 -20.21 19.86
N GLY A 301 -3.20 -21.54 19.91
CA GLY A 301 -2.70 -22.23 21.07
C GLY A 301 -1.18 -22.23 21.10
N VAL A 302 -0.64 -22.88 22.13
CA VAL A 302 0.81 -22.95 22.30
C VAL A 302 1.45 -24.08 21.52
N THR A 303 0.65 -24.95 20.89
CA THR A 303 1.16 -26.04 20.09
C THR A 303 1.13 -25.76 18.59
N GLU A 304 0.19 -24.93 18.13
CA GLU A 304 0.13 -24.56 16.72
C GLU A 304 1.12 -23.48 16.35
N ARG A 305 1.72 -22.81 17.34
CA ARG A 305 2.70 -21.77 17.06
C ARG A 305 3.88 -22.34 16.28
N ALA A 306 4.39 -23.49 16.72
CA ALA A 306 5.51 -24.11 16.02
C ALA A 306 5.12 -24.51 14.60
N ARG A 307 3.92 -25.03 14.42
CA ARG A 307 3.48 -25.43 13.08
C ARG A 307 3.41 -24.22 12.15
N TYR A 308 2.83 -23.11 12.63
CA TYR A 308 2.72 -21.92 11.80
C TYR A 308 4.08 -21.35 11.45
N PHE A 309 4.97 -21.27 12.44
CA PHE A 309 6.31 -20.75 12.18
C PHE A 309 7.06 -21.63 11.18
N GLY A 310 6.95 -22.95 11.34
CA GLY A 310 7.61 -23.85 10.41
C GLY A 310 7.09 -23.74 9.00
N ARG A 311 5.77 -23.68 8.84
CA ARG A 311 5.20 -23.52 7.50
C ARG A 311 5.66 -22.22 6.87
N MET A 312 5.57 -21.11 7.61
CA MET A 312 5.95 -19.82 7.04
C MET A 312 7.43 -19.78 6.68
N ARG A 313 8.30 -20.30 7.55
CA ARG A 313 9.72 -20.25 7.26
C ARG A 313 10.09 -21.18 6.10
N SER A 314 9.42 -22.33 5.98
CA SER A 314 9.67 -23.19 4.82
C SER A 314 9.26 -22.51 3.53
N LEU A 315 8.09 -21.87 3.53
CA LEU A 315 7.67 -21.15 2.33
C LEU A 315 8.63 -20.04 1.98
N ALA A 316 9.07 -19.27 2.98
CA ALA A 316 10.01 -18.18 2.71
C ALA A 316 11.34 -18.71 2.20
N ARG A 317 11.83 -19.80 2.77
CA ARG A 317 13.10 -20.36 2.33
C ARG A 317 13.02 -20.84 0.89
N GLN A 318 11.94 -21.55 0.54
CA GLN A 318 11.83 -22.05 -0.83
C GLN A 318 11.46 -20.96 -1.82
N CYS A 319 10.96 -19.82 -1.36
CA CYS A 319 10.70 -18.70 -2.26
C CYS A 319 11.94 -17.83 -2.47
N ALA A 320 12.79 -17.70 -1.45
CA ALA A 320 13.96 -16.85 -1.57
C ALA A 320 14.94 -17.38 -2.59
N GLN A 321 15.21 -18.69 -2.57
CA GLN A 321 16.21 -19.26 -3.47
C GLN A 321 15.74 -19.33 -4.91
N LEU A 322 14.56 -18.82 -5.22
CA LEU A 322 14.11 -18.72 -6.60
C LEU A 322 14.47 -17.39 -7.24
N TRP A 323 14.53 -16.31 -6.47
CA TRP A 323 14.91 -15.01 -7.03
C TRP A 323 16.35 -15.02 -7.53
N VAL A 324 17.25 -15.66 -6.78
CA VAL A 324 18.64 -15.73 -7.22
C VAL A 324 18.76 -16.52 -8.51
N LYS A 325 18.03 -17.63 -8.63
CA LYS A 325 18.06 -18.41 -9.86
C LYS A 325 17.38 -17.66 -11.02
N THR A 326 16.40 -16.81 -10.71
CA THR A 326 15.73 -16.06 -11.77
C THR A 326 16.62 -14.95 -12.30
N ARG A 327 17.33 -14.25 -11.42
CA ARG A 327 18.13 -13.12 -11.84
C ARG A 327 19.43 -13.50 -12.55
N GLU A 328 19.96 -14.69 -12.30
CA GLU A 328 21.24 -15.05 -12.91
C GLU A 328 21.12 -15.24 -14.42
N ASN A 329 19.96 -15.67 -14.90
CA ASN A 329 19.77 -15.88 -16.33
C ASN A 329 19.68 -14.59 -17.12
N LEU A 330 19.49 -13.45 -16.44
CA LEU A 330 19.41 -12.16 -17.12
C LEU A 330 20.77 -11.50 -17.30
N GLY A 331 21.84 -12.09 -16.76
CA GLY A 331 23.17 -11.55 -16.92
C GLY A 331 23.56 -10.47 -15.94
N TYR A 332 22.78 -10.25 -14.87
CA TYR A 332 23.06 -9.24 -13.86
C TYR A 332 23.26 -7.87 -14.51
N PRO A 333 22.20 -7.25 -15.04
CA PRO A 333 22.39 -5.97 -15.75
C PRO A 333 22.94 -4.86 -14.87
N LEU A 334 22.62 -4.85 -13.57
CA LEU A 334 23.06 -3.75 -12.72
C LEU A 334 24.58 -3.73 -12.56
N GLY A 335 25.19 -4.89 -12.36
CA GLY A 335 26.62 -4.97 -12.19
C GLY A 335 27.02 -6.27 -11.53
N THR A 336 28.31 -6.35 -11.20
CA THR A 336 28.86 -7.52 -10.54
C THR A 336 29.97 -7.08 -9.59
N TYR A 337 30.06 -7.74 -8.44
CA TYR A 337 31.05 -7.42 -7.43
C TYR A 337 32.18 -8.44 -7.46
N GLN A 338 33.42 -7.95 -7.32
CA GLN A 338 34.60 -8.78 -7.32
C GLN A 338 35.51 -8.39 -6.16
N GLU A 339 36.31 -9.35 -5.70
CA GLU A 339 37.20 -9.18 -4.56
C GLU A 339 36.43 -8.69 -3.32
N VAL A 356 72.73 -2.00 10.79
CA VAL A 356 73.61 -1.57 11.87
C VAL A 356 72.89 -1.72 13.21
N VAL A 357 73.63 -2.06 14.25
CA VAL A 357 73.07 -2.27 15.57
C VAL A 357 72.78 -0.91 16.21
N GLY A 358 71.68 -0.84 16.94
CA GLY A 358 71.29 0.37 17.66
C GLY A 358 71.04 0.06 19.12
N GLN A 359 69.94 0.62 19.63
CA GLN A 359 69.54 0.38 21.01
C GLN A 359 68.09 -0.09 21.05
N PRO A 360 67.71 -0.88 22.05
CA PRO A 360 66.31 -1.35 22.14
C PRO A 360 65.37 -0.16 22.33
N ARG A 361 64.33 -0.11 21.51
CA ARG A 361 63.33 0.95 21.57
C ARG A 361 61.95 0.31 21.68
N ALA A 362 60.95 1.14 21.98
CA ALA A 362 59.62 0.67 22.29
C ALA A 362 58.94 0.10 21.04
N PHE A 363 57.91 -0.71 21.28
CA PHE A 363 57.13 -1.32 20.22
C PHE A 363 55.65 -1.25 20.59
N VAL A 364 54.85 -0.63 19.73
CA VAL A 364 53.45 -0.37 19.99
C VAL A 364 52.62 -1.03 18.90
N LEU A 365 51.59 -1.77 19.29
CA LEU A 365 50.68 -2.37 18.33
C LEU A 365 49.25 -2.02 18.72
N GLU A 366 48.53 -1.38 17.81
CA GLU A 366 47.14 -1.01 18.04
C GLU A 366 46.30 -1.47 16.86
N ILE A 367 45.15 -2.07 17.16
CA ILE A 367 44.23 -2.55 16.13
C ILE A 367 42.94 -1.77 16.31
N GLY A 368 42.84 -0.62 15.65
CA GLY A 368 41.68 0.21 15.82
C GLY A 368 40.49 -0.27 15.03
N THR A 369 39.50 -0.81 15.74
CA THR A 369 38.27 -1.33 15.18
C THR A 369 37.12 -0.40 15.56
N GLU A 370 35.89 -0.82 15.22
CA GLU A 370 34.71 -0.12 15.70
C GLU A 370 34.28 -0.69 17.04
N GLU A 371 33.11 -0.29 17.51
CA GLU A 371 32.67 -0.62 18.86
C GLU A 371 32.55 -2.13 19.05
N LEU A 372 33.09 -2.62 20.16
CA LEU A 372 33.07 -4.02 20.53
C LEU A 372 32.17 -4.24 21.74
N PRO A 373 31.63 -5.45 21.91
CA PRO A 373 30.80 -5.74 23.08
C PRO A 373 31.61 -5.67 24.35
N PRO A 374 30.98 -5.34 25.48
CA PRO A 374 31.73 -5.25 26.75
C PRO A 374 32.34 -6.56 27.22
N HIS A 375 31.89 -7.70 26.70
CA HIS A 375 32.42 -8.99 27.12
C HIS A 375 33.35 -9.61 26.07
N ASP A 376 33.88 -8.80 25.16
CA ASP A 376 34.88 -9.27 24.21
C ASP A 376 36.20 -8.53 24.29
N VAL A 377 36.21 -7.29 24.78
CA VAL A 377 37.47 -6.58 24.97
C VAL A 377 38.34 -7.32 25.97
N ILE A 378 37.74 -7.80 27.06
CA ILE A 378 38.49 -8.52 28.08
C ILE A 378 39.14 -9.76 27.50
N GLU A 379 38.39 -10.52 26.70
CA GLU A 379 38.95 -11.73 26.11
C GLU A 379 40.03 -11.41 25.08
N ALA A 380 39.80 -10.40 24.24
CA ALA A 380 40.74 -10.12 23.16
C ALA A 380 42.06 -9.56 23.69
N THR A 381 41.99 -8.65 24.67
CA THR A 381 43.22 -8.05 25.17
C THR A 381 44.11 -9.08 25.88
N LYS A 382 43.55 -10.21 26.31
CA LYS A 382 44.36 -11.27 26.88
C LYS A 382 44.83 -12.25 25.82
N GLN A 383 43.95 -12.64 24.89
CA GLN A 383 44.35 -13.55 23.83
C GLN A 383 45.47 -12.96 22.98
N LEU A 384 45.52 -11.63 22.87
CA LEU A 384 46.57 -11.01 22.08
C LEU A 384 47.90 -11.03 22.83
N GLU A 385 47.92 -10.52 24.06
CA GLU A 385 49.17 -10.36 24.79
C GLU A 385 49.77 -11.69 25.18
N LYS A 386 48.95 -12.64 25.63
CA LYS A 386 49.48 -13.94 26.04
C LYS A 386 50.13 -14.67 24.86
N SER A 387 49.53 -14.58 23.68
CA SER A 387 50.09 -15.21 22.50
C SER A 387 51.21 -14.39 21.86
N LEU A 388 51.34 -13.11 22.21
CA LEU A 388 52.45 -12.31 21.69
C LEU A 388 53.70 -12.44 22.54
N ILE A 389 53.57 -12.64 23.85
CA ILE A 389 54.76 -12.77 24.69
C ILE A 389 55.42 -14.12 24.46
N GLN A 390 54.86 -14.91 23.55
CA GLN A 390 55.40 -16.24 23.22
C GLN A 390 56.15 -16.27 21.90
N ILE A 391 55.68 -15.52 20.90
CA ILE A 391 56.30 -15.58 19.57
C ILE A 391 57.71 -15.01 19.62
N LEU A 392 57.90 -13.87 20.28
CA LEU A 392 59.25 -13.31 20.38
C LEU A 392 60.19 -14.21 21.17
N GLU A 393 59.66 -15.02 22.08
CA GLU A 393 60.50 -16.05 22.70
C GLU A 393 60.82 -17.17 21.71
N LYS A 394 59.87 -17.50 20.83
CA LYS A 394 60.15 -18.47 19.78
C LYS A 394 61.20 -17.95 18.81
N ARG A 395 61.16 -16.65 18.50
CA ARG A 395 62.14 -16.02 17.62
C ARG A 395 63.31 -15.42 18.39
N ARG A 396 63.56 -15.91 19.62
CA ARG A 396 64.72 -15.54 20.44
C ARG A 396 64.93 -14.03 20.50
N LEU A 397 63.83 -13.30 20.69
CA LEU A 397 63.92 -11.86 20.91
C LEU A 397 63.93 -11.56 22.41
N SER A 398 64.46 -10.39 22.75
CA SER A 398 64.61 -9.96 24.14
C SER A 398 63.73 -8.74 24.37
N HIS A 399 62.70 -8.90 25.18
CA HIS A 399 61.77 -7.82 25.49
C HIS A 399 61.96 -7.35 26.92
N GLY A 400 61.14 -6.40 27.35
CA GLY A 400 61.16 -5.92 28.72
C GLY A 400 59.84 -6.10 29.42
N LYS A 401 59.21 -5.01 29.81
CA LYS A 401 57.91 -5.04 30.47
C LYS A 401 56.80 -4.93 29.44
N VAL A 402 55.99 -5.98 29.32
CA VAL A 402 54.92 -6.06 28.33
C VAL A 402 53.59 -5.79 29.00
N ARG A 403 52.80 -4.87 28.44
CA ARG A 403 51.51 -4.58 29.02
C ARG A 403 50.49 -4.26 27.94
N SER A 404 49.25 -4.69 28.15
CA SER A 404 48.18 -4.54 27.18
C SER A 404 47.07 -3.65 27.74
N TYR A 405 46.46 -2.88 26.85
CA TYR A 405 45.37 -1.97 27.18
C TYR A 405 44.20 -2.23 26.24
N GLY A 406 42.99 -2.01 26.74
CA GLY A 406 41.80 -2.22 25.95
C GLY A 406 40.86 -1.04 26.04
N THR A 407 40.12 -0.80 24.95
CA THR A 407 39.13 0.25 24.87
C THR A 407 38.12 -0.17 23.82
N PRO A 408 36.86 0.26 23.90
CA PRO A 408 35.86 -0.22 22.94
C PRO A 408 36.20 0.03 21.48
N ARG A 409 37.27 0.77 21.19
CA ARG A 409 37.68 1.04 19.83
C ARG A 409 39.11 0.63 19.51
N ARG A 410 39.84 0.04 20.46
CA ARG A 410 41.22 -0.35 20.17
C ARG A 410 41.69 -1.38 21.19
N LEU A 411 42.66 -2.19 20.76
CA LEU A 411 43.27 -3.23 21.59
C LEU A 411 44.79 -3.06 21.48
N ALA A 412 45.36 -2.22 22.35
CA ALA A 412 46.76 -1.88 22.22
C ALA A 412 47.62 -2.79 23.08
N VAL A 413 48.85 -3.02 22.62
CA VAL A 413 49.86 -3.76 23.37
C VAL A 413 51.18 -3.02 23.24
N VAL A 414 51.83 -2.76 24.36
CA VAL A 414 53.09 -2.02 24.39
C VAL A 414 54.15 -2.96 24.97
N VAL A 415 55.22 -3.16 24.21
CA VAL A 415 56.37 -3.96 24.63
C VAL A 415 57.57 -3.03 24.64
N GLU A 416 58.26 -2.97 25.77
CA GLU A 416 59.32 -1.99 25.98
C GLU A 416 60.68 -2.67 25.93
N ASN A 417 61.67 -1.94 25.41
CA ASN A 417 63.05 -2.40 25.28
C ASN A 417 63.12 -3.68 24.44
N LEU A 418 62.76 -3.53 23.17
CA LEU A 418 62.86 -4.60 22.19
C LEU A 418 64.09 -4.33 21.31
N ASN A 419 65.00 -5.29 21.27
CA ASN A 419 66.28 -5.09 20.58
C ASN A 419 66.08 -5.07 19.06
N MET A 420 67.10 -4.54 18.37
CA MET A 420 67.11 -4.46 16.93
C MET A 420 67.75 -5.65 16.24
N LYS A 421 68.24 -6.63 17.00
CA LYS A 421 68.93 -7.78 16.43
C LYS A 421 68.52 -9.04 17.18
N GLN A 422 68.81 -10.18 16.57
CA GLN A 422 68.61 -11.47 17.22
C GLN A 422 69.91 -11.96 17.82
N MET A 423 69.80 -12.94 18.71
CA MET A 423 70.97 -13.50 19.39
C MET A 423 71.65 -14.50 18.45
N GLU A 424 72.73 -14.06 17.82
CA GLU A 424 73.50 -14.91 16.92
C GLU A 424 74.33 -15.88 17.76
N GLU A 425 73.83 -17.10 17.93
CA GLU A 425 74.50 -18.13 18.70
C GLU A 425 74.48 -19.44 17.93
N GLU A 426 75.40 -20.33 18.30
CA GLU A 426 75.54 -21.62 17.64
C GLU A 426 74.77 -22.67 18.42
N ILE A 427 74.18 -23.63 17.70
CA ILE A 427 73.40 -24.70 18.29
C ILE A 427 73.93 -26.04 17.80
N GLU A 428 73.90 -27.04 18.68
CA GLU A 428 74.33 -28.39 18.36
C GLU A 428 73.11 -29.19 17.92
N LEU A 429 73.17 -29.73 16.71
CA LEU A 429 72.06 -30.49 16.14
C LEU A 429 72.11 -31.91 16.69
N ARG A 430 71.23 -32.78 16.17
CA ARG A 430 71.18 -34.19 16.57
C ARG A 430 70.95 -35.02 15.31
N GLY A 431 72.03 -35.58 14.78
CA GLY A 431 71.97 -36.33 13.55
C GLY A 431 71.60 -37.79 13.77
N PRO A 432 71.96 -38.64 12.81
CA PRO A 432 71.62 -40.06 12.91
C PRO A 432 72.48 -40.74 13.97
N PRO A 433 72.12 -41.97 14.35
CA PRO A 433 72.99 -42.73 15.27
C PRO A 433 74.37 -42.95 14.67
N VAL A 434 75.38 -42.95 15.54
CA VAL A 434 76.77 -43.04 15.08
C VAL A 434 77.03 -44.37 14.38
N ALA A 435 76.42 -45.46 14.86
CA ALA A 435 76.63 -46.76 14.24
C ALA A 435 76.11 -46.78 12.81
N LYS A 436 74.93 -46.19 12.58
CA LYS A 436 74.35 -46.20 11.25
C LYS A 436 75.15 -45.34 10.28
N ALA A 437 75.55 -44.14 10.70
CA ALA A 437 76.19 -43.19 9.80
C ALA A 437 77.66 -43.47 9.55
N PHE A 438 78.31 -44.27 10.40
CA PHE A 438 79.73 -44.56 10.25
C PHE A 438 79.92 -46.07 10.28
N ASP A 439 80.58 -46.60 9.26
CA ASP A 439 80.83 -48.03 9.17
C ASP A 439 82.07 -48.40 9.98
N GLN A 440 82.32 -49.72 10.06
CA GLN A 440 83.48 -50.20 10.79
C GLN A 440 84.78 -49.73 10.15
N GLU A 441 84.84 -49.76 8.82
CA GLU A 441 86.03 -49.33 8.09
C GLU A 441 85.59 -48.59 6.84
N GLY A 442 86.50 -47.76 6.32
CA GLY A 442 86.24 -47.01 5.12
C GLY A 442 85.60 -45.66 5.39
N ARG A 443 85.13 -45.05 4.30
CA ARG A 443 84.52 -43.74 4.37
C ARG A 443 83.17 -43.81 5.08
N PRO A 444 82.73 -42.71 5.68
CA PRO A 444 81.41 -42.69 6.31
C PRO A 444 80.31 -42.95 5.30
N THR A 445 79.21 -43.53 5.77
CA THR A 445 78.13 -43.97 4.91
C THR A 445 77.38 -42.76 4.33
N LYS A 446 76.33 -43.06 3.56
CA LYS A 446 75.60 -42.02 2.85
C LYS A 446 74.91 -41.05 3.80
N ALA A 447 74.56 -41.51 5.01
CA ALA A 447 73.88 -40.64 5.95
C ALA A 447 74.76 -39.46 6.37
N ALA A 448 76.05 -39.71 6.60
CA ALA A 448 76.95 -38.64 7.02
C ALA A 448 77.08 -37.58 5.94
N GLU A 449 77.30 -37.99 4.69
CA GLU A 449 77.39 -37.04 3.60
C GLU A 449 76.07 -36.30 3.39
N GLY A 450 74.95 -37.00 3.52
CA GLY A 450 73.66 -36.34 3.41
C GLY A 450 73.48 -35.27 4.47
N PHE A 451 73.88 -35.58 5.70
CA PHE A 451 73.83 -34.59 6.77
C PHE A 451 74.74 -33.40 6.47
N CYS A 452 75.95 -33.68 5.99
CA CYS A 452 76.90 -32.60 5.70
C CYS A 452 76.38 -31.68 4.61
N ARG A 453 75.82 -32.25 3.54
CA ARG A 453 75.27 -31.46 2.45
C ARG A 453 73.95 -30.80 2.82
N LYS A 454 73.23 -31.33 3.81
CA LYS A 454 72.01 -30.68 4.28
C LYS A 454 72.33 -29.45 5.12
N ASN A 455 73.35 -29.54 5.99
CA ASN A 455 73.67 -28.43 6.88
C ASN A 455 74.92 -27.66 6.43
N ASN A 456 75.51 -28.04 5.30
CA ASN A 456 76.66 -27.33 4.73
C ASN A 456 77.79 -27.18 5.75
N VAL A 457 78.21 -28.31 6.30
CA VAL A 457 79.27 -28.33 7.30
C VAL A 457 80.34 -29.34 6.90
N PRO A 458 81.60 -29.11 7.24
CA PRO A 458 82.65 -30.08 6.91
C PRO A 458 82.48 -31.38 7.69
N ILE A 459 83.03 -32.45 7.11
CA ILE A 459 82.97 -33.76 7.75
C ILE A 459 83.76 -33.79 9.05
N ASP A 460 84.86 -33.06 9.14
CA ASP A 460 85.67 -33.04 10.35
C ASP A 460 84.93 -32.42 11.53
N SER A 461 83.89 -31.64 11.28
CA SER A 461 83.15 -30.97 12.35
C SER A 461 82.36 -31.96 13.20
N LEU A 462 82.18 -33.19 12.75
CA LEU A 462 81.42 -34.16 13.51
C LEU A 462 82.20 -34.63 14.74
N TYR A 463 81.52 -34.72 15.88
CA TYR A 463 82.11 -35.23 17.10
C TYR A 463 81.12 -36.14 17.80
N ARG A 464 81.64 -37.04 18.64
CA ARG A 464 80.84 -38.07 19.28
C ARG A 464 80.61 -37.73 20.75
N ARG A 465 79.35 -37.77 21.18
CA ARG A 465 78.98 -37.56 22.57
C ARG A 465 78.18 -38.75 23.06
N THR A 466 78.45 -39.18 24.29
CA THR A 466 77.92 -40.45 24.81
C THR A 466 76.55 -40.20 25.44
N ASP A 467 75.52 -40.81 24.85
CA ASP A 467 74.17 -40.79 25.39
C ASP A 467 73.40 -41.98 24.85
N GLY A 468 72.53 -42.55 25.68
CA GLY A 468 71.69 -43.66 25.25
C GLY A 468 72.51 -44.90 24.91
N LYS A 469 71.96 -45.71 24.00
CA LYS A 469 72.64 -46.93 23.58
C LYS A 469 73.70 -46.62 22.52
N THR A 470 73.27 -46.13 21.35
CA THR A 470 74.20 -45.53 20.41
C THR A 470 74.46 -44.10 20.85
N GLU A 471 75.74 -43.73 20.96
CA GLU A 471 76.06 -42.52 21.70
C GLU A 471 75.43 -41.27 21.07
N TYR A 472 75.96 -40.84 19.93
CA TYR A 472 75.30 -39.87 19.04
C TYR A 472 76.22 -39.49 17.88
N ILE A 473 75.70 -38.68 16.96
CA ILE A 473 76.53 -37.87 16.08
C ILE A 473 76.05 -36.43 16.23
N TYR A 474 77.00 -35.51 16.39
CA TYR A 474 76.69 -34.12 16.71
C TYR A 474 77.44 -33.18 15.80
N ALA A 475 76.84 -32.03 15.54
CA ALA A 475 77.44 -30.99 14.73
C ALA A 475 76.98 -29.62 15.23
N ARG A 476 77.81 -28.62 14.96
CA ARG A 476 77.56 -27.24 15.37
C ARG A 476 77.13 -26.43 14.15
N VAL A 477 76.04 -25.67 14.29
CA VAL A 477 75.52 -24.86 13.20
C VAL A 477 75.14 -23.49 13.72
N LYS A 478 75.05 -22.53 12.78
CA LYS A 478 74.69 -21.15 13.12
C LYS A 478 73.17 -21.00 13.22
N GLU A 479 72.73 -19.77 13.43
CA GLU A 479 71.32 -19.49 13.65
C GLU A 479 70.73 -18.44 12.72
N SER A 480 71.55 -17.78 11.90
CA SER A 480 71.08 -16.83 10.88
C SER A 480 70.31 -15.68 11.51
N ALA A 481 71.06 -14.82 12.21
CA ALA A 481 70.47 -13.67 12.87
C ALA A 481 69.96 -12.66 11.85
N ARG A 482 68.68 -12.31 11.94
CA ARG A 482 68.08 -11.34 11.04
C ARG A 482 68.13 -9.95 11.69
N PHE A 483 67.38 -9.00 11.14
CA PHE A 483 67.43 -7.61 11.56
C PHE A 483 66.31 -7.23 12.52
N ALA A 484 65.56 -8.21 13.05
CA ALA A 484 64.52 -8.04 14.05
C ALA A 484 63.36 -7.18 13.58
N ASP A 485 63.25 -6.92 12.28
CA ASP A 485 62.11 -6.21 11.71
C ASP A 485 61.39 -7.03 10.65
N GLU A 486 62.14 -7.73 9.79
CA GLU A 486 61.52 -8.65 8.85
C GLU A 486 60.81 -9.78 9.57
N VAL A 487 61.31 -10.19 10.73
CA VAL A 487 60.65 -11.23 11.51
C VAL A 487 59.25 -10.77 11.92
N LEU A 488 59.15 -9.56 12.48
CA LEU A 488 57.85 -9.03 12.86
C LEU A 488 56.97 -8.83 11.63
N THR A 489 57.55 -8.37 10.52
CA THR A 489 56.79 -8.17 9.29
C THR A 489 56.14 -9.47 8.83
N GLU A 490 56.89 -10.57 8.86
CA GLU A 490 56.35 -11.85 8.42
C GLU A 490 55.51 -12.54 9.48
N ASP A 491 55.59 -12.13 10.74
CA ASP A 491 54.88 -12.83 11.79
C ASP A 491 53.56 -12.17 12.22
N LEU A 492 53.49 -10.84 12.18
CA LEU A 492 52.29 -10.16 12.68
C LEU A 492 50.99 -10.60 12.02
N PRO A 493 50.90 -10.85 10.71
CA PRO A 493 49.63 -11.30 10.13
C PRO A 493 49.08 -12.57 10.74
N THR A 494 49.90 -13.35 11.44
CA THR A 494 49.41 -14.53 12.16
C THR A 494 48.98 -14.21 13.58
N ILE A 495 49.76 -13.39 14.30
CA ILE A 495 49.39 -13.07 15.67
C ILE A 495 48.10 -12.25 15.70
N ILE A 496 47.88 -11.39 14.70
CA ILE A 496 46.63 -10.63 14.67
C ILE A 496 45.46 -11.54 14.35
N SER A 497 45.63 -12.45 13.39
CA SER A 497 44.55 -13.32 12.96
C SER A 497 44.31 -14.51 13.90
N GLY A 498 45.17 -14.70 14.89
CA GLY A 498 44.98 -15.80 15.82
C GLY A 498 43.91 -15.60 16.85
N ILE A 499 43.31 -14.41 16.92
CA ILE A 499 42.27 -14.13 17.91
C ILE A 499 40.97 -14.77 17.46
N SER A 500 40.21 -15.30 18.41
CA SER A 500 38.92 -15.94 18.13
C SER A 500 37.86 -15.39 19.06
N PHE A 501 36.63 -15.33 18.56
CA PHE A 501 35.50 -14.78 19.30
C PHE A 501 34.32 -15.75 19.23
N PRO A 502 33.40 -15.68 20.19
CA PRO A 502 32.18 -16.50 20.09
C PRO A 502 31.35 -16.20 18.86
N LYS A 503 31.31 -14.95 18.42
CA LYS A 503 30.58 -14.55 17.23
C LYS A 503 31.46 -13.65 16.37
N SER A 504 31.19 -13.65 15.07
CA SER A 504 32.05 -12.96 14.13
C SER A 504 31.26 -12.60 12.88
N MET A 505 31.90 -11.88 11.97
CA MET A 505 31.24 -11.38 10.77
C MET A 505 32.31 -11.05 9.73
N ARG A 506 31.87 -10.52 8.59
CA ARG A 506 32.75 -10.09 7.52
C ARG A 506 32.27 -8.73 7.01
N TRP A 507 33.20 -7.95 6.48
CA TRP A 507 32.77 -6.66 5.95
C TRP A 507 33.13 -6.46 4.48
N ASN A 508 34.33 -6.85 4.05
CA ASN A 508 34.67 -6.78 2.64
C ASN A 508 35.52 -7.94 2.15
N SER A 509 35.74 -8.96 2.98
CA SER A 509 36.57 -10.10 2.60
C SER A 509 36.05 -11.33 3.34
N ASN A 510 36.85 -12.40 3.33
CA ASN A 510 36.52 -13.63 4.03
C ASN A 510 37.28 -13.76 5.35
N ILE A 511 37.50 -12.64 6.04
CA ILE A 511 38.25 -12.61 7.29
C ILE A 511 37.27 -12.54 8.45
N VAL A 512 37.49 -13.38 9.45
CA VAL A 512 36.59 -13.52 10.59
C VAL A 512 37.10 -12.64 11.72
N PHE A 513 36.24 -11.77 12.23
CA PHE A 513 36.57 -10.92 13.37
C PHE A 513 35.26 -10.46 14.00
N SER A 514 35.36 -10.01 15.25
CA SER A 514 34.16 -9.62 16.00
C SER A 514 33.49 -8.39 15.37
N ARG A 515 34.28 -7.40 15.00
CA ARG A 515 33.78 -6.17 14.40
C ARG A 515 34.76 -5.70 13.34
N PRO A 516 34.32 -4.86 12.41
CA PRO A 516 35.22 -4.41 11.35
C PRO A 516 36.44 -3.69 11.90
N ILE A 517 37.57 -3.90 11.23
CA ILE A 517 38.83 -3.24 11.56
C ILE A 517 39.02 -2.05 10.65
N ARG A 518 39.32 -0.88 11.22
CA ARG A 518 39.42 0.33 10.43
C ARG A 518 40.83 0.89 10.30
N TRP A 519 41.73 0.61 11.25
CA TRP A 519 43.12 1.02 11.06
C TRP A 519 44.02 0.15 11.92
N ILE A 520 45.30 0.13 11.55
CA ILE A 520 46.31 -0.62 12.28
C ILE A 520 47.51 0.31 12.47
N PHE A 521 47.96 0.44 13.72
CA PHE A 521 49.08 1.31 14.07
C PHE A 521 50.14 0.43 14.72
N ALA A 522 51.12 -0.01 13.93
CA ALA A 522 52.20 -0.87 14.40
C ALA A 522 53.51 -0.10 14.22
N LEU A 523 54.14 0.27 15.31
CA LEU A 523 55.33 1.11 15.27
C LEU A 523 56.43 0.51 16.12
N HIS A 524 57.67 0.68 15.67
CA HIS A 524 58.85 0.17 16.38
C HIS A 524 59.91 1.25 16.34
N GLY A 525 60.19 1.87 17.48
CA GLY A 525 61.18 2.92 17.54
C GLY A 525 60.80 4.14 16.72
N ASP A 526 61.48 4.33 15.59
CA ASP A 526 61.17 5.42 14.68
C ASP A 526 60.62 4.96 13.34
N LEU A 527 61.05 3.79 12.87
CA LEU A 527 60.59 3.27 11.59
C LEU A 527 59.31 2.46 11.78
N ILE A 528 58.56 2.32 10.70
CA ILE A 528 57.26 1.66 10.70
C ILE A 528 57.44 0.23 10.22
N VAL A 529 56.67 -0.69 10.80
CA VAL A 529 56.70 -2.09 10.39
C VAL A 529 55.69 -2.28 9.27
N PRO A 530 56.13 -2.54 8.03
CA PRO A 530 55.19 -2.62 6.90
C PRO A 530 54.53 -3.99 6.83
N PHE A 531 53.22 -4.02 7.03
CA PHE A 531 52.44 -5.24 6.82
C PHE A 531 50.98 -4.84 6.65
N CYS A 532 50.29 -5.51 5.74
CA CYS A 532 48.91 -5.20 5.40
C CYS A 532 47.99 -6.33 5.83
N PHE A 533 46.97 -6.00 6.60
CA PHE A 533 45.98 -6.96 7.06
C PHE A 533 44.59 -6.47 6.72
N ALA A 534 43.77 -7.35 6.13
CA ALA A 534 42.39 -7.03 5.76
C ALA A 534 42.33 -5.79 4.87
N GLY A 535 43.27 -5.69 3.93
CA GLY A 535 43.28 -4.57 3.01
C GLY A 535 43.62 -3.24 3.62
N ILE A 536 44.27 -3.23 4.79
CA ILE A 536 44.65 -2.00 5.48
C ILE A 536 46.16 -2.03 5.68
N SER A 537 46.84 -0.96 5.30
CA SER A 537 48.28 -0.86 5.45
C SER A 537 48.60 -0.14 6.76
N SER A 538 49.45 -0.77 7.57
CA SER A 538 49.82 -0.18 8.86
C SER A 538 50.64 1.09 8.65
N GLY A 539 50.33 2.12 9.43
CA GLY A 539 51.00 3.39 9.31
C GLY A 539 51.28 4.03 10.64
N ASN A 540 51.27 5.36 10.70
CA ASN A 540 51.56 6.10 11.93
C ASN A 540 50.50 7.18 12.17
N GLN A 541 49.23 6.80 12.06
CA GLN A 541 48.13 7.71 12.37
C GLN A 541 47.12 6.99 13.24
N SER A 542 46.51 7.74 14.14
CA SER A 542 45.50 7.19 15.05
C SER A 542 44.44 8.25 15.31
N CYS A 543 43.19 7.81 15.40
CA CYS A 543 42.06 8.72 15.57
C CYS A 543 41.57 8.70 17.01
N GLY A 544 41.24 9.89 17.53
CA GLY A 544 40.77 10.01 18.90
C GLY A 544 39.27 10.11 19.01
N LEU A 545 38.78 11.03 19.83
CA LEU A 545 37.34 11.21 19.98
C LEU A 545 36.74 11.76 18.71
N ARG A 546 35.59 11.21 18.32
CA ARG A 546 34.94 11.66 17.09
C ARG A 546 34.41 13.07 17.26
N ASN A 547 34.46 13.85 16.16
CA ASN A 547 33.99 15.22 16.09
C ASN A 547 34.83 16.15 16.95
N SER A 548 35.86 15.62 17.62
CA SER A 548 36.75 16.44 18.42
C SER A 548 37.79 17.11 17.53
N SER A 549 38.58 18.00 18.15
CA SER A 549 39.63 18.69 17.40
C SER A 549 40.70 17.71 16.90
N LEU A 550 41.03 16.71 17.69
CA LEU A 550 42.00 15.69 17.28
C LEU A 550 41.26 14.54 16.60
N ALA A 551 40.74 14.84 15.41
CA ALA A 551 40.04 13.82 14.63
C ALA A 551 40.98 12.69 14.26
N ASN A 552 42.21 13.02 13.85
CA ASN A 552 43.23 12.02 13.59
C ASN A 552 44.58 12.68 13.74
N PHE A 553 45.45 12.06 14.54
CA PHE A 553 46.76 12.61 14.86
C PHE A 553 47.85 11.66 14.39
N LYS A 554 49.05 12.22 14.27
CA LYS A 554 50.22 11.49 13.78
C LYS A 554 51.22 11.35 14.92
N VAL A 555 51.62 10.12 15.21
CA VAL A 555 52.57 9.82 16.28
C VAL A 555 53.96 9.73 15.67
N GLU A 556 54.86 10.60 16.11
CA GLU A 556 56.18 10.65 15.50
C GLU A 556 57.08 9.52 15.95
N ALA A 557 56.94 9.05 17.18
CA ALA A 557 57.78 7.97 17.69
C ALA A 557 56.96 7.12 18.64
N ALA A 558 57.23 5.81 18.65
CA ALA A 558 56.46 4.89 19.47
C ALA A 558 56.69 5.10 20.96
N GLU A 559 57.79 5.74 21.35
CA GLU A 559 58.01 6.05 22.76
C GLU A 559 56.96 7.04 23.27
N LEU A 560 56.64 8.04 22.46
CA LEU A 560 55.70 9.09 22.85
C LEU A 560 54.31 8.76 22.33
N TYR A 561 53.74 7.68 22.87
CA TYR A 561 52.42 7.21 22.48
C TYR A 561 51.40 7.33 23.60
N LEU A 562 51.66 6.71 24.76
CA LEU A 562 50.71 6.78 25.86
C LEU A 562 50.53 8.20 26.36
N HIS A 563 51.56 9.04 26.21
CA HIS A 563 51.41 10.45 26.56
C HIS A 563 50.51 11.19 25.58
N THR A 564 50.46 10.77 24.33
CA THR A 564 49.64 11.46 23.34
C THR A 564 48.15 11.21 23.58
N LEU A 565 47.80 9.95 23.89
CA LEU A 565 46.40 9.60 24.06
C LEU A 565 45.77 10.36 25.23
N GLU A 566 46.48 10.44 26.36
CA GLU A 566 45.96 11.22 27.47
C GLU A 566 45.95 12.71 27.16
N LYS A 567 46.68 13.15 26.13
CA LYS A 567 46.54 14.50 25.64
C LYS A 567 45.25 14.68 24.84
N ALA A 568 44.75 13.62 24.25
CA ALA A 568 43.47 13.64 23.54
C ALA A 568 42.30 13.30 24.45
N GLY A 569 42.54 13.09 25.74
CA GLY A 569 41.48 12.86 26.69
C GLY A 569 41.07 11.41 26.87
N ILE A 570 41.66 10.49 26.13
CA ILE A 570 41.29 9.08 26.23
C ILE A 570 42.02 8.45 27.41
N LEU A 571 41.26 7.86 28.33
CA LEU A 571 41.83 7.10 29.44
C LEU A 571 41.93 5.65 28.98
N ILE A 572 43.06 5.32 28.35
CA ILE A 572 43.18 4.03 27.68
C ILE A 572 43.23 2.88 28.68
N ASP A 573 43.83 3.09 29.85
CA ASP A 573 44.00 1.99 30.80
C ASP A 573 42.65 1.46 31.26
N MET A 574 42.55 0.14 31.38
CA MET A 574 41.28 -0.47 31.73
C MET A 574 40.91 -0.22 33.19
N GLN A 575 41.86 -0.40 34.10
CA GLN A 575 41.59 -0.24 35.52
C GLN A 575 41.62 1.22 35.96
N GLU A 576 42.21 2.12 35.17
CA GLU A 576 42.25 3.52 35.57
C GLU A 576 40.88 4.16 35.51
N ARG A 577 40.04 3.73 34.56
CA ARG A 577 38.72 4.33 34.44
C ARG A 577 37.83 4.04 35.65
N LYS A 578 38.04 2.88 36.30
CA LYS A 578 37.25 2.56 37.48
C LYS A 578 37.52 3.56 38.61
N GLN A 579 38.78 3.94 38.80
CA GLN A 579 39.15 4.86 39.86
C GLN A 579 38.80 6.31 39.56
N ARG A 580 38.34 6.61 38.35
CA ARG A 580 37.77 7.92 38.06
C ARG A 580 36.26 7.90 37.96
N ILE A 581 35.65 6.74 37.76
CA ILE A 581 34.21 6.63 37.85
C ILE A 581 33.76 6.62 39.30
N LEU A 582 34.34 5.71 40.10
CA LEU A 582 33.91 5.56 41.49
C LEU A 582 34.47 6.63 42.41
N HIS A 583 35.42 7.44 41.95
CA HIS A 583 35.88 8.57 42.74
C HIS A 583 35.01 9.81 42.57
N ASP A 584 34.31 9.94 41.44
CA ASP A 584 33.39 11.04 41.22
C ASP A 584 31.95 10.68 41.55
N SER A 585 31.55 9.41 41.37
CA SER A 585 30.19 9.03 41.71
C SER A 585 29.92 9.16 43.20
N SER A 586 30.91 8.83 44.03
CA SER A 586 30.75 9.01 45.47
C SER A 586 30.76 10.49 45.85
N ILE A 587 31.60 11.28 45.20
CA ILE A 587 31.66 12.72 45.50
C ILE A 587 30.33 13.38 45.17
N LEU A 588 29.74 13.04 44.03
CA LEU A 588 28.44 13.58 43.66
C LEU A 588 27.33 13.17 44.61
N ALA A 589 27.52 12.09 45.37
CA ALA A 589 26.45 11.62 46.24
C ALA A 589 26.28 12.53 47.46
N GLU A 590 27.38 13.02 48.03
CA GLU A 590 27.30 13.80 49.26
C GLU A 590 26.57 15.11 49.09
N GLY A 591 26.34 15.57 47.86
CA GLY A 591 25.55 16.77 47.66
C GLY A 591 24.14 16.64 48.22
N VAL A 592 23.56 15.44 48.09
CA VAL A 592 22.25 15.15 48.67
C VAL A 592 22.36 14.31 49.93
N GLY A 593 23.56 13.96 50.36
CA GLY A 593 23.73 13.17 51.56
C GLY A 593 23.35 11.72 51.39
N GLY A 594 24.05 11.01 50.51
CA GLY A 594 23.76 9.62 50.27
C GLY A 594 24.94 8.83 49.74
N ASP A 595 24.66 7.67 49.15
CA ASP A 595 25.69 6.79 48.64
C ASP A 595 25.15 6.07 47.41
N ILE A 596 26.05 5.54 46.60
CA ILE A 596 25.68 4.85 45.38
C ILE A 596 25.67 3.36 45.62
N ILE A 597 25.01 2.64 44.72
CA ILE A 597 24.99 1.17 44.71
C ILE A 597 25.79 0.72 43.51
N ALA A 598 26.82 -0.09 43.74
CA ALA A 598 27.77 -0.49 42.71
C ALA A 598 27.91 -2.01 42.68
N PRO A 599 26.95 -2.70 42.06
CA PRO A 599 27.16 -4.12 41.78
C PRO A 599 28.33 -4.31 40.83
N ASP A 600 29.09 -5.39 41.04
CA ASP A 600 30.26 -5.64 40.20
C ASP A 600 29.85 -5.88 38.75
N SER A 601 28.79 -6.65 38.53
CA SER A 601 28.35 -6.97 37.18
C SER A 601 27.81 -5.75 36.44
N LEU A 602 27.53 -4.65 37.14
CA LEU A 602 27.12 -3.41 36.50
C LEU A 602 28.30 -2.51 36.17
N VAL A 603 29.21 -2.31 37.13
CA VAL A 603 30.36 -1.46 36.89
C VAL A 603 31.28 -2.09 35.85
N GLN A 604 31.43 -3.42 35.86
CA GLN A 604 32.30 -4.07 34.90
C GLN A 604 31.85 -3.82 33.47
N GLU A 605 30.55 -3.66 33.23
CA GLU A 605 30.05 -3.36 31.90
C GLU A 605 29.95 -1.87 31.62
N VAL A 606 29.73 -1.05 32.64
CA VAL A 606 29.71 0.39 32.43
C VAL A 606 31.10 0.90 32.06
N ILE A 607 32.15 0.28 32.62
CA ILE A 607 33.51 0.72 32.31
C ILE A 607 33.82 0.58 30.83
N ASN A 608 33.46 -0.55 30.24
CA ASN A 608 33.82 -0.84 28.85
C ASN A 608 32.83 -0.27 27.84
N LEU A 609 32.06 0.74 28.21
CA LEU A 609 31.18 1.42 27.27
C LEU A 609 31.54 2.89 27.08
N VAL A 610 32.54 3.39 27.79
CA VAL A 610 32.87 4.81 27.78
C VAL A 610 34.35 4.97 27.49
N GLU A 611 34.69 5.91 26.61
CA GLU A 611 36.08 6.23 26.31
C GLU A 611 36.66 7.25 27.29
N ALA A 612 35.86 8.23 27.71
CA ALA A 612 36.29 9.23 28.69
C ALA A 612 35.11 9.53 29.61
N PRO A 613 35.04 8.88 30.77
CA PRO A 613 33.84 8.97 31.61
C PRO A 613 33.64 10.35 32.20
N MET A 614 32.36 10.67 32.45
CA MET A 614 31.92 11.92 33.06
C MET A 614 30.58 11.70 33.74
N PRO A 615 30.53 11.66 35.08
CA PRO A 615 29.26 11.39 35.76
C PRO A 615 28.41 12.64 35.93
N ILE A 616 27.09 12.46 35.80
CA ILE A 616 26.11 13.52 35.98
C ILE A 616 24.96 12.98 36.81
N ILE A 617 24.47 13.75 37.78
CA ILE A 617 23.34 13.34 38.59
C ILE A 617 22.05 13.91 38.02
N GLY A 618 20.94 13.28 38.38
CA GLY A 618 19.63 13.72 37.94
C GLY A 618 18.58 13.37 38.97
N ARG A 619 17.44 14.04 38.85
CA ARG A 619 16.37 13.93 39.82
C ARG A 619 15.08 13.46 39.16
N TYR A 620 14.19 12.89 39.97
CA TYR A 620 12.85 12.53 39.51
C TYR A 620 11.89 12.69 40.68
N ASP A 621 10.59 12.75 40.35
CA ASP A 621 9.57 13.06 41.33
C ASP A 621 9.47 11.97 42.40
N VAL A 622 9.02 12.37 43.59
CA VAL A 622 8.98 11.45 44.72
C VAL A 622 7.77 10.51 44.67
N SER A 623 6.75 10.83 43.87
CA SER A 623 5.54 10.02 43.85
C SER A 623 5.81 8.58 43.43
N PHE A 624 6.92 8.32 42.76
CA PHE A 624 7.28 6.97 42.36
C PHE A 624 7.90 6.16 43.49
N LEU A 625 7.85 6.65 44.72
CA LEU A 625 8.38 5.87 45.85
C LEU A 625 7.38 4.84 46.37
N ALA A 626 6.11 4.93 45.97
CA ALA A 626 5.13 3.95 46.42
C ALA A 626 5.35 2.57 45.80
N LEU A 627 6.09 2.51 44.69
CA LEU A 627 6.38 1.24 44.05
C LEU A 627 7.30 0.40 44.93
N PRO A 628 7.34 -0.92 44.69
CA PRO A 628 8.24 -1.78 45.47
C PRO A 628 9.70 -1.37 45.27
N LYS A 629 10.50 -1.60 46.31
CA LYS A 629 11.90 -1.21 46.28
C LYS A 629 12.67 -1.95 45.19
N ASP A 630 12.28 -3.18 44.88
CA ASP A 630 13.01 -4.00 43.92
C ASP A 630 12.57 -3.79 42.48
N VAL A 631 11.61 -2.90 42.23
CA VAL A 631 11.22 -2.54 40.87
C VAL A 631 11.99 -1.34 40.36
N LEU A 632 12.15 -0.31 41.20
CA LEU A 632 12.92 0.86 40.81
C LEU A 632 14.36 0.48 40.51
N ILE A 633 14.96 -0.35 41.36
CA ILE A 633 16.33 -0.77 41.15
C ILE A 633 16.47 -1.56 39.86
N THR A 634 15.53 -2.46 39.59
CA THR A 634 15.59 -3.26 38.37
C THR A 634 15.49 -2.36 37.14
N VAL A 635 14.55 -1.41 37.15
CA VAL A 635 14.39 -0.52 36.00
C VAL A 635 15.65 0.31 35.81
N MET A 636 16.23 0.81 36.90
CA MET A 636 17.43 1.63 36.77
C MET A 636 18.63 0.83 36.27
N GLN A 637 18.78 -0.42 36.70
CA GLN A 637 20.03 -1.13 36.49
C GLN A 637 20.01 -2.15 35.37
N LYS A 638 18.84 -2.51 34.82
CA LYS A 638 18.80 -3.52 33.79
C LYS A 638 18.47 -2.99 32.40
N HIS A 639 18.03 -1.73 32.29
CA HIS A 639 17.66 -1.17 31.01
C HIS A 639 18.48 0.06 30.64
N GLN A 640 18.63 1.00 31.56
CA GLN A 640 19.36 2.24 31.28
C GLN A 640 20.74 2.27 31.90
N LYS A 641 21.05 1.37 32.83
CA LYS A 641 22.37 1.25 33.46
C LYS A 641 22.76 2.56 34.16
N TYR A 642 21.96 2.93 35.15
CA TYR A 642 22.24 4.09 36.00
C TYR A 642 22.77 3.61 37.35
N PHE A 643 22.92 4.55 38.26
CA PHE A 643 23.36 4.24 39.62
C PHE A 643 22.32 4.73 40.62
N PRO A 644 21.64 3.84 41.34
CA PRO A 644 20.69 4.29 42.36
C PRO A 644 21.42 4.96 43.52
N VAL A 645 20.68 5.78 44.26
CA VAL A 645 21.20 6.51 45.41
C VAL A 645 20.40 6.15 46.63
N THR A 646 21.09 5.73 47.69
CA THR A 646 20.46 5.37 48.96
C THR A 646 21.00 6.25 50.07
N SER A 647 20.11 6.75 50.91
CA SER A 647 20.52 7.63 52.00
C SER A 647 21.30 6.86 53.06
N LYS A 648 22.25 7.55 53.68
CA LYS A 648 23.00 6.94 54.79
C LYS A 648 22.09 6.64 55.97
N THR A 649 21.19 7.57 56.30
CA THR A 649 20.21 7.38 57.36
C THR A 649 18.86 7.05 56.74
N MET A 650 18.16 6.08 57.34
CA MET A 650 16.90 5.56 56.81
C MET A 650 17.11 5.03 55.39
N GLY A 651 17.89 3.94 55.33
CA GLY A 651 18.47 3.47 54.09
C GLY A 651 17.50 2.91 53.07
N ASN A 652 16.54 3.72 52.63
CA ASN A 652 15.69 3.40 51.50
C ASN A 652 16.16 4.18 50.28
N LEU A 653 15.40 4.08 49.19
CA LEU A 653 15.76 4.76 47.96
C LEU A 653 15.58 6.28 48.11
N LEU A 654 16.30 7.02 47.28
CA LEU A 654 16.20 8.47 47.26
C LEU A 654 15.87 8.95 45.84
N PRO A 655 15.24 10.11 45.72
CA PRO A 655 14.91 10.65 44.38
C PRO A 655 16.13 11.25 43.67
N CYS A 656 17.10 10.39 43.38
CA CYS A 656 18.28 10.79 42.63
C CYS A 656 18.82 9.59 41.85
N PHE A 657 19.58 9.88 40.81
CA PHE A 657 20.28 8.83 40.06
C PHE A 657 21.54 9.42 39.45
N ILE A 658 22.48 8.55 39.11
CA ILE A 658 23.76 8.95 38.52
C ILE A 658 23.94 8.23 37.20
N THR A 659 24.23 8.98 36.15
CA THR A 659 24.50 8.45 34.83
C THR A 659 25.91 8.84 34.38
N VAL A 660 26.41 8.15 33.37
CA VAL A 660 27.77 8.37 32.88
C VAL A 660 27.68 8.77 31.41
N ALA A 661 28.13 9.98 31.09
CA ALA A 661 28.19 10.45 29.72
C ALA A 661 29.44 9.90 29.05
N ASN A 662 29.79 10.43 27.88
CA ASN A 662 30.93 9.92 27.13
C ASN A 662 31.54 11.08 26.35
N GLY A 663 32.62 11.66 26.87
CA GLY A 663 33.34 12.69 26.15
C GLY A 663 33.22 14.06 26.78
N ALA A 664 32.95 15.06 25.95
CA ALA A 664 32.78 16.45 26.40
C ALA A 664 31.44 16.95 25.86
N ILE A 665 30.41 16.89 26.71
CA ILE A 665 29.04 17.18 26.30
C ILE A 665 28.48 18.26 27.20
N LYS A 666 27.49 18.99 26.68
CA LYS A 666 26.79 19.99 27.47
C LYS A 666 26.12 19.33 28.66
N GLU A 667 26.26 19.94 29.83
CA GLU A 667 25.79 19.32 31.06
C GLU A 667 24.27 19.38 31.18
N GLU A 668 23.67 20.52 30.86
CA GLU A 668 22.24 20.71 31.09
C GLU A 668 21.41 19.83 30.16
N VAL A 669 21.79 19.74 28.90
CA VAL A 669 20.97 19.06 27.90
C VAL A 669 20.85 17.57 28.21
N VAL A 670 21.97 16.94 28.60
CA VAL A 670 21.94 15.50 28.86
C VAL A 670 20.99 15.18 30.00
N ARG A 671 21.08 15.93 31.11
CA ARG A 671 20.19 15.69 32.23
C ARG A 671 18.74 15.97 31.85
N LYS A 672 18.49 17.07 31.15
CA LYS A 672 17.12 17.43 30.81
C LYS A 672 16.50 16.45 29.83
N GLY A 673 17.31 15.77 29.03
CA GLY A 673 16.81 14.76 28.12
C GLY A 673 16.82 13.36 28.65
N ASN A 674 17.53 13.15 29.78
CA ASN A 674 17.64 11.80 30.41
C ASN A 674 16.59 11.60 31.52
N GLU A 675 16.25 12.66 32.26
CA GLU A 675 15.20 12.54 33.27
C GLU A 675 13.84 12.36 32.61
N ALA A 676 13.66 12.88 31.39
CA ALA A 676 12.40 12.71 30.67
C ALA A 676 12.19 11.27 30.22
N VAL A 677 13.25 10.47 30.13
CA VAL A 677 13.11 9.06 29.86
C VAL A 677 12.92 8.27 31.14
N LEU A 678 13.65 8.66 32.20
CA LEU A 678 13.51 7.96 33.46
C LEU A 678 12.14 8.15 34.07
N ARG A 679 11.52 9.31 33.87
CA ARG A 679 10.16 9.53 34.34
C ARG A 679 9.12 9.11 33.32
N ALA A 680 9.54 8.56 32.18
CA ALA A 680 8.62 7.94 31.23
C ALA A 680 8.54 6.43 31.41
N ARG A 681 9.63 5.79 31.84
CA ARG A 681 9.54 4.36 32.17
C ARG A 681 8.67 4.12 33.40
N TYR A 682 8.77 5.00 34.39
CA TYR A 682 8.07 4.77 35.64
C TYR A 682 6.57 4.95 35.50
N GLU A 683 6.11 5.76 34.54
CA GLU A 683 4.68 5.85 34.31
C GLU A 683 4.11 4.51 33.86
N ASP A 684 4.79 3.85 32.93
CA ASP A 684 4.38 2.51 32.51
C ASP A 684 4.44 1.53 33.68
N ALA A 685 5.53 1.60 34.46
CA ALA A 685 5.66 0.67 35.58
C ALA A 685 4.52 0.87 36.59
N LYS A 686 4.21 2.12 36.92
CA LYS A 686 3.16 2.39 37.90
C LYS A 686 1.79 2.01 37.37
N PHE A 687 1.53 2.23 36.08
CA PHE A 687 0.27 1.81 35.50
C PHE A 687 0.12 0.29 35.58
N PHE A 688 1.18 -0.44 35.24
CA PHE A 688 1.12 -1.90 35.33
C PHE A 688 0.89 -2.36 36.76
N TYR A 689 1.59 -1.73 37.72
CA TYR A 689 1.41 -2.13 39.12
C TYR A 689 -0.01 -1.85 39.59
N LYS A 690 -0.56 -0.69 39.26
CA LYS A 690 -1.91 -0.35 39.70
C LYS A 690 -2.94 -1.27 39.07
N MET A 691 -2.77 -1.61 37.79
CA MET A 691 -3.68 -2.56 37.16
C MET A 691 -3.49 -3.99 37.68
N ASP A 692 -2.30 -4.30 38.20
CA ASP A 692 -2.02 -5.64 38.70
C ASP A 692 -2.40 -5.85 40.16
N THR A 693 -2.64 -4.78 40.91
CA THR A 693 -3.08 -4.91 42.31
C THR A 693 -4.57 -4.69 42.47
N GLN A 694 -5.33 -4.65 41.37
CA GLN A 694 -6.78 -4.54 41.46
C GLN A 694 -7.40 -5.78 42.10
N LYS A 695 -6.87 -6.95 41.76
CA LYS A 695 -7.38 -8.21 42.28
C LYS A 695 -6.29 -8.92 43.09
N LYS A 696 -6.72 -9.65 44.10
CA LYS A 696 -5.77 -10.36 44.95
C LYS A 696 -5.13 -11.52 44.19
N LEU A 697 -4.09 -12.11 44.80
CA LEU A 697 -3.28 -13.11 44.11
C LEU A 697 -4.06 -14.39 43.81
N SER A 698 -5.17 -14.63 44.50
CA SER A 698 -5.89 -15.89 44.33
C SER A 698 -6.40 -16.05 42.90
N GLU A 699 -6.92 -14.98 42.31
CA GLU A 699 -7.50 -15.07 40.98
C GLU A 699 -6.46 -15.37 39.90
N PHE A 700 -5.20 -15.00 40.12
CA PHE A 700 -4.18 -15.21 39.10
C PHE A 700 -3.82 -16.68 38.91
N ARG A 701 -4.13 -17.54 39.87
CA ARG A 701 -3.80 -18.95 39.74
C ARG A 701 -4.60 -19.65 38.65
N ASP A 702 -5.69 -19.04 38.19
CA ASP A 702 -6.53 -19.68 37.18
C ASP A 702 -6.08 -19.35 35.76
N GLN A 703 -5.60 -18.12 35.52
CA GLN A 703 -5.29 -17.66 34.18
C GLN A 703 -3.82 -17.84 33.81
N LEU A 704 -3.12 -18.79 34.46
CA LEU A 704 -1.74 -19.06 34.10
C LEU A 704 -1.62 -20.10 32.97
N SER A 705 -2.75 -20.62 32.48
CA SER A 705 -2.73 -21.67 31.46
C SER A 705 -2.13 -21.21 30.14
N SER A 706 -1.96 -19.90 29.94
CA SER A 706 -1.35 -19.39 28.72
C SER A 706 0.16 -19.58 28.69
N ILE A 707 0.75 -20.16 29.74
CA ILE A 707 2.18 -20.41 29.80
C ILE A 707 2.38 -21.91 29.73
N LEU A 708 3.04 -22.37 28.67
CA LEU A 708 3.25 -23.80 28.48
C LEU A 708 4.54 -24.24 29.16
N PHE A 709 4.52 -25.45 29.72
CA PHE A 709 5.71 -26.03 30.31
C PHE A 709 6.43 -26.95 29.33
N HIS A 710 5.73 -27.96 28.83
CA HIS A 710 6.27 -28.86 27.82
C HIS A 710 5.13 -29.31 26.91
N GLU A 711 5.48 -29.53 25.64
CA GLU A 711 4.47 -29.91 24.65
C GLU A 711 3.82 -31.24 24.99
N ARG A 712 4.53 -32.13 25.69
CA ARG A 712 3.98 -33.41 26.09
C ARG A 712 3.41 -33.40 27.49
N LEU A 713 3.88 -32.51 28.37
CA LEU A 713 3.40 -32.46 29.74
C LEU A 713 2.24 -31.49 29.91
N GLY A 714 2.37 -30.28 29.37
CA GLY A 714 1.29 -29.32 29.44
C GLY A 714 1.70 -27.95 29.95
N THR A 715 0.78 -27.28 30.63
CA THR A 715 0.99 -25.92 31.11
C THR A 715 1.49 -25.97 32.56
N MET A 716 1.49 -24.81 33.24
CA MET A 716 1.94 -24.74 34.62
C MET A 716 0.87 -25.13 35.64
N LEU A 717 -0.41 -25.06 35.27
CA LEU A 717 -1.46 -25.42 36.21
C LEU A 717 -1.36 -26.89 36.61
N ASP A 718 -1.13 -27.76 35.63
CA ASP A 718 -0.94 -29.18 35.92
C ASP A 718 0.29 -29.41 36.79
N LYS A 719 1.38 -28.69 36.51
CA LYS A 719 2.58 -28.81 37.32
C LYS A 719 2.30 -28.43 38.77
N MET A 720 1.60 -27.32 38.98
CA MET A 720 1.28 -26.89 40.34
C MET A 720 0.36 -27.88 41.03
N LYS A 721 -0.62 -28.43 40.32
CA LYS A 721 -1.49 -29.42 40.94
C LYS A 721 -0.71 -30.68 41.33
N ARG A 722 0.20 -31.13 40.47
CA ARG A 722 1.03 -32.29 40.83
C ARG A 722 1.90 -31.98 42.04
N VAL A 723 2.47 -30.78 42.10
CA VAL A 723 3.34 -30.43 43.22
C VAL A 723 2.54 -30.39 44.52
N GLU A 724 1.36 -29.78 44.49
CA GLU A 724 0.56 -29.72 45.71
C GLU A 724 -0.01 -31.07 46.09
N ASN A 725 -0.15 -31.99 45.14
CA ASN A 725 -0.56 -33.35 45.48
C ASN A 725 0.58 -34.16 46.11
N THR A 726 1.79 -34.03 45.58
CA THR A 726 2.91 -34.86 46.03
C THR A 726 3.74 -34.22 47.13
N VAL A 727 3.42 -33.00 47.57
CA VAL A 727 4.19 -32.36 48.62
C VAL A 727 4.08 -33.10 49.96
N ALA A 728 2.96 -33.78 50.21
CA ALA A 728 2.76 -34.43 51.51
C ALA A 728 3.80 -35.52 51.76
N GLU A 729 4.05 -36.37 50.77
CA GLU A 729 5.00 -37.46 50.96
C GLU A 729 6.42 -36.93 51.17
N VAL A 730 6.81 -35.92 50.39
CA VAL A 730 8.15 -35.37 50.52
C VAL A 730 8.32 -34.68 51.87
N ALA A 731 7.25 -34.05 52.37
CA ALA A 731 7.32 -33.44 53.69
C ALA A 731 7.45 -34.48 54.79
N LEU A 732 7.12 -35.74 54.52
CA LEU A 732 7.29 -36.81 55.50
C LEU A 732 8.63 -37.52 55.36
N LEU A 733 9.17 -37.61 54.15
CA LEU A 733 10.47 -38.24 53.97
C LEU A 733 11.58 -37.41 54.63
N LEU A 734 11.50 -36.09 54.54
CA LEU A 734 12.50 -35.24 55.17
C LEU A 734 12.37 -35.22 56.69
N GLY A 735 11.30 -35.76 57.24
CA GLY A 735 11.16 -35.84 58.68
C GLY A 735 10.64 -34.59 59.36
N ILE A 736 10.06 -33.65 58.61
CA ILE A 736 9.52 -32.44 59.22
C ILE A 736 8.30 -32.82 60.05
N ASN A 737 8.14 -32.14 61.19
CA ASN A 737 7.10 -32.49 62.15
C ASN A 737 5.71 -32.34 61.53
N GLU A 738 4.78 -33.15 62.03
CA GLU A 738 3.42 -33.15 61.51
C GLU A 738 2.70 -31.84 61.79
N LYS A 739 3.04 -31.16 62.88
CA LYS A 739 2.33 -29.95 63.28
C LYS A 739 2.42 -28.84 62.24
N MET A 740 3.46 -28.86 61.40
CA MET A 740 3.61 -27.86 60.35
C MET A 740 3.06 -28.32 59.01
N ILE A 741 2.41 -29.48 58.95
CA ILE A 741 1.89 -30.01 57.69
C ILE A 741 0.71 -29.21 57.14
N PRO A 742 -0.14 -28.54 57.94
CA PRO A 742 -1.23 -27.78 57.32
C PRO A 742 -0.73 -26.61 56.48
N ALA A 743 0.15 -25.77 57.04
CA ALA A 743 0.59 -24.56 56.36
C ALA A 743 1.22 -24.89 55.01
N ILE A 744 2.04 -25.95 54.97
CA ILE A 744 2.64 -26.36 53.70
C ILE A 744 1.54 -26.63 52.68
N LYS A 745 0.52 -27.39 53.08
CA LYS A 745 -0.56 -27.72 52.15
C LYS A 745 -1.29 -26.48 51.66
N ASP A 746 -1.17 -25.36 52.37
CA ASP A 746 -1.77 -24.13 51.90
C ASP A 746 -0.80 -23.31 51.04
N ALA A 747 0.50 -23.42 51.30
CA ALA A 747 1.47 -22.63 50.53
C ALA A 747 1.42 -23.00 49.06
N ALA A 748 1.39 -24.31 48.77
CA ALA A 748 1.27 -24.75 47.39
C ALA A 748 -0.05 -24.31 46.75
N ALA A 749 -1.03 -23.92 47.55
CA ALA A 749 -2.25 -23.36 46.99
C ALA A 749 -2.00 -22.05 46.26
N LEU A 750 -0.95 -21.31 46.62
CA LEU A 750 -0.61 -20.07 45.96
C LEU A 750 0.82 -20.07 45.43
N ALA A 751 1.43 -21.24 45.31
CA ALA A 751 2.84 -21.32 44.92
C ALA A 751 2.99 -21.01 43.44
N MET A 752 3.96 -20.15 43.13
CA MET A 752 4.33 -19.81 41.76
C MET A 752 3.11 -19.32 40.97
N SER A 753 2.46 -18.31 41.54
CA SER A 753 1.34 -17.65 40.90
C SER A 753 1.70 -16.29 40.33
N ASP A 754 2.91 -15.79 40.63
CA ASP A 754 3.33 -14.48 40.14
C ASP A 754 3.66 -14.51 38.65
N LEU A 755 3.88 -15.71 38.09
CA LEU A 755 4.33 -15.81 36.71
C LEU A 755 3.29 -15.31 35.72
N ALA A 756 2.03 -15.22 36.13
CA ALA A 756 0.96 -14.72 35.28
C ALA A 756 0.61 -13.26 35.56
N THR A 757 1.32 -12.62 36.48
CA THR A 757 1.04 -11.23 36.82
C THR A 757 1.55 -10.31 35.71
N ASN A 758 1.18 -9.03 35.79
CA ASN A 758 1.56 -8.07 34.76
C ASN A 758 2.96 -7.51 34.97
N ILE A 759 3.35 -7.25 36.22
CA ILE A 759 4.66 -6.67 36.48
C ILE A 759 5.77 -7.66 36.19
N VAL A 760 5.47 -8.96 36.11
CA VAL A 760 6.48 -9.98 35.83
C VAL A 760 6.47 -10.41 34.38
N THR A 761 5.46 -10.02 33.59
CA THR A 761 5.41 -10.42 32.19
C THR A 761 6.61 -9.90 31.42
N GLU A 762 6.99 -8.64 31.65
CA GLU A 762 8.13 -8.04 30.98
C GLU A 762 9.37 -7.91 31.85
N PHE A 763 9.22 -7.98 33.19
CA PHE A 763 10.37 -7.97 34.09
C PHE A 763 10.61 -9.40 34.55
N THR A 764 11.37 -10.13 33.74
CA THR A 764 11.58 -11.55 33.99
C THR A 764 12.36 -11.77 35.28
N SER A 765 13.30 -10.88 35.59
CA SER A 765 14.16 -11.07 36.76
C SER A 765 13.41 -10.95 38.08
N LEU A 766 12.20 -10.38 38.06
CA LEU A 766 11.45 -10.18 39.29
C LEU A 766 10.60 -11.37 39.69
N ALA A 767 10.62 -12.45 38.91
CA ALA A 767 9.80 -13.61 39.22
C ALA A 767 10.30 -14.28 40.49
N GLY A 768 9.41 -14.44 41.47
CA GLY A 768 9.78 -15.09 42.71
C GLY A 768 9.63 -14.20 43.94
N ILE A 769 9.93 -12.92 43.79
CA ILE A 769 9.83 -11.99 44.91
C ILE A 769 8.52 -11.21 44.89
N MET A 770 8.03 -10.87 43.70
CA MET A 770 6.75 -10.18 43.60
C MET A 770 5.62 -11.01 44.17
N ALA A 771 5.73 -12.34 44.09
CA ALA A 771 4.76 -13.19 44.75
C ALA A 771 4.78 -12.96 46.26
N ARG A 772 5.97 -12.86 46.84
CA ARG A 772 6.07 -12.58 48.27
C ARG A 772 5.47 -11.24 48.62
N HIS A 773 5.73 -10.22 47.80
CA HIS A 773 5.18 -8.90 48.08
C HIS A 773 3.66 -8.92 48.03
N TYR A 774 3.09 -9.56 47.01
CA TYR A 774 1.64 -9.65 46.90
C TYR A 774 1.04 -10.41 48.07
N ALA A 775 1.68 -11.51 48.48
CA ALA A 775 1.18 -12.28 49.61
C ALA A 775 1.22 -11.46 50.89
N LEU A 776 2.31 -10.71 51.11
CA LEU A 776 2.40 -9.87 52.31
C LEU A 776 1.32 -8.80 52.30
N ARG A 777 1.06 -8.19 51.15
CA ARG A 777 0.02 -7.17 51.08
C ARG A 777 -1.36 -7.77 51.31
N ASP A 778 -1.58 -9.00 50.84
CA ASP A 778 -2.88 -9.64 50.95
C ASP A 778 -3.33 -9.86 52.39
N GLY A 779 -2.39 -9.91 53.33
CA GLY A 779 -2.75 -10.12 54.72
C GLY A 779 -2.71 -11.58 55.12
N LEU A 780 -1.60 -12.25 54.81
CA LEU A 780 -1.36 -13.63 55.22
C LEU A 780 -0.21 -13.67 56.22
N SER A 781 -0.01 -14.84 56.81
CA SER A 781 1.04 -14.99 57.81
C SER A 781 2.41 -14.90 57.16
N GLU A 782 3.40 -14.55 57.99
CA GLU A 782 4.77 -14.43 57.49
C GLU A 782 5.46 -15.79 57.32
N GLN A 783 4.83 -16.87 57.75
CA GLN A 783 5.39 -18.21 57.56
C GLN A 783 5.07 -18.80 56.19
N ILE A 784 4.31 -18.09 55.37
CA ILE A 784 3.99 -18.56 54.03
C ILE A 784 4.57 -17.66 52.94
N ALA A 785 4.77 -16.37 53.21
CA ALA A 785 5.38 -15.50 52.22
C ALA A 785 6.82 -15.92 51.94
N GLU A 786 7.56 -16.28 52.99
CA GLU A 786 8.93 -16.75 52.78
C GLU A 786 8.96 -18.03 51.97
N ALA A 787 8.01 -18.93 52.22
CA ALA A 787 7.93 -20.15 51.44
C ALA A 787 7.63 -19.85 49.97
N LEU A 788 6.74 -18.89 49.72
CA LEU A 788 6.45 -18.50 48.35
C LEU A 788 7.68 -17.91 47.67
N PHE A 789 8.42 -17.08 48.39
CA PHE A 789 9.60 -16.44 47.79
C PHE A 789 10.70 -17.44 47.52
N GLU A 790 10.92 -18.40 48.44
CA GLU A 790 12.04 -19.31 48.35
C GLU A 790 11.73 -20.57 47.56
N ILE A 791 10.80 -20.49 46.61
CA ILE A 791 10.57 -21.62 45.71
C ILE A 791 11.48 -21.56 44.49
N THR A 792 12.15 -20.44 44.26
CA THR A 792 13.05 -20.28 43.12
C THR A 792 14.52 -20.29 43.49
N LEU A 793 14.85 -20.17 44.77
CA LEU A 793 16.25 -20.17 45.17
C LEU A 793 16.83 -21.57 45.07
N PRO A 794 18.05 -21.73 44.53
CA PRO A 794 18.85 -20.65 43.95
C PRO A 794 18.44 -20.31 42.51
N ARG A 795 18.57 -19.05 42.14
CA ARG A 795 18.22 -18.60 40.80
C ARG A 795 19.43 -18.57 39.88
N PHE A 796 20.58 -18.12 40.38
CA PHE A 796 21.83 -18.13 39.63
C PHE A 796 22.95 -18.55 40.56
N SER A 797 24.09 -18.90 39.96
CA SER A 797 25.23 -19.38 40.73
C SER A 797 25.69 -18.33 41.73
N GLY A 798 25.91 -18.75 42.97
CA GLY A 798 26.32 -17.86 44.04
C GLY A 798 25.19 -17.24 44.83
N ASP A 799 23.95 -17.45 44.41
CA ASP A 799 22.81 -16.88 45.13
C ASP A 799 22.58 -17.65 46.44
N VAL A 800 21.75 -17.07 47.30
CA VAL A 800 21.50 -17.65 48.62
C VAL A 800 20.66 -18.91 48.47
N PHE A 801 20.57 -19.69 49.54
CA PHE A 801 19.85 -20.95 49.58
C PHE A 801 18.66 -20.86 50.52
N PRO A 802 17.66 -21.71 50.35
CA PRO A 802 16.53 -21.70 51.27
C PRO A 802 16.97 -21.98 52.70
N LYS A 803 16.35 -21.27 53.64
CA LYS A 803 16.72 -21.39 55.05
C LYS A 803 15.53 -21.60 55.97
N THR A 804 14.31 -21.70 55.44
CA THR A 804 13.12 -22.00 56.23
C THR A 804 12.62 -23.39 55.87
N ASP A 805 12.16 -24.12 56.87
CA ASP A 805 11.77 -25.51 56.65
C ASP A 805 10.66 -25.69 55.62
N PRO A 806 9.53 -24.96 55.69
CA PRO A 806 8.49 -25.16 54.67
C PRO A 806 8.92 -24.83 53.26
N GLY A 807 9.91 -23.96 53.07
CA GLY A 807 10.37 -23.66 51.73
C GLY A 807 11.23 -24.75 51.11
N ILE A 808 11.97 -25.49 51.95
CA ILE A 808 12.81 -26.55 51.44
C ILE A 808 11.96 -27.63 50.78
N VAL A 809 10.82 -27.97 51.39
CA VAL A 809 9.96 -29.01 50.85
C VAL A 809 9.46 -28.61 49.47
N LEU A 810 8.98 -27.38 49.34
CA LEU A 810 8.51 -26.91 48.04
C LEU A 810 9.63 -26.88 47.01
N ALA A 811 10.81 -26.43 47.40
CA ALA A 811 11.93 -26.37 46.45
C ALA A 811 12.29 -27.76 45.95
N VAL A 812 12.48 -28.72 46.87
CA VAL A 812 12.89 -30.05 46.45
C VAL A 812 11.78 -30.73 45.65
N THR A 813 10.52 -30.51 46.03
CA THR A 813 9.42 -31.08 45.27
C THR A 813 9.39 -30.55 43.85
N ASP A 814 9.57 -29.24 43.69
CA ASP A 814 9.59 -28.65 42.36
C ASP A 814 10.75 -29.20 41.53
N ARG A 815 11.93 -29.29 42.13
CA ARG A 815 13.09 -29.81 41.39
C ARG A 815 12.86 -31.25 40.97
N LEU A 816 12.35 -32.09 41.87
CA LEU A 816 12.13 -33.49 41.54
C LEU A 816 11.07 -33.65 40.46
N ASP A 817 9.97 -32.90 40.56
CA ASP A 817 8.94 -33.00 39.55
C ASP A 817 9.43 -32.52 38.19
N SER A 818 10.15 -31.40 38.16
CA SER A 818 10.70 -30.91 36.90
C SER A 818 11.71 -31.87 36.30
N LEU A 819 12.51 -32.55 37.12
CA LEU A 819 13.44 -33.54 36.57
C LEU A 819 12.69 -34.76 36.03
N VAL A 820 11.76 -35.30 36.81
CA VAL A 820 11.06 -36.52 36.40
C VAL A 820 10.25 -36.28 35.14
N GLY A 821 9.52 -35.17 35.07
CA GLY A 821 8.69 -34.91 33.90
C GLY A 821 9.51 -34.75 32.63
N LEU A 822 10.62 -34.01 32.71
CA LEU A 822 11.45 -33.80 31.52
C LEU A 822 12.25 -35.03 31.14
N PHE A 823 12.55 -35.90 32.11
CA PHE A 823 13.19 -37.16 31.77
C PHE A 823 12.18 -38.21 31.29
N GLY A 824 10.89 -37.98 31.51
CA GLY A 824 9.88 -38.89 31.00
C GLY A 824 9.69 -38.80 29.50
N ALA A 825 10.02 -37.66 28.91
CA ALA A 825 9.97 -37.50 27.46
C ALA A 825 11.31 -37.74 26.79
N GLY A 826 12.35 -38.03 27.55
CA GLY A 826 13.66 -38.31 26.99
C GLY A 826 14.31 -37.10 26.35
N CYS A 827 14.71 -36.14 27.18
CA CYS A 827 15.35 -34.91 26.71
C CYS A 827 16.66 -34.67 27.44
N GLN A 828 17.49 -35.70 27.49
CA GLN A 828 18.77 -35.60 28.19
C GLN A 828 19.69 -34.63 27.47
N PRO A 829 20.14 -33.55 28.12
CA PRO A 829 21.03 -32.61 27.44
C PRO A 829 22.41 -33.21 27.23
N SER A 830 23.09 -32.71 26.19
CA SER A 830 24.46 -33.11 25.91
C SER A 830 25.42 -32.16 26.62
N SER A 831 26.70 -32.23 26.28
CA SER A 831 27.70 -31.42 26.96
C SER A 831 27.61 -29.95 26.58
N THR A 832 27.07 -29.64 25.40
CA THR A 832 27.06 -28.28 24.88
C THR A 832 25.69 -27.62 24.98
N ASN A 833 24.66 -28.24 24.40
CA ASN A 833 23.33 -27.64 24.36
C ASN A 833 22.60 -27.84 25.67
N ASP A 834 21.78 -26.85 26.04
CA ASP A 834 21.00 -26.86 27.26
C ASP A 834 19.55 -26.56 26.91
N PRO A 835 18.80 -27.56 26.45
CA PRO A 835 17.38 -27.32 26.11
C PRO A 835 16.56 -26.82 27.30
N PHE A 836 16.86 -27.30 28.50
CA PHE A 836 16.13 -26.86 29.69
C PHE A 836 17.04 -26.65 30.89
N GLY A 837 18.35 -26.82 30.73
CA GLY A 837 19.29 -26.62 31.83
C GLY A 837 19.07 -27.58 32.98
N LEU A 838 18.91 -28.87 32.67
CA LEU A 838 18.67 -29.86 33.72
C LEU A 838 19.84 -29.96 34.67
N ARG A 839 21.06 -29.71 34.19
CA ARG A 839 22.23 -29.74 35.07
C ARG A 839 22.12 -28.65 36.14
N ARG A 840 21.62 -27.47 35.79
CA ARG A 840 21.43 -26.41 36.78
C ARG A 840 20.44 -26.84 37.84
N ILE A 841 19.35 -27.49 37.43
CA ILE A 841 18.35 -27.95 38.39
C ILE A 841 18.93 -29.00 39.33
N SER A 842 19.69 -29.96 38.78
CA SER A 842 20.29 -30.97 39.62
C SER A 842 21.31 -30.36 40.59
N TYR A 843 22.09 -29.39 40.12
CA TYR A 843 23.07 -28.74 40.97
C TYR A 843 22.41 -27.93 42.07
N GLY A 844 21.27 -27.31 41.76
CA GLY A 844 20.51 -26.65 42.81
C GLY A 844 19.97 -27.64 43.84
N LEU A 845 19.46 -28.78 43.36
CA LEU A 845 18.90 -29.77 44.28
C LEU A 845 19.96 -30.31 45.23
N VAL A 846 21.13 -30.67 44.71
CA VAL A 846 22.15 -31.23 45.60
C VAL A 846 22.68 -30.16 46.56
N GLN A 847 22.80 -28.92 46.10
CA GLN A 847 23.23 -27.85 47.00
C GLN A 847 22.22 -27.62 48.12
N ILE A 848 20.92 -27.64 47.79
CA ILE A 848 19.90 -27.49 48.82
C ILE A 848 19.97 -28.64 49.81
N LEU A 849 20.14 -29.87 49.31
CA LEU A 849 20.15 -31.03 50.21
C LEU A 849 21.38 -31.03 51.12
N VAL A 850 22.54 -30.67 50.59
CA VAL A 850 23.77 -30.77 51.36
C VAL A 850 23.96 -29.57 52.27
N GLU A 851 23.78 -28.35 51.76
CA GLU A 851 24.01 -27.15 52.54
C GLU A 851 22.91 -26.87 53.56
N ASN A 852 22.03 -27.83 53.82
CA ASN A 852 21.00 -27.67 54.81
C ASN A 852 20.95 -28.81 55.82
N LYS A 853 21.79 -29.83 55.66
CA LYS A 853 21.92 -30.93 56.62
C LYS A 853 20.57 -31.62 56.87
N LYS A 854 20.05 -32.22 55.80
CA LYS A 854 18.78 -32.94 55.86
C LYS A 854 18.97 -34.33 55.29
N ASN A 855 18.49 -35.34 56.02
CA ASN A 855 18.50 -36.71 55.52
C ASN A 855 17.46 -36.88 54.43
N PHE A 856 17.77 -37.76 53.48
CA PHE A 856 16.89 -37.94 52.32
C PHE A 856 17.10 -39.33 51.76
N ASP A 857 16.14 -39.76 50.93
CA ASP A 857 16.22 -41.04 50.23
C ASP A 857 15.79 -40.78 48.78
N LEU A 858 16.76 -40.67 47.88
CA LEU A 858 16.47 -40.23 46.52
C LEU A 858 15.66 -41.28 45.76
N THR A 859 16.07 -42.54 45.83
CA THR A 859 15.40 -43.59 45.07
C THR A 859 14.02 -43.93 45.59
N LYS A 860 13.68 -43.51 46.82
CA LYS A 860 12.33 -43.71 47.32
C LYS A 860 11.43 -42.53 47.00
N ALA A 861 11.97 -41.31 46.98
CA ALA A 861 11.17 -40.14 46.64
C ALA A 861 10.90 -40.05 45.14
N LEU A 862 11.86 -40.48 44.32
CA LEU A 862 11.67 -40.40 42.87
C LEU A 862 10.49 -41.24 42.39
N THR A 863 10.34 -42.45 42.93
CA THR A 863 9.21 -43.29 42.54
C THR A 863 7.88 -42.65 42.91
N LEU A 864 7.80 -42.06 44.10
CA LEU A 864 6.57 -41.37 44.51
C LEU A 864 6.29 -40.18 43.60
N VAL A 865 7.32 -39.41 43.25
CA VAL A 865 7.13 -38.26 42.37
C VAL A 865 6.63 -38.70 41.01
N ALA A 866 7.22 -39.76 40.46
CA ALA A 866 6.83 -40.23 39.13
C ALA A 866 5.44 -40.85 39.11
N GLU A 867 4.84 -41.13 40.26
CA GLU A 867 3.53 -41.78 40.28
C GLU A 867 2.43 -40.88 39.72
N GLU A 868 2.50 -39.58 40.00
CA GLU A 868 1.46 -38.65 39.57
C GLU A 868 1.68 -38.09 38.17
N GLN A 869 2.70 -38.55 37.46
CA GLN A 869 2.92 -38.11 36.10
C GLN A 869 1.75 -38.55 35.22
N PRO A 870 1.34 -37.73 34.24
CA PRO A 870 0.20 -38.12 33.39
C PRO A 870 0.45 -39.39 32.59
N ILE A 871 1.67 -39.63 32.16
CA ILE A 871 2.00 -40.79 31.35
C ILE A 871 2.82 -41.77 32.20
N THR A 872 2.66 -43.06 31.90
CA THR A 872 3.41 -44.08 32.61
C THR A 872 4.87 -44.04 32.20
N ILE A 873 5.77 -44.11 33.19
CA ILE A 873 7.21 -44.04 32.96
C ILE A 873 7.82 -45.35 33.44
N ASP A 874 8.66 -45.95 32.60
CA ASP A 874 9.30 -47.21 32.93
C ASP A 874 10.31 -47.02 34.07
N SER A 875 10.81 -48.14 34.57
CA SER A 875 11.71 -48.13 35.71
C SER A 875 13.14 -47.77 35.34
N GLY A 876 13.46 -47.62 34.06
CA GLY A 876 14.81 -47.22 33.67
C GLY A 876 15.07 -45.75 33.84
N VAL A 877 14.05 -44.92 33.69
CA VAL A 877 14.24 -43.47 33.78
C VAL A 877 14.64 -43.05 35.17
N ILE A 878 14.06 -43.67 36.20
CA ILE A 878 14.40 -43.32 37.57
C ILE A 878 15.84 -43.65 37.86
N ASP A 879 16.31 -44.82 37.39
CA ASP A 879 17.72 -45.16 37.56
C ASP A 879 18.63 -44.20 36.80
N GLU A 880 18.21 -43.79 35.59
CA GLU A 880 19.00 -42.82 34.85
C GLU A 880 19.11 -41.50 35.60
N VAL A 881 18.00 -41.04 36.18
CA VAL A 881 18.01 -39.78 36.93
C VAL A 881 18.89 -39.90 38.17
N VAL A 882 18.81 -41.03 38.87
CA VAL A 882 19.64 -41.23 40.05
C VAL A 882 21.12 -41.20 39.66
N GLN A 883 21.47 -41.86 38.55
CA GLN A 883 22.86 -41.84 38.10
C GLN A 883 23.30 -40.43 37.72
N PHE A 884 22.42 -39.67 37.06
CA PHE A 884 22.77 -38.30 36.68
C PHE A 884 23.01 -37.43 37.92
N VAL A 885 22.15 -37.56 38.93
CA VAL A 885 22.32 -36.78 40.15
C VAL A 885 23.59 -37.20 40.86
N THR A 886 23.91 -38.49 40.86
CA THR A 886 25.15 -38.95 41.48
C THR A 886 26.37 -38.37 40.76
N ARG A 887 26.33 -38.35 39.43
CA ARG A 887 27.44 -37.78 38.67
C ARG A 887 27.60 -36.30 38.91
N ARG A 888 26.50 -35.56 39.10
CA ARG A 888 26.62 -34.16 39.49
C ARG A 888 27.12 -33.98 40.91
N LEU A 889 26.72 -34.86 41.83
CA LEU A 889 27.22 -34.80 43.19
C LEU A 889 28.72 -35.01 43.24
N GLU A 890 29.24 -35.92 42.41
CA GLU A 890 30.68 -36.13 42.34
C GLU A 890 31.39 -34.86 41.88
N GLN A 891 30.84 -34.19 40.87
CA GLN A 891 31.44 -32.94 40.40
C GLN A 891 31.42 -31.87 41.48
N LEU A 892 30.33 -31.80 42.24
CA LEU A 892 30.27 -30.84 43.34
C LEU A 892 31.30 -31.18 44.42
N LEU A 893 31.45 -32.46 44.75
CA LEU A 893 32.35 -32.85 45.82
C LEU A 893 33.82 -32.72 45.44
N VAL A 894 34.15 -32.79 44.15
CA VAL A 894 35.53 -32.58 43.73
C VAL A 894 35.86 -31.11 43.54
N ASP A 895 34.97 -30.21 43.96
CA ASP A 895 35.20 -28.77 43.80
C ASP A 895 35.87 -28.13 45.01
N GLU A 896 35.87 -28.78 46.17
CA GLU A 896 36.47 -28.22 47.38
C GLU A 896 37.79 -28.89 47.74
N GLY A 897 38.44 -29.56 46.80
CA GLY A 897 39.75 -30.15 47.01
C GLY A 897 39.76 -31.60 47.44
N ILE A 898 38.63 -32.29 47.38
CA ILE A 898 38.58 -33.70 47.73
C ILE A 898 39.16 -34.51 46.59
N ASN A 899 39.98 -35.51 46.92
CA ASN A 899 40.61 -36.34 45.91
C ASN A 899 39.57 -37.11 45.12
N CYS A 900 39.80 -37.24 43.81
CA CYS A 900 38.82 -37.88 42.94
C CYS A 900 38.65 -39.35 43.30
N GLU A 901 39.75 -40.04 43.61
CA GLU A 901 39.69 -41.47 43.92
C GLU A 901 38.98 -41.76 45.23
N ILE A 902 38.79 -40.77 46.09
CA ILE A 902 38.10 -41.00 47.36
C ILE A 902 36.59 -40.89 47.18
N VAL A 903 36.13 -39.80 46.57
CA VAL A 903 34.71 -39.66 46.30
C VAL A 903 34.24 -40.70 45.31
N ARG A 904 35.08 -41.04 44.32
CA ARG A 904 34.72 -42.07 43.36
C ARG A 904 34.49 -43.42 44.03
N SER A 905 35.11 -43.66 45.19
CA SER A 905 34.91 -44.90 45.92
C SER A 905 33.73 -44.80 46.89
N VAL A 906 33.55 -43.64 47.52
CA VAL A 906 32.46 -43.50 48.47
C VAL A 906 31.11 -43.49 47.77
N LEU A 907 31.02 -42.81 46.62
CA LEU A 907 29.74 -42.60 45.97
C LEU A 907 29.15 -43.84 45.32
N ILE A 908 29.94 -44.89 45.10
CA ILE A 908 29.35 -46.11 44.54
C ILE A 908 28.56 -46.88 45.57
N GLU A 909 28.60 -46.46 46.83
CA GLU A 909 27.85 -47.14 47.89
C GLU A 909 27.04 -46.21 48.76
N ARG A 910 27.40 -44.94 48.88
CA ARG A 910 26.68 -43.99 49.72
C ARG A 910 25.97 -42.92 48.87
N ALA A 911 25.43 -43.32 47.72
CA ALA A 911 24.83 -42.38 46.79
C ALA A 911 23.36 -42.09 47.08
N ASN A 912 22.79 -42.71 48.10
CA ASN A 912 21.37 -42.51 48.37
C ASN A 912 21.11 -41.14 49.00
N CYS A 913 21.71 -40.88 50.15
CA CYS A 913 21.50 -39.62 50.86
C CYS A 913 22.67 -38.70 50.62
N PRO A 914 22.49 -37.59 49.87
CA PRO A 914 23.64 -36.73 49.54
C PRO A 914 24.33 -36.14 50.76
N TYR A 915 23.61 -35.78 51.81
CA TYR A 915 24.25 -35.19 52.97
C TYR A 915 25.16 -36.19 53.67
N LEU A 916 24.73 -37.45 53.77
CA LEU A 916 25.57 -38.47 54.36
C LEU A 916 26.85 -38.65 53.56
N ALA A 917 26.74 -38.64 52.23
N ALA A 917 26.74 -38.64 52.23
CA ALA A 917 27.93 -38.77 51.39
CA ALA A 917 27.93 -38.77 51.39
C ALA A 917 28.86 -37.58 51.56
C ALA A 917 28.86 -37.58 51.56
N SER A 918 28.31 -36.37 51.63
CA SER A 918 29.14 -35.19 51.79
C SER A 918 29.84 -35.15 53.14
N GLN A 919 29.19 -35.65 54.19
CA GLN A 919 29.84 -35.67 55.50
C GLN A 919 30.74 -36.89 55.70
N THR A 920 30.64 -37.90 54.83
CA THR A 920 31.55 -39.03 54.92
C THR A 920 32.80 -38.85 54.07
N ALA A 921 32.66 -38.34 52.84
CA ALA A 921 33.82 -38.15 51.98
C ALA A 921 34.68 -36.96 52.41
N ILE A 922 34.12 -36.02 53.18
CA ILE A 922 34.93 -34.88 53.69
C ILE A 922 35.74 -35.34 54.92
N GLU A 923 35.34 -36.46 55.53
CA GLU A 923 36.00 -36.93 56.74
C GLU A 923 36.94 -38.10 56.48
N MET A 924 36.62 -38.97 55.53
CA MET A 924 37.50 -40.10 55.24
C MET A 924 38.83 -39.64 54.67
N GLU A 925 38.82 -38.59 53.84
CA GLU A 925 40.08 -38.06 53.34
C GLU A 925 40.94 -37.53 54.48
N ALA A 926 40.33 -36.83 55.43
CA ALA A 926 41.08 -36.33 56.58
C ALA A 926 41.61 -37.48 57.43
N PHE A 927 40.85 -38.57 57.55
CA PHE A 927 41.34 -39.73 58.28
C PHE A 927 42.46 -40.44 57.55
N SER A 928 42.48 -40.37 56.22
CA SER A 928 43.45 -41.10 55.42
C SER A 928 44.90 -40.64 55.66
N ARG A 929 45.13 -39.64 56.49
CA ARG A 929 46.47 -39.18 56.81
C ARG A 929 46.94 -39.64 58.19
N THR A 930 46.36 -40.72 58.70
CA THR A 930 46.72 -41.26 60.01
C THR A 930 47.90 -42.21 59.96
N GLU A 931 48.48 -42.42 58.77
CA GLU A 931 49.64 -43.26 58.53
C GLU A 931 49.34 -44.74 58.76
N ASP A 932 48.14 -45.03 59.25
CA ASP A 932 47.68 -46.41 59.41
C ASP A 932 46.65 -46.80 58.36
N PHE A 933 46.17 -45.83 57.58
CA PHE A 933 45.20 -46.12 56.53
C PHE A 933 45.68 -47.16 55.52
N PRO A 934 46.92 -47.08 54.98
CA PRO A 934 47.35 -48.13 54.05
C PRO A 934 47.39 -49.51 54.67
N LYS A 935 47.66 -49.62 55.96
CA LYS A 935 47.66 -50.93 56.61
C LYS A 935 46.29 -51.58 56.53
N ILE A 936 45.24 -50.82 56.85
CA ILE A 936 43.88 -51.36 56.80
C ILE A 936 43.49 -51.64 55.36
N VAL A 937 43.87 -50.76 54.43
CA VAL A 937 43.52 -50.98 53.02
C VAL A 937 44.13 -52.28 52.53
N GLU A 938 45.39 -52.52 52.86
CA GLU A 938 46.07 -53.74 52.38
C GLU A 938 45.39 -54.96 52.99
N ALA A 939 45.12 -54.91 54.30
CA ALA A 939 44.59 -56.11 55.00
C ALA A 939 43.15 -56.44 54.58
N TYR A 940 42.21 -55.50 54.71
CA TYR A 940 40.78 -55.83 54.46
C TYR A 940 40.58 -56.55 53.14
N SER A 941 41.19 -56.06 52.06
CA SER A 941 40.89 -56.67 50.75
C SER A 941 42.01 -57.59 50.24
N ARG A 942 43.00 -57.93 51.07
CA ARG A 942 43.96 -58.97 50.65
C ARG A 942 43.09 -60.21 50.42
N PRO A 943 42.22 -60.65 51.36
CA PRO A 943 41.25 -61.71 51.09
C PRO A 943 40.38 -61.50 49.85
N THR A 944 39.97 -60.26 49.54
CA THR A 944 39.03 -60.01 48.41
C THR A 944 39.58 -60.54 47.08
N ARG A 945 40.89 -60.42 46.82
CA ARG A 945 41.42 -60.85 45.48
C ARG A 945 41.40 -62.37 45.36
N ILE A 946 41.19 -63.09 46.46
CA ILE A 946 41.12 -64.59 46.42
C ILE A 946 39.67 -65.00 46.09
N ILE A 947 38.68 -64.18 46.42
CA ILE A 947 37.28 -64.58 46.27
C ILE A 947 36.95 -64.79 44.80
N ARG A 948 37.38 -63.87 43.93
CA ARG A 948 37.02 -63.93 42.52
C ARG A 948 37.57 -65.20 41.88
N GLY A 949 36.72 -65.87 41.10
CA GLY A 949 37.05 -67.16 40.56
C GLY A 949 36.00 -68.20 40.91
N LYS A 950 36.39 -69.20 41.70
CA LYS A 950 35.46 -70.22 42.13
C LYS A 950 34.42 -69.63 43.07
N GLU A 951 33.16 -70.06 42.91
CA GLU A 951 32.05 -69.60 43.74
C GLU A 951 31.35 -70.74 44.45
N ILE A 952 32.02 -71.89 44.59
CA ILE A 952 31.40 -73.05 45.22
C ILE A 952 31.13 -72.81 46.70
N GLY A 953 31.93 -71.97 47.36
CA GLY A 953 31.77 -71.75 48.78
C GLY A 953 30.59 -70.89 49.17
N SER A 954 29.90 -70.30 48.20
CA SER A 954 28.75 -69.47 48.50
C SER A 954 27.49 -70.26 48.82
N ALA A 955 27.53 -71.58 48.66
CA ALA A 955 26.33 -72.38 48.89
C ALA A 955 26.00 -72.48 50.38
N LEU A 956 27.02 -72.60 51.22
CA LEU A 956 26.83 -72.80 52.66
C LEU A 956 27.51 -71.69 53.44
N GLU A 957 27.41 -71.79 54.77
CA GLU A 957 28.04 -70.84 55.67
C GLU A 957 28.93 -71.58 56.67
N VAL A 958 29.41 -70.86 57.69
CA VAL A 958 30.36 -71.45 58.63
C VAL A 958 29.65 -72.40 59.58
N ASP A 959 30.46 -73.23 60.23
CA ASP A 959 29.97 -74.19 61.21
C ASP A 959 31.11 -74.57 62.14
N ALA A 960 30.75 -75.18 63.26
CA ALA A 960 31.72 -75.58 64.28
C ALA A 960 31.87 -77.10 64.36
N SER A 961 31.80 -77.78 63.23
CA SER A 961 31.95 -79.23 63.17
C SER A 961 33.18 -79.67 62.40
N VAL A 962 33.35 -79.17 61.16
CA VAL A 962 34.49 -79.54 60.33
C VAL A 962 35.61 -78.52 60.42
N PHE A 963 35.59 -77.65 61.43
CA PHE A 963 36.60 -76.62 61.55
C PHE A 963 37.97 -77.23 61.88
N GLU A 964 39.00 -76.60 61.32
CA GLU A 964 40.37 -77.08 61.44
C GLU A 964 41.03 -76.42 62.66
N LYS A 965 42.35 -76.46 62.73
CA LYS A 965 43.13 -76.01 63.89
C LYS A 965 42.76 -74.61 64.35
N ASP A 966 43.15 -74.27 65.58
CA ASP A 966 42.64 -73.11 66.31
C ASP A 966 42.90 -71.77 65.62
N GLU A 967 43.72 -71.72 64.57
CA GLU A 967 43.95 -70.45 63.89
C GLU A 967 42.66 -69.93 63.27
N GLU A 968 41.98 -70.77 62.48
CA GLU A 968 40.74 -70.34 61.85
C GLU A 968 39.64 -70.10 62.89
N ARG A 969 39.64 -70.88 63.98
CA ARG A 969 38.66 -70.66 65.03
C ARG A 969 38.87 -69.30 65.70
N ALA A 970 40.14 -68.94 65.96
CA ALA A 970 40.42 -67.63 66.53
C ALA A 970 40.03 -66.51 65.58
N LEU A 971 40.32 -66.68 64.29
CA LEU A 971 39.92 -65.66 63.31
C LEU A 971 38.41 -65.52 63.26
N TRP A 972 37.68 -66.64 63.29
CA TRP A 972 36.22 -66.58 63.28
C TRP A 972 35.68 -65.90 64.53
N SER A 973 36.29 -66.19 65.68
CA SER A 973 35.87 -65.54 66.92
C SER A 973 36.09 -64.03 66.85
N ALA A 974 37.25 -63.62 66.32
CA ALA A 974 37.52 -62.19 66.18
C ALA A 974 36.54 -61.54 65.21
N TYR A 975 36.20 -62.24 64.13
CA TYR A 975 35.22 -61.73 63.18
C TYR A 975 33.86 -61.56 63.84
N LEU A 976 33.43 -62.55 64.63
CA LEU A 976 32.16 -62.44 65.33
C LEU A 976 32.18 -61.29 66.31
N GLU A 977 33.30 -61.09 67.00
CA GLU A 977 33.42 -59.98 67.94
C GLU A 977 33.31 -58.63 67.22
N VAL A 978 33.98 -58.50 66.08
CA VAL A 978 34.03 -57.20 65.41
C VAL A 978 32.74 -56.93 64.63
N ALA A 979 32.02 -57.96 64.21
CA ALA A 979 30.81 -57.74 63.43
C ALA A 979 29.71 -57.06 64.22
N ASP A 980 29.77 -57.11 65.56
CA ASP A 980 28.75 -56.46 66.36
C ASP A 980 28.75 -54.95 66.19
N LYS A 981 29.94 -54.34 66.10
CA LYS A 981 30.06 -52.90 66.00
C LYS A 981 29.94 -52.39 64.57
N ILE A 982 29.84 -53.26 63.58
CA ILE A 982 29.72 -52.85 62.18
C ILE A 982 28.32 -53.19 61.70
N HIS A 983 27.54 -52.16 61.43
CA HIS A 983 26.21 -52.27 60.84
C HIS A 983 26.07 -51.18 59.77
N PRO A 984 25.18 -51.40 58.78
CA PRO A 984 25.08 -50.44 57.68
C PRO A 984 24.75 -49.02 58.11
N GLY A 985 24.21 -48.83 59.31
CA GLY A 985 23.91 -47.51 59.84
C GLY A 985 25.03 -46.84 60.60
N VAL A 986 26.23 -47.42 60.63
CA VAL A 986 27.35 -46.85 61.37
C VAL A 986 28.11 -45.89 60.46
N ASP A 987 28.83 -44.97 61.09
CA ASP A 987 29.72 -44.07 60.39
C ASP A 987 31.15 -44.61 60.46
N ILE A 988 32.12 -43.81 60.01
CA ILE A 988 33.50 -44.27 59.87
C ILE A 988 34.38 -43.86 61.04
N LYS A 989 33.85 -43.18 62.04
CA LYS A 989 34.67 -42.73 63.16
C LYS A 989 35.31 -43.91 63.90
N ALA A 990 34.50 -44.91 64.24
CA ALA A 990 35.01 -46.09 64.95
C ALA A 990 35.35 -47.24 64.01
N PHE A 991 35.23 -47.04 62.70
CA PHE A 991 35.41 -48.12 61.74
C PHE A 991 36.81 -48.73 61.86
N ALA A 992 37.85 -47.92 61.62
CA ALA A 992 39.21 -48.43 61.68
C ALA A 992 39.60 -48.82 63.10
N ASP A 993 39.11 -48.07 64.10
CA ASP A 993 39.44 -48.39 65.48
C ASP A 993 38.92 -49.76 65.88
N ALA A 994 37.80 -50.20 65.30
CA ALA A 994 37.31 -51.55 65.53
C ALA A 994 37.91 -52.57 64.59
N SER A 995 38.33 -52.17 63.39
CA SER A 995 38.89 -53.11 62.43
C SER A 995 40.37 -53.41 62.70
N LEU A 996 41.04 -52.61 63.51
CA LEU A 996 42.46 -52.84 63.77
C LEU A 996 42.72 -54.16 64.48
N GLU A 997 41.80 -54.61 65.32
CA GLU A 997 42.01 -55.84 66.08
C GLU A 997 41.89 -57.10 65.22
N LEU A 998 41.25 -56.99 64.05
CA LEU A 998 41.10 -58.14 63.17
C LEU A 998 42.35 -58.44 62.36
N LEU A 999 43.26 -57.47 62.22
CA LEU A 999 44.38 -57.62 61.32
C LEU A 999 45.34 -58.73 61.76
N GLN A 1000 45.62 -58.81 63.06
CA GLN A 1000 46.68 -59.70 63.53
C GLN A 1000 46.41 -61.17 63.23
N PRO A 1001 45.24 -61.75 63.51
CA PRO A 1001 45.02 -63.16 63.16
C PRO A 1001 45.02 -63.42 61.68
N LEU A 1002 44.81 -62.40 60.84
CA LEU A 1002 44.71 -62.62 59.40
C LEU A 1002 46.01 -63.14 58.81
N GLU A 1003 47.15 -62.58 59.25
CA GLU A 1003 48.45 -63.02 58.76
C GLU A 1003 48.70 -64.48 59.14
N ASP A 1004 48.44 -64.82 60.41
CA ASP A 1004 48.63 -66.19 60.86
C ASP A 1004 47.72 -67.15 60.08
N PHE A 1005 46.51 -66.66 59.80
CA PHE A 1005 45.54 -67.49 59.06
C PHE A 1005 46.15 -67.88 57.72
N PHE A 1006 46.53 -66.90 56.91
CA PHE A 1006 47.03 -67.25 55.56
C PHE A 1006 48.30 -68.09 55.67
N THR A 1007 49.31 -67.65 56.45
CA THR A 1007 50.62 -68.37 56.49
C THR A 1007 50.56 -69.74 57.17
N ASN A 1008 49.41 -70.16 57.68
CA ASN A 1008 49.42 -71.46 58.40
C ASN A 1008 48.30 -72.35 57.89
N VAL A 1009 47.22 -71.75 57.41
CA VAL A 1009 46.06 -72.55 56.94
C VAL A 1009 46.15 -72.65 55.42
N PHE A 1010 45.83 -73.81 54.85
CA PHE A 1010 46.00 -73.99 53.37
C PHE A 1010 44.70 -73.69 52.65
N VAL A 1011 44.56 -72.45 52.17
CA VAL A 1011 43.34 -72.09 51.42
C VAL A 1011 43.35 -72.90 50.13
N MET A 1012 44.46 -73.62 49.86
CA MET A 1012 44.35 -74.37 48.62
C MET A 1012 43.30 -75.47 48.74
N ALA A 1013 42.47 -75.57 47.71
CA ALA A 1013 41.31 -76.48 47.74
C ALA A 1013 41.80 -77.91 47.52
N GLU A 1014 42.04 -78.61 48.62
CA GLU A 1014 42.36 -80.04 48.58
C GLU A 1014 41.17 -80.92 48.96
N ASP A 1015 40.30 -80.44 49.84
CA ASP A 1015 39.08 -81.13 50.23
C ASP A 1015 37.90 -80.20 49.99
N GLU A 1016 36.86 -80.72 49.35
CA GLU A 1016 35.76 -79.87 48.91
C GLU A 1016 35.05 -79.21 50.07
N LYS A 1017 34.77 -79.97 51.14
CA LYS A 1017 34.02 -79.41 52.27
C LYS A 1017 34.82 -78.31 52.96
N VAL A 1018 36.09 -78.58 53.26
CA VAL A 1018 36.91 -77.58 53.95
C VAL A 1018 37.15 -76.38 53.05
N ARG A 1019 37.29 -76.60 51.74
CA ARG A 1019 37.47 -75.49 50.82
C ARG A 1019 36.24 -74.60 50.79
N ASN A 1020 35.05 -75.20 50.73
CA ASN A 1020 33.82 -74.41 50.72
C ASN A 1020 33.66 -73.64 52.02
N ASN A 1021 33.92 -74.29 53.16
CA ASN A 1021 33.78 -73.61 54.44
C ASN A 1021 34.77 -72.45 54.56
N ARG A 1022 36.01 -72.70 54.14
CA ARG A 1022 37.04 -71.64 54.20
C ARG A 1022 36.57 -70.48 53.32
N LEU A 1023 36.18 -70.76 52.09
CA LEU A 1023 35.79 -69.72 51.16
C LEU A 1023 34.63 -68.90 51.71
N ALA A 1024 33.64 -69.56 52.30
CA ALA A 1024 32.51 -68.82 52.88
C ALA A 1024 32.97 -67.93 54.03
N LEU A 1025 33.82 -68.46 54.91
CA LEU A 1025 34.32 -67.66 56.03
C LEU A 1025 35.10 -66.45 55.52
N LEU A 1026 35.97 -66.67 54.52
CA LEU A 1026 36.75 -65.57 53.98
C LEU A 1026 35.87 -64.52 53.32
N THR A 1027 34.85 -64.95 52.58
CA THR A 1027 33.95 -63.99 51.93
C THR A 1027 33.21 -63.16 52.96
N LYS A 1028 32.69 -63.81 54.02
CA LYS A 1028 31.97 -63.04 55.02
C LYS A 1028 32.91 -62.14 55.83
N VAL A 1029 34.19 -62.50 55.95
CA VAL A 1029 35.16 -61.60 56.57
C VAL A 1029 35.39 -60.38 55.68
N ALA A 1030 35.57 -60.61 54.38
CA ALA A 1030 35.86 -59.53 53.44
C ALA A 1030 34.65 -58.68 53.10
N SER A 1031 33.45 -59.11 53.47
CA SER A 1031 32.23 -58.39 53.13
C SER A 1031 31.83 -57.34 54.15
N LEU A 1032 32.65 -57.10 55.17
CA LEU A 1032 32.27 -56.13 56.20
C LEU A 1032 32.06 -54.73 55.67
N PRO A 1033 32.95 -54.14 54.87
CA PRO A 1033 32.73 -52.77 54.40
C PRO A 1033 31.54 -52.61 53.47
N LYS A 1034 30.80 -53.66 53.17
CA LYS A 1034 29.60 -53.53 52.34
C LYS A 1034 28.55 -52.75 53.12
N GLY A 1035 28.49 -51.46 52.87
CA GLY A 1035 27.57 -50.58 53.56
C GLY A 1035 28.23 -49.30 54.05
N ILE A 1036 29.56 -49.24 53.98
CA ILE A 1036 30.30 -48.07 54.45
C ILE A 1036 31.07 -47.46 53.29
N ALA A 1037 31.99 -48.22 52.72
CA ALA A 1037 32.81 -47.73 51.62
C ALA A 1037 33.41 -48.92 50.88
N ASP A 1038 33.93 -48.65 49.69
CA ASP A 1038 34.56 -49.65 48.85
C ASP A 1038 36.05 -49.37 48.74
N LEU A 1039 36.83 -50.45 48.59
CA LEU A 1039 38.29 -50.37 48.62
C LEU A 1039 38.90 -50.76 47.27
N SER A 1040 38.16 -50.57 46.18
CA SER A 1040 38.70 -50.86 44.85
C SER A 1040 39.35 -49.62 44.26
N VAL A 1041 38.60 -48.51 44.21
CA VAL A 1041 39.13 -47.26 43.63
C VAL A 1041 40.12 -46.64 44.63
N LEU A 1042 40.59 -47.45 45.58
CA LEU A 1042 41.50 -46.93 46.62
C LEU A 1042 42.91 -46.78 46.06
N PRO A 1043 43.56 -45.60 46.22
CA PRO A 1043 44.90 -45.36 45.69
C PRO A 1043 45.95 -46.34 46.24
N GLY A 1044 45.89 -46.64 47.54
CA GLY A 1044 46.84 -47.56 48.18
C GLY A 1044 46.95 -48.89 47.44
N PHE A 1045 45.82 -49.42 46.97
CA PHE A 1045 45.80 -50.70 46.21
C PHE A 1045 46.85 -50.65 45.10
PG GTP B 1 30.14 -37.47 1.61
O1G GTP B 1 29.91 -36.04 1.81
O2G GTP B 1 30.75 -37.76 0.11
O3G GTP B 1 31.17 -37.71 2.62
O3B GTP B 1 28.78 -38.34 1.93
PB GTP B 1 27.24 -37.81 1.68
O1B GTP B 1 27.26 -36.58 0.90
O2B GTP B 1 26.49 -38.72 0.81
O3A GTP B 1 26.42 -37.68 3.11
PA GTP B 1 27.15 -37.40 4.55
O1A GTP B 1 26.25 -36.81 5.53
O2A GTP B 1 27.57 -38.64 5.21
O5' GTP B 1 28.38 -36.35 4.24
C5' GTP B 1 28.29 -35.04 4.73
C4' GTP B 1 27.45 -34.24 3.81
O4' GTP B 1 26.07 -34.31 4.36
C3' GTP B 1 27.90 -32.83 3.72
O3' GTP B 1 28.10 -32.42 2.33
C2' GTP B 1 26.87 -32.02 4.31
O2' GTP B 1 26.20 -31.23 3.28
C1' GTP B 1 25.85 -32.91 4.90
N9 GTP B 1 25.87 -32.92 6.33
C8 GTP B 1 25.80 -34.01 6.80
N7 GTP B 1 25.83 -33.85 8.13
C5 GTP B 1 25.93 -32.43 8.34
C6 GTP B 1 25.99 -31.62 9.43
O6 GTP B 1 25.99 -32.06 10.54
N1 GTP B 1 26.09 -30.31 9.26
C2 GTP B 1 26.10 -29.79 8.00
N2 GTP B 1 26.19 -28.35 7.83
N3 GTP B 1 26.02 -30.60 6.90
C4 GTP B 1 25.95 -31.91 7.04
N SER C 47 20.68 20.14 -15.18
CA SER C 47 20.22 19.29 -16.28
C SER C 47 18.70 19.23 -16.31
N VAL C 48 18.17 18.08 -16.73
CA VAL C 48 16.74 17.88 -16.82
C VAL C 48 16.19 17.39 -15.49
N LEU C 49 14.87 17.42 -15.32
CA LEU C 49 14.24 16.91 -14.12
C LEU C 49 14.13 15.40 -14.21
N THR C 50 14.60 14.71 -13.17
CA THR C 50 14.46 13.27 -13.11
C THR C 50 13.10 12.94 -12.52
N PHE C 51 12.82 11.66 -12.28
CA PHE C 51 11.48 11.30 -11.83
C PHE C 51 11.27 11.56 -10.35
N GLN C 52 12.29 11.47 -9.53
CA GLN C 52 12.07 11.73 -8.11
C GLN C 52 12.18 13.20 -7.76
N GLN C 53 12.94 13.98 -8.51
CA GLN C 53 12.95 15.42 -8.27
C GLN C 53 11.61 16.04 -8.59
N ALA C 54 10.90 15.51 -9.58
CA ALA C 54 9.56 16.03 -9.86
C ALA C 54 8.68 15.97 -8.63
N ILE C 55 8.67 14.83 -7.93
CA ILE C 55 7.89 14.72 -6.70
C ILE C 55 8.46 15.60 -5.60
N GLN C 56 9.78 15.52 -5.40
CA GLN C 56 10.40 16.26 -4.31
C GLN C 56 10.24 17.75 -4.46
N ARG C 57 9.86 18.23 -5.64
CA ARG C 57 9.55 19.64 -5.81
C ARG C 57 8.05 19.93 -5.83
N LEU C 58 7.24 19.04 -6.41
CA LEU C 58 5.81 19.28 -6.38
C LEU C 58 5.28 19.27 -4.96
N GLN C 59 5.67 18.30 -4.16
CA GLN C 59 5.06 18.18 -2.85
C GLN C 59 5.73 19.06 -1.81
N ASP C 60 6.71 19.87 -2.19
CA ASP C 60 7.11 20.92 -1.28
C ASP C 60 6.54 22.25 -1.72
N TYR C 61 6.38 22.48 -3.02
CA TYR C 61 5.64 23.67 -3.42
C TYR C 61 4.22 23.62 -2.87
N TRP C 62 3.49 22.54 -3.13
CA TRP C 62 2.13 22.46 -2.60
C TRP C 62 2.08 22.37 -1.09
N ALA C 63 3.22 22.32 -0.41
CA ALA C 63 3.25 22.43 1.04
C ALA C 63 3.55 23.84 1.50
N SER C 64 4.20 24.64 0.65
CA SER C 64 4.32 26.06 0.94
C SER C 64 2.96 26.75 0.86
N VAL C 65 2.09 26.30 -0.03
CA VAL C 65 0.77 26.90 -0.15
C VAL C 65 -0.08 26.61 1.09
N GLY C 66 -0.03 25.39 1.60
CA GLY C 66 -0.74 25.09 2.82
C GLY C 66 -1.42 23.74 2.87
N CYS C 67 -1.33 22.98 1.79
CA CYS C 67 -1.92 21.65 1.75
C CYS C 67 -1.18 20.72 2.70
N ALA C 68 -1.92 19.86 3.39
CA ALA C 68 -1.25 18.77 4.10
C ALA C 68 -0.73 17.76 3.10
N VAL C 69 0.33 17.06 3.45
CA VAL C 69 0.94 16.07 2.56
C VAL C 69 0.84 14.70 3.24
N MET C 70 -0.14 13.92 2.84
CA MET C 70 -0.37 12.60 3.40
C MET C 70 0.43 11.57 2.61
N GLN C 71 0.19 10.29 2.90
CA GLN C 71 0.74 9.19 2.13
C GLN C 71 -0.38 8.48 1.39
N CYS C 72 -0.01 7.62 0.46
CA CYS C 72 -0.98 6.88 -0.31
C CYS C 72 -1.68 5.88 0.61
N SER C 73 -2.56 5.07 0.06
CA SER C 73 -3.27 4.07 0.85
C SER C 73 -2.46 2.78 0.87
N ASN C 74 -3.09 1.70 1.33
CA ASN C 74 -2.49 0.38 1.24
C ASN C 74 -3.49 -0.64 0.70
N THR C 75 -4.34 -0.22 -0.22
CA THR C 75 -5.23 -1.11 -0.94
C THR C 75 -5.18 -0.72 -2.41
N GLU C 76 -5.39 -1.70 -3.29
CA GLU C 76 -5.32 -1.43 -4.72
C GLU C 76 -6.48 -0.59 -5.17
N VAL C 77 -6.19 0.53 -5.82
CA VAL C 77 -7.22 1.40 -6.38
C VAL C 77 -6.97 1.56 -7.87
N GLY C 78 -7.99 2.03 -8.57
CA GLY C 78 -7.88 2.23 -10.00
C GLY C 78 -7.60 3.67 -10.35
N ALA C 79 -7.90 4.57 -9.44
CA ALA C 79 -7.71 6.00 -9.67
C ALA C 79 -7.30 6.61 -8.36
N GLY C 80 -7.29 7.93 -8.29
CA GLY C 80 -6.97 8.60 -7.06
C GLY C 80 -8.21 9.12 -6.38
N THR C 81 -9.21 9.46 -7.18
CA THR C 81 -10.42 10.04 -6.62
C THR C 81 -11.26 9.02 -5.87
N MET C 82 -10.82 7.78 -5.80
CA MET C 82 -11.48 6.79 -4.95
C MET C 82 -10.64 6.39 -3.76
N ASN C 83 -9.57 7.08 -3.48
CA ASN C 83 -8.81 6.81 -2.28
C ASN C 83 -9.69 7.15 -1.09
N PRO C 84 -9.53 6.48 0.05
CA PRO C 84 -10.45 6.75 1.17
C PRO C 84 -10.49 8.20 1.61
N LEU C 85 -9.45 8.98 1.32
CA LEU C 85 -9.40 10.36 1.79
C LEU C 85 -9.54 11.37 0.67
N THR C 86 -10.23 11.03 -0.40
CA THR C 86 -10.81 12.04 -1.26
C THR C 86 -12.19 11.67 -1.78
N PHE C 87 -12.73 10.51 -1.43
CA PHE C 87 -14.14 10.24 -1.67
C PHE C 87 -14.96 10.44 -0.43
N LEU C 88 -14.41 10.12 0.74
CA LEU C 88 -15.15 10.28 1.96
C LEU C 88 -15.08 11.71 2.47
N ARG C 89 -13.89 12.30 2.48
CA ARG C 89 -13.64 13.56 3.18
C ARG C 89 -13.85 14.78 2.30
N VAL C 90 -14.72 14.69 1.28
CA VAL C 90 -15.26 15.89 0.66
C VAL C 90 -16.69 16.16 1.09
N LEU C 91 -17.32 15.23 1.79
CA LEU C 91 -18.71 15.39 2.23
C LEU C 91 -18.76 16.08 3.59
N GLY C 92 -19.55 17.15 3.68
CA GLY C 92 -19.72 17.86 4.91
C GLY C 92 -19.33 19.33 4.84
N PRO C 93 -19.31 20.00 5.97
CA PRO C 93 -18.86 21.39 6.00
C PRO C 93 -17.38 21.54 6.30
N GLU C 94 -16.62 20.47 6.15
CA GLU C 94 -15.31 20.35 6.77
C GLU C 94 -14.16 20.73 5.82
N PRO C 95 -13.40 21.78 6.12
CA PRO C 95 -12.33 22.22 5.21
C PRO C 95 -11.14 21.26 5.18
N TRP C 96 -10.71 20.87 3.97
CA TRP C 96 -9.83 19.72 3.77
C TRP C 96 -8.71 19.92 2.73
N ASN C 97 -7.86 20.92 2.88
CA ASN C 97 -6.76 21.09 1.92
C ASN C 97 -5.70 20.00 2.06
N VAL C 98 -5.63 19.06 1.10
CA VAL C 98 -4.68 17.96 1.22
C VAL C 98 -4.14 17.59 -0.16
N ALA C 99 -3.01 16.88 -0.19
CA ALA C 99 -2.32 16.57 -1.44
C ALA C 99 -1.33 15.43 -1.22
N TYR C 100 -1.43 14.38 -2.03
CA TYR C 100 -0.67 13.15 -1.82
C TYR C 100 -0.33 12.53 -3.17
N VAL C 101 0.39 11.43 -3.14
CA VAL C 101 0.87 10.75 -4.33
C VAL C 101 0.57 9.28 -4.22
N GLU C 102 -0.04 8.71 -5.25
CA GLU C 102 -0.37 7.30 -5.13
C GLU C 102 -0.28 6.63 -6.48
N PRO C 103 0.14 5.37 -6.52
CA PRO C 103 0.03 4.60 -7.76
C PRO C 103 -1.43 4.31 -8.05
N SER C 104 -1.68 3.83 -9.25
CA SER C 104 -3.02 3.41 -9.62
C SER C 104 -2.91 2.21 -10.53
N ILE C 105 -3.66 1.17 -10.21
CA ILE C 105 -3.56 -0.14 -10.82
C ILE C 105 -4.88 -0.45 -11.51
N ARG C 106 -4.86 -0.51 -12.83
CA ARG C 106 -6.03 -0.93 -13.58
C ARG C 106 -5.61 -2.02 -14.55
N PRO C 107 -6.07 -3.25 -14.38
CA PRO C 107 -5.46 -4.38 -15.07
C PRO C 107 -5.85 -4.53 -16.53
N ASP C 108 -7.03 -4.06 -16.93
CA ASP C 108 -7.44 -4.29 -18.31
C ASP C 108 -6.61 -3.48 -19.29
N ASP C 109 -5.73 -2.60 -18.79
CA ASP C 109 -4.79 -1.86 -19.63
C ASP C 109 -3.42 -2.50 -19.68
N SER C 110 -3.29 -3.76 -19.35
CA SER C 110 -2.00 -4.43 -19.33
C SER C 110 -1.68 -4.95 -20.72
N ARG C 111 -0.53 -4.57 -21.27
CA ARG C 111 -0.14 -4.96 -22.61
C ARG C 111 1.27 -5.49 -22.63
N TYR C 112 1.65 -6.26 -21.63
CA TYR C 112 2.96 -6.89 -21.50
C TYR C 112 4.09 -5.87 -21.48
N GLY C 113 3.79 -4.58 -21.31
CA GLY C 113 4.83 -3.57 -21.26
C GLY C 113 5.55 -3.41 -22.58
N ASP C 114 4.82 -3.16 -23.65
CA ASP C 114 5.44 -2.90 -24.94
C ASP C 114 5.01 -1.59 -25.58
N ASN C 115 3.73 -1.26 -25.54
CA ASN C 115 3.34 0.02 -26.11
C ASN C 115 3.72 1.14 -25.16
N PRO C 116 4.41 2.16 -25.65
CA PRO C 116 5.09 3.11 -24.76
C PRO C 116 4.17 4.04 -23.99
N ASN C 117 2.87 3.83 -23.98
CA ASN C 117 2.00 4.79 -23.30
C ASN C 117 1.11 4.14 -22.27
N ARG C 118 0.61 2.94 -22.54
CA ARG C 118 -0.31 2.30 -21.64
C ARG C 118 0.45 1.46 -20.63
N LEU C 119 0.11 1.63 -19.36
CA LEU C 119 0.68 0.85 -18.27
C LEU C 119 -0.45 0.32 -17.41
N GLN C 120 -0.20 -0.81 -16.78
CA GLN C 120 -1.14 -1.36 -15.82
C GLN C 120 -0.94 -0.80 -14.43
N ARG C 121 0.05 0.06 -14.23
CA ARG C 121 0.34 0.60 -12.92
C ARG C 121 1.08 1.93 -13.13
N HIS C 122 0.37 3.03 -12.97
CA HIS C 122 1.01 4.32 -13.19
C HIS C 122 0.76 5.26 -12.03
N THR C 123 1.74 6.12 -11.77
CA THR C 123 1.75 7.00 -10.61
C THR C 123 0.96 8.26 -10.91
N GLN C 124 0.21 8.75 -9.94
CA GLN C 124 -0.47 10.02 -10.10
C GLN C 124 0.04 11.00 -9.05
N PHE C 125 -0.57 12.18 -9.02
CA PHE C 125 -0.34 13.12 -7.94
C PHE C 125 -1.65 13.89 -7.77
N GLN C 126 -2.26 13.80 -6.60
CA GLN C 126 -3.61 14.32 -6.41
C GLN C 126 -3.60 15.45 -5.39
N VAL C 127 -4.31 16.53 -5.70
CA VAL C 127 -4.44 17.67 -4.81
C VAL C 127 -5.92 18.03 -4.74
N ILE C 128 -6.48 18.07 -3.54
CA ILE C 128 -7.85 18.52 -3.37
C ILE C 128 -7.88 19.71 -2.43
N LEU C 129 -8.68 20.71 -2.81
CA LEU C 129 -8.80 21.98 -2.12
C LEU C 129 -10.28 22.20 -1.84
N LYS C 130 -10.63 22.25 -0.56
CA LYS C 130 -11.98 22.53 -0.12
C LYS C 130 -11.90 23.43 1.10
N PRO C 131 -12.44 24.65 1.06
CA PRO C 131 -13.27 25.20 -0.01
C PRO C 131 -12.44 25.80 -1.12
N ASP C 132 -13.08 26.16 -2.22
CA ASP C 132 -12.39 26.71 -3.36
C ASP C 132 -11.77 28.05 -3.00
N PRO C 133 -10.45 28.21 -3.07
CA PRO C 133 -9.83 29.45 -2.57
C PRO C 133 -10.04 30.65 -3.46
N GLY C 134 -10.16 30.48 -4.77
CA GLY C 134 -10.35 31.61 -5.66
C GLY C 134 -9.24 31.77 -6.68
N ASN C 135 -8.00 31.54 -6.25
CA ASN C 135 -6.85 31.49 -7.14
C ASN C 135 -6.65 30.12 -7.74
N SER C 136 -7.68 29.28 -7.74
CA SER C 136 -7.45 27.86 -7.92
C SER C 136 -6.85 27.49 -9.25
N GLN C 137 -6.72 28.42 -10.20
CA GLN C 137 -5.95 28.12 -11.40
C GLN C 137 -4.89 29.16 -11.71
N ASP C 138 -4.52 29.98 -10.73
CA ASP C 138 -3.27 30.72 -10.78
C ASP C 138 -2.24 30.15 -9.81
N LEU C 139 -2.64 29.22 -8.95
CA LEU C 139 -1.67 28.42 -8.22
C LEU C 139 -1.13 27.30 -9.08
N PHE C 140 -1.96 26.79 -9.99
CA PHE C 140 -1.52 25.71 -10.87
C PHE C 140 -0.34 26.14 -11.72
N LEU C 141 -0.44 27.31 -12.35
CA LEU C 141 0.63 27.77 -13.22
C LEU C 141 1.87 28.20 -12.46
N HIS C 142 1.78 28.39 -11.15
CA HIS C 142 2.99 28.54 -10.37
C HIS C 142 3.60 27.19 -10.07
N SER C 143 2.75 26.17 -9.87
CA SER C 143 3.23 24.80 -9.75
C SER C 143 4.07 24.42 -10.95
N LEU C 144 3.57 24.69 -12.15
CA LEU C 144 4.25 24.25 -13.35
C LEU C 144 5.65 24.85 -13.42
N SER C 145 5.77 26.17 -13.35
CA SER C 145 7.11 26.74 -13.40
C SER C 145 7.91 26.43 -12.15
N ALA C 146 7.26 25.90 -11.10
CA ALA C 146 8.03 25.42 -9.96
C ALA C 146 8.76 24.13 -10.29
N LEU C 147 8.11 23.21 -10.99
CA LEU C 147 8.82 21.99 -11.33
C LEU C 147 9.73 22.14 -12.55
N GLY C 148 10.10 23.35 -12.92
CA GLY C 148 11.13 23.57 -13.89
C GLY C 148 10.67 23.82 -15.30
N ILE C 149 9.44 24.27 -15.50
CA ILE C 149 8.89 24.49 -16.82
C ILE C 149 8.89 25.99 -17.06
N ASN C 150 8.94 26.38 -18.32
CA ASN C 150 8.98 27.79 -18.68
C ASN C 150 7.63 28.16 -19.27
N VAL C 151 6.75 28.72 -18.45
CA VAL C 151 5.37 28.87 -18.85
C VAL C 151 5.14 30.05 -19.78
N ARG C 152 6.12 30.92 -19.96
CA ARG C 152 6.03 31.99 -20.96
C ARG C 152 6.48 31.53 -22.33
N GLU C 153 6.84 30.28 -22.47
CA GLU C 153 7.50 29.77 -23.66
C GLU C 153 6.74 28.63 -24.32
N HIS C 154 6.14 27.75 -23.54
CA HIS C 154 5.35 26.65 -24.08
C HIS C 154 3.94 27.14 -24.32
N ASP C 155 3.02 26.22 -24.58
CA ASP C 155 1.65 26.55 -24.93
C ASP C 155 0.70 25.78 -24.03
N ILE C 156 0.20 26.42 -22.99
CA ILE C 156 -0.69 25.79 -22.01
C ILE C 156 -2.12 26.13 -22.38
N ARG C 157 -2.94 25.11 -22.57
CA ARG C 157 -4.29 25.28 -23.06
C ARG C 157 -5.26 24.60 -22.12
N PHE C 158 -6.37 25.25 -21.83
CA PHE C 158 -7.42 24.69 -20.97
C PHE C 158 -8.57 24.25 -21.85
N VAL C 159 -8.56 22.99 -22.29
CA VAL C 159 -9.59 22.48 -23.18
C VAL C 159 -10.59 21.71 -22.35
N GLU C 160 -11.87 22.01 -22.52
CA GLU C 160 -12.88 21.53 -21.59
C GLU C 160 -13.10 20.03 -21.74
N ASP C 161 -13.36 19.38 -20.60
CA ASP C 161 -13.65 17.95 -20.58
C ASP C 161 -14.31 17.64 -19.24
N ASN C 162 -15.61 17.34 -19.26
CA ASN C 162 -16.31 17.06 -18.02
C ASN C 162 -15.89 15.72 -17.46
N TRP C 163 -16.40 15.40 -16.27
CA TRP C 163 -16.04 14.16 -15.62
C TRP C 163 -17.28 13.59 -14.94
N GLU C 164 -17.50 12.29 -15.12
CA GLU C 164 -18.64 11.64 -14.52
C GLU C 164 -18.27 10.19 -14.21
N SER C 165 -18.80 9.67 -13.12
CA SER C 165 -18.59 8.27 -12.81
C SER C 165 -19.82 7.73 -12.09
N PRO C 166 -20.58 6.83 -12.72
CA PRO C 166 -21.82 6.35 -12.08
C PRO C 166 -21.59 5.37 -10.96
N VAL C 167 -20.46 4.67 -10.94
CA VAL C 167 -20.19 3.70 -9.88
C VAL C 167 -20.08 4.40 -8.53
N LEU C 168 -19.30 5.47 -8.47
CA LEU C 168 -19.24 6.25 -7.24
C LEU C 168 -20.41 7.21 -7.12
N GLY C 169 -21.07 7.54 -8.22
CA GLY C 169 -22.15 8.51 -8.17
C GLY C 169 -21.67 9.94 -8.01
N ALA C 170 -20.64 10.33 -8.74
CA ALA C 170 -20.08 11.67 -8.65
C ALA C 170 -20.04 12.30 -10.03
N TRP C 171 -19.99 13.63 -10.06
CA TRP C 171 -19.67 14.33 -11.30
C TRP C 171 -19.19 15.74 -10.97
N GLY C 172 -18.62 16.37 -11.97
CA GLY C 172 -18.06 17.70 -11.81
C GLY C 172 -17.78 18.28 -13.18
N LEU C 173 -17.43 19.56 -13.17
CA LEU C 173 -17.18 20.27 -14.41
C LEU C 173 -15.78 20.85 -14.39
N GLY C 174 -15.09 20.82 -15.53
CA GLY C 174 -13.76 21.36 -15.56
C GLY C 174 -13.05 21.02 -16.84
N TRP C 175 -11.74 21.24 -16.83
CA TRP C 175 -10.92 21.25 -18.02
C TRP C 175 -9.84 20.18 -17.92
N GLU C 176 -9.13 20.02 -19.03
CA GLU C 176 -7.89 19.29 -19.07
C GLU C 176 -6.85 20.20 -19.69
N VAL C 177 -5.61 20.01 -19.31
CA VAL C 177 -4.55 20.96 -19.62
C VAL C 177 -3.64 20.37 -20.67
N TRP C 178 -3.56 21.00 -21.82
CA TRP C 178 -2.70 20.58 -22.91
C TRP C 178 -1.43 21.42 -22.91
N MET C 179 -0.30 20.80 -22.64
CA MET C 179 0.97 21.47 -22.85
C MET C 179 1.57 20.96 -24.14
N ASP C 180 1.61 21.82 -25.17
CA ASP C 180 2.18 21.45 -26.47
C ASP C 180 1.52 20.21 -27.03
N GLY C 181 0.21 20.14 -26.99
CA GLY C 181 -0.52 19.05 -27.58
C GLY C 181 -0.75 17.85 -26.67
N MET C 182 0.06 17.65 -25.64
CA MET C 182 -0.09 16.51 -24.74
C MET C 182 -1.05 16.85 -23.61
N GLU C 183 -2.05 16.01 -23.41
CA GLU C 183 -2.88 16.13 -22.22
C GLU C 183 -2.09 15.65 -21.01
N ILE C 184 -1.87 16.54 -20.05
CA ILE C 184 -1.04 16.21 -18.90
C ILE C 184 -1.79 16.22 -17.58
N THR C 185 -2.90 16.93 -17.46
CA THR C 185 -3.52 17.14 -16.16
C THR C 185 -5.03 17.29 -16.34
N GLN C 186 -5.77 16.89 -15.31
CA GLN C 186 -7.21 17.12 -15.23
C GLN C 186 -7.50 18.05 -14.06
N PHE C 187 -8.55 18.87 -14.20
CA PHE C 187 -8.84 19.98 -13.30
C PHE C 187 -10.35 20.09 -13.15
N THR C 188 -10.91 19.75 -12.00
CA THR C 188 -12.35 19.56 -11.89
C THR C 188 -12.92 20.21 -10.63
N TYR C 189 -14.11 20.83 -10.76
CA TYR C 189 -14.91 21.24 -9.62
C TYR C 189 -15.98 20.19 -9.36
N PHE C 190 -16.02 19.64 -8.14
CA PHE C 190 -16.96 18.57 -7.81
C PHE C 190 -18.34 19.11 -7.47
N GLN C 191 -19.38 18.35 -7.80
CA GLN C 191 -20.71 18.78 -7.38
C GLN C 191 -21.59 17.68 -6.81
N GLN C 192 -21.36 16.43 -7.16
CA GLN C 192 -21.99 15.31 -6.48
C GLN C 192 -20.95 14.30 -6.04
N SER C 193 -21.28 13.60 -4.97
CA SER C 193 -20.42 12.53 -4.47
C SER C 193 -21.32 11.60 -3.66
N GLY C 194 -21.23 10.30 -3.92
CA GLY C 194 -22.20 9.41 -3.35
C GLY C 194 -23.49 9.60 -4.12
N SER C 195 -24.49 10.19 -3.47
CA SER C 195 -25.63 10.68 -4.22
C SER C 195 -26.17 11.99 -3.65
N LEU C 196 -25.47 12.60 -2.71
CA LEU C 196 -25.88 13.82 -2.06
C LEU C 196 -25.03 14.99 -2.55
N PRO C 197 -25.63 16.15 -2.78
CA PRO C 197 -24.88 17.26 -3.34
C PRO C 197 -23.84 17.79 -2.37
N LEU C 198 -22.85 18.46 -2.92
CA LEU C 198 -21.70 18.95 -2.17
C LEU C 198 -21.95 20.36 -1.68
N LEU C 199 -21.45 20.65 -0.47
CA LEU C 199 -21.47 22.00 0.06
C LEU C 199 -20.39 22.16 1.12
N PRO C 200 -19.33 22.94 0.87
CA PRO C 200 -18.94 23.67 -0.34
C PRO C 200 -18.30 22.76 -1.38
N VAL C 201 -18.10 23.25 -2.60
CA VAL C 201 -17.59 22.41 -3.66
C VAL C 201 -16.07 22.33 -3.58
N SER C 202 -15.54 21.22 -4.04
CA SER C 202 -14.12 20.91 -3.99
C SER C 202 -13.47 21.13 -5.34
N VAL C 203 -12.17 21.40 -5.32
CA VAL C 203 -11.36 21.48 -6.53
C VAL C 203 -10.37 20.33 -6.51
N GLU C 204 -10.31 19.60 -7.62
CA GLU C 204 -9.46 18.43 -7.76
C GLU C 204 -8.48 18.64 -8.91
N ILE C 205 -7.19 18.55 -8.62
CA ILE C 205 -6.13 18.70 -9.61
C ILE C 205 -5.35 17.41 -9.61
N THR C 206 -5.23 16.75 -10.75
CA THR C 206 -4.58 15.44 -10.78
C THR C 206 -3.49 15.34 -11.84
N TYR C 207 -2.25 15.57 -11.43
CA TYR C 207 -1.12 15.44 -12.33
C TYR C 207 -0.87 13.97 -12.64
N GLY C 208 -0.39 13.72 -13.86
CA GLY C 208 0.08 12.40 -14.24
C GLY C 208 1.55 12.44 -14.55
N LEU C 209 2.39 11.79 -13.76
CA LEU C 209 3.82 12.09 -13.75
C LEU C 209 4.66 11.24 -14.68
N GLU C 210 4.09 10.46 -15.58
CA GLU C 210 4.87 9.82 -16.61
C GLU C 210 4.55 10.34 -17.99
N ARG C 211 3.42 11.00 -18.17
CA ARG C 211 3.17 11.72 -19.39
C ARG C 211 3.78 13.11 -19.37
N ILE C 212 4.21 13.57 -18.20
CA ILE C 212 4.93 14.84 -18.10
C ILE C 212 6.41 14.62 -18.30
N LEU C 213 6.96 13.57 -17.74
CA LEU C 213 8.39 13.36 -17.79
C LEU C 213 8.88 12.91 -19.15
N MET C 214 8.03 12.31 -19.96
CA MET C 214 8.46 11.98 -21.32
C MET C 214 8.52 13.23 -22.18
N SER C 215 7.66 14.21 -21.92
CA SER C 215 7.73 15.46 -22.66
C SER C 215 8.88 16.33 -22.19
N LEU C 216 9.08 16.44 -20.88
CA LEU C 216 10.13 17.29 -20.33
C LEU C 216 11.53 16.72 -20.53
N GLN C 217 11.66 15.59 -21.22
CA GLN C 217 12.94 14.90 -21.29
C GLN C 217 13.27 14.41 -22.68
N GLY C 218 12.36 14.51 -23.65
CA GLY C 218 12.65 14.05 -24.99
C GLY C 218 12.73 12.55 -25.13
N VAL C 219 11.79 11.83 -24.53
CA VAL C 219 11.81 10.37 -24.51
C VAL C 219 10.48 9.87 -25.05
N ASP C 220 10.52 8.81 -25.86
CA ASP C 220 9.32 8.27 -26.49
C ASP C 220 8.79 7.01 -25.84
N HIS C 221 9.61 6.27 -25.09
CA HIS C 221 9.23 5.00 -24.49
C HIS C 221 9.56 5.05 -23.00
N PHE C 222 8.58 4.72 -22.16
CA PHE C 222 8.73 4.95 -20.73
C PHE C 222 9.97 4.27 -20.14
N LYS C 223 10.40 3.16 -20.69
CA LYS C 223 11.53 2.44 -20.13
C LYS C 223 12.85 3.13 -20.39
N ASN C 224 12.84 4.39 -20.80
CA ASN C 224 14.05 5.21 -20.89
C ASN C 224 13.99 6.42 -19.96
N ILE C 225 12.91 6.57 -19.20
CA ILE C 225 12.78 7.69 -18.29
C ILE C 225 13.80 7.56 -17.17
N GLN C 226 14.59 8.60 -16.96
CA GLN C 226 15.62 8.59 -15.92
C GLN C 226 14.97 8.74 -14.57
N TYR C 227 15.04 7.71 -13.73
CA TYR C 227 14.42 7.79 -12.42
C TYR C 227 15.25 8.66 -11.48
N THR C 228 16.46 8.22 -11.17
CA THR C 228 17.39 9.14 -10.52
C THR C 228 18.73 9.06 -11.24
N LYS C 229 19.72 9.79 -10.75
CA LYS C 229 20.98 9.89 -11.47
C LYS C 229 21.62 8.51 -11.49
N GLY C 230 21.50 7.82 -12.62
CA GLY C 230 22.11 6.52 -12.77
C GLY C 230 21.17 5.39 -13.15
N ILE C 231 19.95 5.38 -12.60
CA ILE C 231 19.03 4.28 -12.78
C ILE C 231 17.85 4.75 -13.62
N THR C 232 17.29 3.83 -14.40
CA THR C 232 16.22 4.12 -15.33
C THR C 232 14.91 3.63 -14.74
N TYR C 233 13.80 4.02 -15.36
CA TYR C 233 12.49 3.58 -14.90
C TYR C 233 12.20 2.15 -15.33
N GLY C 234 12.60 1.78 -16.54
CA GLY C 234 12.44 0.40 -16.95
C GLY C 234 13.17 -0.54 -16.02
N GLU C 235 14.41 -0.24 -15.71
CA GLU C 235 15.20 -1.11 -14.86
C GLU C 235 14.71 -1.20 -13.42
N LEU C 236 13.57 -0.59 -13.10
CA LEU C 236 12.87 -0.85 -11.85
C LEU C 236 11.54 -1.53 -12.06
N PHE C 237 10.73 -1.05 -13.01
CA PHE C 237 9.35 -1.50 -13.08
C PHE C 237 9.06 -2.33 -14.31
N LEU C 238 10.08 -2.76 -15.06
CA LEU C 238 9.80 -3.44 -16.31
C LEU C 238 9.21 -4.81 -16.07
N GLU C 239 9.88 -5.65 -15.28
CA GLU C 239 9.34 -6.99 -15.11
C GLU C 239 8.07 -6.99 -14.27
N ASN C 240 7.88 -6.03 -13.38
CA ASN C 240 6.56 -5.90 -12.77
C ASN C 240 5.53 -5.52 -13.80
N GLU C 241 5.92 -4.76 -14.83
CA GLU C 241 4.98 -4.44 -15.88
C GLU C 241 4.71 -5.65 -16.75
N LYS C 242 5.67 -6.56 -16.82
CA LYS C 242 5.65 -7.67 -17.75
C LYS C 242 4.95 -8.90 -17.20
N GLU C 243 5.16 -9.23 -15.94
CA GLU C 243 4.63 -10.47 -15.37
C GLU C 243 3.49 -10.26 -14.38
N MET C 244 3.14 -9.04 -14.04
CA MET C 244 1.81 -8.82 -13.51
C MET C 244 0.77 -8.76 -14.61
N SER C 245 1.20 -8.48 -15.84
CA SER C 245 0.29 -8.57 -16.96
C SER C 245 -0.14 -9.99 -17.22
N ALA C 246 0.80 -10.94 -17.18
CA ALA C 246 0.43 -12.34 -17.37
C ALA C 246 -0.52 -12.82 -16.29
N TYR C 247 -0.41 -12.27 -15.08
CA TYR C 247 -1.33 -12.63 -14.03
C TYR C 247 -2.71 -12.03 -14.29
N TYR C 248 -2.78 -10.71 -14.45
CA TYR C 248 -4.07 -10.06 -14.66
C TYR C 248 -4.73 -10.47 -15.96
N LEU C 249 -3.99 -11.13 -16.85
CA LEU C 249 -4.44 -11.37 -18.22
C LEU C 249 -4.64 -12.82 -18.56
N GLU C 250 -3.88 -13.73 -18.00
CA GLU C 250 -4.07 -15.11 -18.43
C GLU C 250 -4.24 -16.11 -17.30
N HIS C 251 -3.49 -15.97 -16.20
CA HIS C 251 -3.41 -17.00 -15.17
C HIS C 251 -4.19 -16.66 -13.91
N ALA C 252 -5.00 -15.62 -13.93
CA ALA C 252 -5.75 -15.25 -12.75
C ALA C 252 -6.84 -16.29 -12.53
N ASN C 253 -6.79 -16.98 -11.40
CA ASN C 253 -7.80 -17.99 -11.10
C ASN C 253 -9.14 -17.29 -10.99
N VAL C 254 -10.13 -17.74 -11.76
CA VAL C 254 -11.30 -16.93 -12.03
C VAL C 254 -12.53 -17.40 -11.26
N ASP C 255 -12.38 -18.38 -10.38
CA ASP C 255 -13.46 -18.69 -9.46
C ASP C 255 -13.15 -18.29 -8.02
N ASN C 256 -11.90 -18.43 -7.60
CA ASN C 256 -11.47 -17.85 -6.34
C ASN C 256 -11.45 -16.34 -6.37
N ILE C 257 -11.86 -15.72 -7.47
CA ILE C 257 -12.22 -14.31 -7.48
C ILE C 257 -13.73 -14.12 -7.48
N GLN C 258 -14.48 -14.97 -8.19
CA GLN C 258 -15.93 -14.86 -8.16
C GLN C 258 -16.48 -15.10 -6.77
N LYS C 259 -15.80 -15.92 -5.97
CA LYS C 259 -16.25 -16.06 -4.59
C LYS C 259 -15.86 -14.87 -3.73
N HIS C 260 -14.63 -14.39 -3.89
CA HIS C 260 -14.18 -13.27 -3.08
C HIS C 260 -15.01 -12.04 -3.32
N PHE C 261 -15.52 -11.84 -4.54
CA PHE C 261 -16.37 -10.69 -4.78
C PHE C 261 -17.55 -10.69 -3.83
N ASP C 262 -18.28 -11.82 -3.77
CA ASP C 262 -19.46 -11.88 -2.91
C ASP C 262 -19.10 -11.87 -1.44
N ASP C 263 -17.97 -12.48 -1.07
CA ASP C 263 -17.55 -12.44 0.32
C ASP C 263 -17.31 -11.00 0.78
N PHE C 264 -16.56 -10.23 0.00
CA PHE C 264 -16.30 -8.83 0.34
C PHE C 264 -17.60 -8.03 0.34
N GLU C 265 -18.47 -8.28 -0.64
CA GLU C 265 -19.76 -7.58 -0.67
C GLU C 265 -20.52 -7.82 0.62
N GLU C 266 -20.61 -9.07 1.05
CA GLU C 266 -21.36 -9.40 2.26
C GLU C 266 -20.74 -8.73 3.49
N GLU C 267 -19.41 -8.76 3.60
CA GLU C 267 -18.81 -8.19 4.80
C GLU C 267 -19.00 -6.68 4.85
N ALA C 268 -18.91 -6.00 3.71
CA ALA C 268 -19.14 -4.57 3.71
C ALA C 268 -20.60 -4.24 3.96
N ARG C 269 -21.52 -5.12 3.58
CA ARG C 269 -22.92 -4.88 3.86
C ARG C 269 -23.25 -5.16 5.32
N SER C 270 -22.45 -6.01 5.97
CA SER C 270 -22.69 -6.31 7.38
C SER C 270 -22.09 -5.25 8.28
N LEU C 271 -20.88 -4.80 7.99
CA LEU C 271 -20.26 -3.79 8.86
C LEU C 271 -20.91 -2.42 8.72
N LEU C 272 -21.89 -2.27 7.84
CA LEU C 272 -22.71 -1.07 7.79
C LEU C 272 -23.91 -1.16 8.71
N SER C 273 -23.87 -2.08 9.66
CA SER C 273 -24.92 -2.22 10.66
C SER C 273 -24.43 -2.09 12.08
N LEU C 274 -23.13 -2.21 12.31
CA LEU C 274 -22.53 -1.78 13.56
C LEU C 274 -22.11 -0.33 13.52
N TRP C 275 -22.38 0.36 12.41
CA TRP C 275 -21.99 1.75 12.19
C TRP C 275 -20.48 1.90 12.21
N LEU C 276 -19.81 1.25 11.26
CA LEU C 276 -18.35 1.37 11.13
C LEU C 276 -18.00 1.74 9.69
N PRO C 277 -17.84 3.02 9.38
CA PRO C 277 -17.68 3.40 7.97
C PRO C 277 -16.34 3.04 7.36
N ILE C 278 -15.26 3.10 8.13
CA ILE C 278 -13.91 2.87 7.60
C ILE C 278 -13.76 1.48 7.01
N PRO C 279 -13.96 0.40 7.76
CA PRO C 279 -13.76 -0.92 7.14
C PRO C 279 -14.85 -1.23 6.15
N ALA C 280 -16.07 -0.75 6.40
CA ALA C 280 -17.17 -0.93 5.47
C ALA C 280 -16.94 -0.18 4.17
N TYR C 281 -15.93 0.66 4.08
CA TYR C 281 -15.53 1.18 2.79
C TYR C 281 -14.29 0.51 2.23
N ASP C 282 -13.35 0.09 3.08
CA ASP C 282 -12.20 -0.65 2.55
C ASP C 282 -12.65 -1.93 1.88
N HIS C 283 -13.71 -2.56 2.39
CA HIS C 283 -14.18 -3.77 1.72
C HIS C 283 -14.83 -3.46 0.38
N VAL C 284 -15.48 -2.31 0.25
CA VAL C 284 -15.96 -1.91 -1.07
C VAL C 284 -14.79 -1.69 -2.02
N LEU C 285 -13.70 -1.09 -1.52
CA LEU C 285 -12.52 -0.91 -2.37
C LEU C 285 -12.00 -2.24 -2.87
N LYS C 286 -11.76 -3.18 -1.96
CA LYS C 286 -11.19 -4.44 -2.40
C LYS C 286 -12.20 -5.39 -3.02
N ALA C 287 -13.47 -5.01 -3.11
CA ALA C 287 -14.39 -5.76 -3.95
C ALA C 287 -14.44 -5.20 -5.36
N SER C 288 -14.48 -3.87 -5.50
CA SER C 288 -14.41 -3.29 -6.82
C SER C 288 -13.06 -3.51 -7.47
N HIS C 289 -12.02 -3.84 -6.71
CA HIS C 289 -10.81 -4.33 -7.36
C HIS C 289 -11.02 -5.70 -7.96
N ALA C 290 -11.51 -6.65 -7.16
CA ALA C 290 -11.68 -8.01 -7.64
C ALA C 290 -12.64 -8.09 -8.82
N PHE C 291 -13.50 -7.10 -9.01
CA PHE C 291 -14.29 -7.10 -10.23
C PHE C 291 -13.46 -6.76 -11.46
N ASN C 292 -12.41 -5.94 -11.31
CA ASN C 292 -11.60 -5.57 -12.47
C ASN C 292 -10.82 -6.74 -13.03
N ILE C 293 -10.20 -7.56 -12.17
CA ILE C 293 -9.48 -8.72 -12.69
C ILE C 293 -10.42 -9.87 -13.04
N LEU C 294 -11.72 -9.70 -12.84
CA LEU C 294 -12.70 -10.54 -13.53
C LEU C 294 -12.91 -10.05 -14.94
N ASP C 295 -13.17 -8.74 -15.08
CA ASP C 295 -13.43 -8.18 -16.40
C ASP C 295 -12.23 -8.34 -17.33
N SER C 296 -11.01 -8.26 -16.80
CA SER C 296 -9.83 -8.38 -17.66
C SER C 296 -9.71 -9.76 -18.27
N ARG C 297 -9.94 -10.81 -17.47
CA ARG C 297 -9.88 -12.18 -17.94
C ARG C 297 -10.98 -12.52 -18.95
N GLY C 298 -11.93 -11.62 -19.16
CA GLY C 298 -13.02 -11.88 -20.07
C GLY C 298 -14.10 -12.79 -19.52
N PHE C 299 -14.01 -13.18 -18.25
CA PHE C 299 -15.00 -14.09 -17.69
C PHE C 299 -16.35 -13.42 -17.48
N VAL C 300 -16.38 -12.10 -17.39
CA VAL C 300 -17.67 -11.42 -17.33
C VAL C 300 -18.28 -11.42 -18.72
N GLY C 301 -19.47 -12.00 -18.84
CA GLY C 301 -20.19 -12.01 -20.09
C GLY C 301 -20.68 -10.63 -20.46
N VAL C 302 -21.71 -10.59 -21.30
CA VAL C 302 -22.24 -9.32 -21.77
C VAL C 302 -23.42 -8.82 -20.95
N THR C 303 -24.14 -9.72 -20.27
CA THR C 303 -25.33 -9.32 -19.53
C THR C 303 -25.10 -9.25 -18.02
N GLU C 304 -23.95 -9.66 -17.52
CA GLU C 304 -23.67 -9.58 -16.10
C GLU C 304 -23.11 -8.23 -15.68
N ARG C 305 -22.67 -7.40 -16.62
CA ARG C 305 -22.07 -6.13 -16.23
C ARG C 305 -23.12 -5.19 -15.64
N ALA C 306 -24.32 -5.16 -16.23
CA ALA C 306 -25.37 -4.32 -15.71
C ALA C 306 -25.80 -4.75 -14.32
N ARG C 307 -25.58 -6.01 -13.97
CA ARG C 307 -25.89 -6.46 -12.62
C ARG C 307 -24.76 -6.16 -11.65
N TYR C 308 -23.50 -6.33 -12.08
CA TYR C 308 -22.38 -6.08 -11.19
C TYR C 308 -22.27 -4.61 -10.84
N PHE C 309 -22.41 -3.73 -11.84
CA PHE C 309 -22.38 -2.30 -11.54
C PHE C 309 -23.45 -1.92 -10.54
N GLY C 310 -24.65 -2.48 -10.68
CA GLY C 310 -25.68 -2.20 -9.70
C GLY C 310 -25.36 -2.74 -8.33
N ARG C 311 -24.81 -3.96 -8.28
CA ARG C 311 -24.46 -4.54 -6.99
C ARG C 311 -23.47 -3.68 -6.24
N MET C 312 -22.55 -3.04 -6.97
CA MET C 312 -21.47 -2.30 -6.32
C MET C 312 -21.72 -0.80 -6.24
N ARG C 313 -22.75 -0.28 -6.91
CA ARG C 313 -23.02 1.14 -6.81
C ARG C 313 -23.74 1.49 -5.50
N SER C 314 -24.68 0.66 -5.09
CA SER C 314 -25.44 0.93 -3.88
C SER C 314 -24.68 0.61 -2.61
N LEU C 315 -23.41 0.22 -2.71
CA LEU C 315 -22.56 0.13 -1.54
C LEU C 315 -21.87 1.45 -1.28
N ALA C 316 -21.33 2.06 -2.34
CA ALA C 316 -20.80 3.41 -2.20
C ALA C 316 -21.91 4.43 -1.99
N ARG C 317 -23.11 4.16 -2.49
CA ARG C 317 -24.19 5.12 -2.28
C ARG C 317 -24.63 5.15 -0.83
N GLN C 318 -24.39 4.10 -0.06
CA GLN C 318 -24.85 4.08 1.31
C GLN C 318 -23.72 3.98 2.34
N CYS C 319 -22.46 3.97 1.90
CA CYS C 319 -21.39 4.31 2.82
C CYS C 319 -21.35 5.81 3.07
N ALA C 320 -21.72 6.60 2.05
CA ALA C 320 -21.65 8.05 2.15
C ALA C 320 -22.60 8.58 3.20
N GLN C 321 -23.85 8.11 3.21
CA GLN C 321 -24.83 8.58 4.16
C GLN C 321 -24.49 8.18 5.57
N LEU C 322 -23.67 7.15 5.75
CA LEU C 322 -23.22 6.80 7.09
C LEU C 322 -22.07 7.68 7.52
N TRP C 323 -21.14 7.97 6.62
CA TRP C 323 -20.00 8.81 6.99
C TRP C 323 -20.44 10.21 7.35
N VAL C 324 -21.34 10.79 6.55
CA VAL C 324 -21.72 12.17 6.79
C VAL C 324 -22.46 12.33 8.11
N LYS C 325 -23.03 11.24 8.64
CA LYS C 325 -23.69 11.29 9.94
C LYS C 325 -22.76 10.99 11.09
N THR C 326 -21.90 9.97 10.96
CA THR C 326 -20.95 9.70 12.04
C THR C 326 -20.02 10.87 12.24
N ARG C 327 -19.82 11.70 11.21
CA ARG C 327 -19.09 12.94 11.43
C ARG C 327 -19.85 13.88 12.34
N GLU C 328 -21.13 14.11 12.05
CA GLU C 328 -21.88 15.16 12.73
C GLU C 328 -22.31 14.77 14.13
N ASN C 329 -22.29 13.48 14.46
CA ASN C 329 -22.50 13.14 15.86
C ASN C 329 -21.29 13.45 16.74
N LEU C 330 -20.17 13.85 16.14
CA LEU C 330 -19.02 14.30 16.89
C LEU C 330 -18.97 15.82 17.07
N GLY C 331 -19.66 16.56 16.21
CA GLY C 331 -19.68 18.00 16.30
C GLY C 331 -18.77 18.73 15.34
N TYR C 332 -18.27 18.06 14.29
CA TYR C 332 -17.46 18.69 13.27
C TYR C 332 -16.21 19.34 13.88
N PRO C 333 -15.24 18.57 14.32
CA PRO C 333 -14.10 19.14 15.05
C PRO C 333 -13.12 19.91 14.18
N LEU C 334 -13.50 20.23 12.95
CA LEU C 334 -12.64 20.99 12.04
C LEU C 334 -13.35 22.24 11.55
N GLY C 335 -14.08 22.90 12.44
CA GLY C 335 -14.81 24.08 12.05
C GLY C 335 -16.00 23.75 11.18
N THR C 336 -16.65 24.81 10.71
CA THR C 336 -17.83 24.67 9.87
C THR C 336 -17.80 25.78 8.82
N TYR C 337 -18.35 25.49 7.64
CA TYR C 337 -18.40 26.46 6.57
C TYR C 337 -19.76 27.15 6.59
N GLN C 338 -19.76 28.44 6.89
CA GLN C 338 -20.94 29.29 6.77
C GLN C 338 -20.56 30.57 6.04
N GLU C 339 -21.56 31.20 5.44
CA GLU C 339 -21.33 32.47 4.75
C GLU C 339 -22.53 33.39 4.91
N VAL C 356 -25.60 66.14 -13.97
CA VAL C 356 -25.44 64.82 -14.57
C VAL C 356 -25.86 64.89 -16.04
N VAL C 357 -26.72 65.85 -16.37
CA VAL C 357 -27.27 65.96 -17.72
C VAL C 357 -26.17 66.34 -18.70
N GLY C 358 -26.09 65.58 -19.79
CA GLY C 358 -25.11 65.87 -20.82
C GLY C 358 -25.36 64.98 -22.02
N GLN C 359 -24.59 65.23 -23.06
CA GLN C 359 -24.79 64.50 -24.30
C GLN C 359 -24.53 63.01 -24.10
N PRO C 360 -25.09 62.16 -24.95
CA PRO C 360 -25.00 60.73 -24.71
C PRO C 360 -23.59 60.18 -24.80
N ARG C 361 -23.35 59.09 -24.07
CA ARG C 361 -22.07 58.43 -24.00
C ARG C 361 -22.27 56.93 -24.18
N ALA C 362 -21.22 56.24 -24.60
CA ALA C 362 -21.29 54.81 -24.86
C ALA C 362 -21.46 54.04 -23.56
N PHE C 363 -21.62 52.73 -23.68
CA PHE C 363 -21.87 51.89 -22.51
C PHE C 363 -21.37 50.48 -22.78
N VAL C 364 -20.37 50.04 -22.04
CA VAL C 364 -19.73 48.75 -22.31
C VAL C 364 -19.79 47.86 -21.09
N LEU C 365 -20.13 46.59 -21.30
CA LEU C 365 -20.32 45.66 -20.21
C LEU C 365 -19.67 44.34 -20.59
N GLU C 366 -18.65 43.96 -19.82
CA GLU C 366 -17.90 42.71 -20.05
C GLU C 366 -18.00 41.85 -18.80
N ILE C 367 -18.13 40.54 -18.98
CA ILE C 367 -18.27 39.62 -17.86
C ILE C 367 -17.14 38.60 -17.96
N GLY C 368 -16.00 38.89 -17.35
CA GLY C 368 -14.89 37.96 -17.39
C GLY C 368 -15.28 36.64 -16.78
N THR C 369 -14.60 35.58 -17.19
CA THR C 369 -14.96 34.23 -16.80
C THR C 369 -13.70 33.39 -16.78
N GLU C 370 -13.88 32.11 -16.48
CA GLU C 370 -12.88 31.13 -16.81
C GLU C 370 -13.35 30.37 -18.05
N GLU C 371 -12.40 29.71 -18.72
CA GLU C 371 -12.61 29.29 -20.11
C GLU C 371 -13.90 28.53 -20.32
N LEU C 372 -14.84 29.15 -21.02
CA LEU C 372 -16.11 28.54 -21.37
C LEU C 372 -15.89 27.50 -22.47
N PRO C 373 -16.84 26.59 -22.67
CA PRO C 373 -16.73 25.65 -23.78
C PRO C 373 -16.72 26.37 -25.11
N PRO C 374 -16.50 25.66 -26.23
CA PRO C 374 -16.49 26.34 -27.52
C PRO C 374 -17.86 26.68 -28.04
N HIS C 375 -18.92 26.07 -27.53
CA HIS C 375 -20.26 26.36 -28.00
C HIS C 375 -21.14 26.90 -26.89
N ASP C 376 -20.55 27.40 -25.81
CA ASP C 376 -21.26 28.21 -24.84
C ASP C 376 -20.94 29.68 -25.01
N VAL C 377 -20.02 30.01 -25.90
CA VAL C 377 -19.83 31.41 -26.26
C VAL C 377 -20.88 31.81 -27.28
N ILE C 378 -21.21 30.93 -28.22
CA ILE C 378 -22.11 31.30 -29.30
C ILE C 378 -23.55 31.39 -28.82
N GLU C 379 -23.99 30.48 -27.97
CA GLU C 379 -25.35 30.57 -27.46
C GLU C 379 -25.47 31.40 -26.20
N ALA C 380 -24.43 32.13 -25.80
CA ALA C 380 -24.54 33.07 -24.71
C ALA C 380 -24.14 34.47 -25.09
N THR C 381 -23.61 34.69 -26.29
CA THR C 381 -23.47 36.04 -26.80
C THR C 381 -24.68 36.45 -27.63
N LYS C 382 -25.76 35.68 -27.57
CA LYS C 382 -27.01 36.07 -28.21
C LYS C 382 -28.12 36.34 -27.22
N GLN C 383 -28.36 35.43 -26.29
CA GLN C 383 -29.38 35.63 -25.27
C GLN C 383 -28.90 36.57 -24.19
N LEU C 384 -27.83 37.32 -24.44
CA LEU C 384 -27.49 38.48 -23.65
C LEU C 384 -27.79 39.76 -24.42
N GLU C 385 -27.42 39.82 -25.69
CA GLU C 385 -27.75 41.01 -26.46
C GLU C 385 -29.25 41.16 -26.66
N LYS C 386 -29.97 40.07 -26.86
CA LYS C 386 -31.42 40.19 -26.98
C LYS C 386 -32.05 40.64 -25.68
N SER C 387 -31.67 40.01 -24.58
CA SER C 387 -32.15 40.34 -23.25
C SER C 387 -31.76 41.72 -22.79
N LEU C 388 -30.78 42.35 -23.44
CA LEU C 388 -30.50 43.75 -23.20
C LEU C 388 -31.29 44.67 -24.09
N ILE C 389 -31.47 44.29 -25.36
CA ILE C 389 -32.25 45.08 -26.30
C ILE C 389 -33.66 45.27 -25.79
N GLN C 390 -34.26 44.21 -25.25
CA GLN C 390 -35.62 44.32 -24.74
C GLN C 390 -35.71 45.30 -23.60
N ILE C 391 -34.88 45.12 -22.57
CA ILE C 391 -35.03 45.92 -21.35
C ILE C 391 -34.53 47.35 -21.52
N LEU C 392 -33.77 47.66 -22.56
CA LEU C 392 -33.41 49.07 -22.74
C LEU C 392 -34.61 49.89 -23.15
N GLU C 393 -35.53 49.33 -23.94
CA GLU C 393 -36.70 50.07 -24.40
C GLU C 393 -37.94 49.80 -23.56
N LYS C 394 -37.98 48.68 -22.83
CA LYS C 394 -39.05 48.49 -21.86
C LYS C 394 -39.08 49.62 -20.84
N ARG C 395 -37.91 50.17 -20.51
CA ARG C 395 -37.79 51.24 -19.52
C ARG C 395 -37.67 52.60 -20.16
N ARG C 396 -38.01 52.74 -21.44
CA ARG C 396 -38.15 54.03 -22.08
C ARG C 396 -36.82 54.78 -22.17
N LEU C 397 -35.84 54.13 -22.82
CA LEU C 397 -34.51 54.67 -23.03
C LEU C 397 -34.12 54.46 -24.49
N SER C 398 -33.42 55.43 -25.07
CA SER C 398 -33.08 55.42 -26.48
C SER C 398 -31.57 55.31 -26.68
N HIS C 399 -31.16 54.66 -27.76
CA HIS C 399 -29.76 54.32 -27.96
C HIS C 399 -29.46 54.24 -29.45
N GLY C 400 -28.36 53.58 -29.79
CA GLY C 400 -27.92 53.42 -31.17
C GLY C 400 -27.45 52.02 -31.50
N LYS C 401 -26.25 51.90 -32.06
CA LYS C 401 -25.76 50.64 -32.62
C LYS C 401 -25.26 49.70 -31.52
N VAL C 402 -26.07 48.71 -31.18
CA VAL C 402 -25.73 47.72 -30.17
C VAL C 402 -25.00 46.56 -30.83
N ARG C 403 -23.98 46.02 -30.16
CA ARG C 403 -23.09 45.07 -30.81
C ARG C 403 -22.41 44.19 -29.77
N SER C 404 -22.47 42.87 -29.95
CA SER C 404 -21.92 41.93 -28.98
C SER C 404 -20.56 41.40 -29.42
N TYR C 405 -19.88 40.72 -28.50
CA TYR C 405 -18.59 40.11 -28.80
C TYR C 405 -18.41 38.90 -27.90
N GLY C 406 -17.33 38.16 -28.10
CA GLY C 406 -17.10 36.95 -27.34
C GLY C 406 -15.65 36.54 -27.35
N THR C 407 -15.29 35.72 -26.37
CA THR C 407 -13.95 35.12 -26.27
C THR C 407 -14.08 34.00 -25.26
N PRO C 408 -13.22 32.98 -25.27
CA PRO C 408 -13.35 31.92 -24.27
C PRO C 408 -13.42 32.40 -22.83
N ARG C 409 -12.98 33.61 -22.52
CA ARG C 409 -13.04 34.11 -21.16
C ARG C 409 -13.53 35.55 -21.05
N ARG C 410 -14.45 35.98 -21.91
CA ARG C 410 -15.19 37.22 -21.67
C ARG C 410 -16.32 37.30 -22.67
N LEU C 411 -17.41 37.96 -22.25
CA LEU C 411 -18.61 38.13 -23.08
C LEU C 411 -18.99 39.61 -23.07
N ALA C 412 -18.46 40.37 -24.01
CA ALA C 412 -18.67 41.81 -23.96
C ALA C 412 -19.89 42.22 -24.78
N VAL C 413 -20.45 43.37 -24.42
CA VAL C 413 -21.53 44.01 -25.13
C VAL C 413 -21.23 45.50 -25.17
N VAL C 414 -21.50 46.14 -26.30
CA VAL C 414 -21.30 47.58 -26.43
C VAL C 414 -22.56 48.21 -26.98
N VAL C 415 -23.11 49.19 -26.26
CA VAL C 415 -24.23 50.00 -26.74
C VAL C 415 -23.72 51.40 -26.92
N GLU C 416 -23.88 51.94 -28.12
CA GLU C 416 -23.24 53.21 -28.46
C GLU C 416 -24.19 54.38 -28.23
N ASN C 417 -23.61 55.53 -27.85
CA ASN C 417 -24.31 56.76 -27.49
C ASN C 417 -25.63 56.52 -26.78
N LEU C 418 -25.59 55.90 -25.61
CA LEU C 418 -26.76 55.69 -24.79
C LEU C 418 -27.24 57.01 -24.19
N ASN C 419 -28.54 57.10 -23.95
CA ASN C 419 -29.15 58.30 -23.38
C ASN C 419 -28.59 58.60 -21.99
N MET C 420 -29.01 59.73 -21.43
CA MET C 420 -28.64 60.09 -20.08
C MET C 420 -29.82 60.18 -19.14
N LYS C 421 -31.05 60.23 -19.65
CA LYS C 421 -32.28 60.21 -18.86
C LYS C 421 -33.34 59.43 -19.63
N GLN C 422 -34.43 59.13 -18.96
CA GLN C 422 -35.54 58.49 -19.64
C GLN C 422 -36.29 59.52 -20.50
N MET C 423 -37.19 59.03 -21.34
CA MET C 423 -37.77 59.88 -22.38
C MET C 423 -38.71 60.94 -21.83
N GLU C 424 -39.42 60.64 -20.74
CA GLU C 424 -40.23 61.62 -20.01
C GLU C 424 -41.31 62.25 -20.90
N GLU C 425 -42.27 61.40 -21.28
CA GLU C 425 -43.47 61.88 -21.95
C GLU C 425 -44.69 61.31 -21.23
N GLU C 426 -45.84 61.97 -21.44
CA GLU C 426 -47.08 61.58 -20.78
C GLU C 426 -47.91 60.68 -21.70
N ILE C 427 -48.39 59.57 -21.16
CA ILE C 427 -49.06 58.54 -21.94
C ILE C 427 -50.44 58.28 -21.37
N GLU C 428 -51.38 57.92 -22.24
CA GLU C 428 -52.70 57.49 -21.80
C GLU C 428 -52.65 56.10 -21.19
N LEU C 429 -53.65 55.79 -20.36
CA LEU C 429 -53.66 54.50 -19.67
C LEU C 429 -55.09 54.26 -19.18
N ARG C 430 -55.75 53.25 -19.75
CA ARG C 430 -57.14 52.95 -19.39
C ARG C 430 -57.22 51.76 -18.46
N GLY C 431 -58.15 51.81 -17.51
CA GLY C 431 -58.23 50.84 -16.44
C GLY C 431 -59.46 49.97 -16.49
N PRO C 432 -60.22 49.93 -15.39
CA PRO C 432 -61.36 49.04 -15.32
C PRO C 432 -62.57 49.69 -15.96
N PRO C 433 -63.55 48.89 -16.42
CA PRO C 433 -64.74 49.47 -17.05
C PRO C 433 -65.62 50.18 -16.05
N VAL C 434 -66.54 51.03 -16.52
CA VAL C 434 -67.40 51.76 -15.59
C VAL C 434 -68.31 50.83 -14.83
N ALA C 435 -68.45 49.58 -15.27
CA ALA C 435 -69.33 48.65 -14.57
C ALA C 435 -68.74 48.22 -13.24
N LYS C 436 -67.47 47.79 -13.23
CA LYS C 436 -66.88 47.25 -12.00
C LYS C 436 -66.64 48.35 -10.97
N ALA C 437 -65.96 49.42 -11.36
CA ALA C 437 -65.55 50.46 -10.42
C ALA C 437 -66.63 51.51 -10.24
N PHE C 438 -67.02 52.17 -11.32
CA PHE C 438 -67.92 53.31 -11.23
C PHE C 438 -69.32 52.85 -10.85
N ASP C 439 -70.05 53.74 -10.18
CA ASP C 439 -71.45 53.49 -9.84
C ASP C 439 -72.13 54.83 -9.55
N GLN C 440 -73.45 54.82 -9.66
CA GLN C 440 -74.24 56.02 -9.38
C GLN C 440 -74.24 56.27 -7.88
N GLU C 441 -73.73 57.44 -7.47
CA GLU C 441 -73.50 57.79 -6.08
C GLU C 441 -72.55 56.81 -5.39
N GLY C 442 -71.90 55.96 -6.17
CA GLY C 442 -70.96 54.99 -5.65
C GLY C 442 -69.76 54.84 -6.55
N ARG C 443 -69.29 55.94 -7.16
CA ARG C 443 -68.22 55.88 -8.13
C ARG C 443 -66.98 55.19 -7.55
N PRO C 444 -66.41 55.65 -6.42
CA PRO C 444 -65.30 54.88 -5.83
C PRO C 444 -65.78 53.69 -5.02
N THR C 445 -65.69 52.47 -5.58
CA THR C 445 -66.10 51.33 -4.77
C THR C 445 -64.93 50.60 -4.13
N LYS C 446 -64.20 49.83 -4.93
CA LYS C 446 -62.97 49.22 -4.47
C LYS C 446 -61.97 49.18 -5.62
N ALA C 447 -62.45 49.39 -6.83
CA ALA C 447 -61.60 49.32 -7.99
C ALA C 447 -61.11 50.68 -8.45
N ALA C 448 -61.94 51.71 -8.38
CA ALA C 448 -61.48 53.05 -8.75
C ALA C 448 -60.34 53.51 -7.85
N GLU C 449 -60.44 53.25 -6.56
CA GLU C 449 -59.37 53.63 -5.65
C GLU C 449 -58.11 52.84 -5.95
N GLY C 450 -58.23 51.54 -6.24
CA GLY C 450 -57.07 50.78 -6.63
C GLY C 450 -56.49 51.20 -7.96
N PHE C 451 -57.31 51.84 -8.80
CA PHE C 451 -56.86 52.28 -10.12
C PHE C 451 -56.20 53.65 -10.05
N CYS C 452 -56.56 54.47 -9.07
CA CYS C 452 -55.87 55.75 -8.88
C CYS C 452 -54.72 55.68 -7.88
N ARG C 453 -54.71 54.71 -6.97
CA ARG C 453 -53.64 54.63 -5.98
C ARG C 453 -52.31 54.25 -6.62
N LYS C 454 -52.32 53.23 -7.48
CA LYS C 454 -51.10 52.84 -8.17
C LYS C 454 -50.65 53.88 -9.18
N ASN C 455 -51.38 54.98 -9.31
CA ASN C 455 -51.01 56.02 -10.25
C ASN C 455 -51.05 57.41 -9.65
N ASN C 456 -51.58 57.56 -8.43
CA ASN C 456 -51.47 58.72 -7.55
C ASN C 456 -51.98 60.01 -8.16
N VAL C 457 -52.54 59.94 -9.37
CA VAL C 457 -53.20 61.09 -9.96
C VAL C 457 -54.43 61.34 -9.08
N PRO C 458 -54.84 62.58 -8.86
CA PRO C 458 -56.05 62.80 -8.05
C PRO C 458 -57.29 62.22 -8.70
N ILE C 459 -58.23 61.82 -7.84
CA ILE C 459 -59.36 61.00 -8.27
C ILE C 459 -60.37 61.76 -9.10
N ASP C 460 -60.31 63.10 -9.11
CA ASP C 460 -61.18 63.90 -9.95
C ASP C 460 -60.54 64.30 -11.28
N SER C 461 -59.43 63.66 -11.67
CA SER C 461 -58.80 63.91 -12.96
C SER C 461 -59.09 62.80 -13.97
N LEU C 462 -60.28 62.20 -13.91
CA LEU C 462 -60.65 61.10 -14.78
C LEU C 462 -61.73 61.56 -15.75
N TYR C 463 -61.83 60.86 -16.89
CA TYR C 463 -62.89 61.13 -17.85
C TYR C 463 -63.17 59.85 -18.63
N ARG C 464 -64.18 59.93 -19.49
CA ARG C 464 -64.71 58.76 -20.19
C ARG C 464 -64.36 58.81 -21.66
N ARG C 465 -64.33 57.64 -22.28
CA ARG C 465 -64.06 57.51 -23.70
C ARG C 465 -64.82 56.31 -24.24
N THR C 466 -65.20 56.38 -25.51
CA THR C 466 -65.89 55.28 -26.17
C THR C 466 -64.91 54.14 -26.41
N ASP C 467 -64.59 53.43 -25.33
CA ASP C 467 -63.70 52.28 -25.39
C ASP C 467 -64.56 51.04 -25.63
N GLY C 468 -65.05 50.93 -26.86
CA GLY C 468 -65.92 49.81 -27.22
C GLY C 468 -67.33 50.02 -26.71
N LYS C 469 -67.50 50.09 -25.39
CA LYS C 469 -68.81 50.26 -24.78
C LYS C 469 -68.89 51.53 -23.94
N THR C 470 -68.07 52.54 -24.28
CA THR C 470 -68.06 53.83 -23.57
C THR C 470 -67.92 53.60 -22.06
N GLU C 471 -66.79 53.00 -21.72
CA GLU C 471 -66.49 52.64 -20.34
C GLU C 471 -64.99 52.82 -20.16
N TYR C 472 -64.45 52.20 -19.11
CA TYR C 472 -63.03 52.22 -18.81
C TYR C 472 -62.53 53.65 -18.55
N ILE C 473 -63.01 54.22 -17.44
CA ILE C 473 -62.47 55.49 -16.97
C ILE C 473 -60.95 55.39 -16.87
N TYR C 474 -60.28 56.52 -17.02
CA TYR C 474 -58.83 56.54 -17.08
C TYR C 474 -58.31 57.95 -16.85
N ALA C 475 -57.00 58.12 -17.01
CA ALA C 475 -56.36 59.43 -16.84
C ALA C 475 -54.96 59.37 -17.44
N ARG C 476 -54.17 60.40 -17.15
CA ARG C 476 -52.78 60.51 -17.58
C ARG C 476 -51.83 60.12 -16.46
N VAL C 477 -50.54 60.01 -16.80
CA VAL C 477 -49.49 59.71 -15.86
C VAL C 477 -48.21 60.42 -16.28
N LYS C 478 -47.15 60.23 -15.50
CA LYS C 478 -45.84 60.81 -15.76
C LYS C 478 -44.80 59.71 -15.93
N GLU C 479 -43.68 60.06 -16.55
CA GLU C 479 -42.65 59.08 -16.91
C GLU C 479 -41.49 59.03 -15.93
N SER C 480 -41.26 60.10 -15.16
CA SER C 480 -40.31 60.10 -14.05
C SER C 480 -38.88 59.79 -14.53
N ALA C 481 -38.32 60.74 -15.27
CA ALA C 481 -36.93 60.70 -15.67
C ALA C 481 -36.04 60.27 -14.50
N ARG C 482 -35.18 59.27 -14.75
CA ARG C 482 -34.35 58.70 -13.69
C ARG C 482 -32.92 58.43 -14.17
N PHE C 483 -32.33 59.40 -14.86
CA PHE C 483 -30.87 59.54 -14.94
C PHE C 483 -30.08 58.42 -15.57
N ALA C 484 -30.73 57.35 -16.00
CA ALA C 484 -30.14 56.33 -16.86
C ALA C 484 -28.92 55.64 -16.27
N ASP C 485 -28.54 55.95 -15.04
CA ASP C 485 -27.53 55.15 -14.36
C ASP C 485 -28.00 54.65 -13.01
N GLU C 486 -29.14 55.12 -12.50
CA GLU C 486 -29.84 54.44 -11.43
C GLU C 486 -30.95 53.55 -11.95
N VAL C 487 -31.19 53.54 -13.26
CA VAL C 487 -32.12 52.58 -13.82
C VAL C 487 -31.43 51.25 -14.03
N LEU C 488 -30.23 51.28 -14.59
CA LEU C 488 -29.52 50.05 -14.92
C LEU C 488 -29.11 49.27 -13.67
N THR C 489 -28.92 49.95 -12.54
CA THR C 489 -28.54 49.25 -11.31
C THR C 489 -29.60 48.24 -10.91
N GLU C 490 -30.88 48.56 -11.14
CA GLU C 490 -31.99 47.71 -10.75
C GLU C 490 -32.22 46.57 -11.73
N ASP C 491 -31.81 46.73 -12.99
CA ASP C 491 -32.18 45.82 -14.06
C ASP C 491 -31.03 45.00 -14.60
N LEU C 492 -29.79 45.35 -14.31
CA LEU C 492 -28.67 44.56 -14.79
C LEU C 492 -28.55 43.20 -14.12
N PRO C 493 -28.60 43.06 -12.79
CA PRO C 493 -28.45 41.72 -12.22
C PRO C 493 -29.46 40.73 -12.76
N THR C 494 -30.71 41.14 -12.97
CA THR C 494 -31.67 40.22 -13.58
C THR C 494 -31.41 40.00 -15.05
N ILE C 495 -30.62 40.88 -15.70
CA ILE C 495 -30.15 40.57 -17.04
C ILE C 495 -29.12 39.46 -16.99
N ILE C 496 -28.07 39.65 -16.19
CA ILE C 496 -26.95 38.72 -16.18
C ILE C 496 -27.38 37.37 -15.63
N SER C 497 -28.34 37.36 -14.70
CA SER C 497 -28.83 36.09 -14.19
C SER C 497 -29.72 35.37 -15.16
N GLY C 498 -30.09 35.99 -16.26
CA GLY C 498 -31.03 35.40 -17.19
C GLY C 498 -30.43 34.34 -18.07
N ILE C 499 -29.14 34.49 -18.41
CA ILE C 499 -28.51 33.58 -19.35
C ILE C 499 -28.55 32.17 -18.80
N SER C 500 -28.89 31.21 -19.66
CA SER C 500 -29.11 29.84 -19.24
C SER C 500 -28.35 28.89 -20.15
N PHE C 501 -27.68 27.92 -19.55
CA PHE C 501 -26.90 26.91 -20.25
C PHE C 501 -27.46 25.53 -19.97
N PRO C 502 -27.08 24.52 -20.74
CA PRO C 502 -27.49 23.15 -20.40
C PRO C 502 -26.77 22.58 -19.19
N LYS C 503 -25.47 22.79 -19.07
CA LYS C 503 -24.69 22.32 -17.93
C LYS C 503 -24.17 23.52 -17.16
N SER C 504 -24.22 23.44 -15.84
CA SER C 504 -24.01 24.63 -15.01
C SER C 504 -23.42 24.26 -13.66
N MET C 505 -22.78 25.23 -13.02
CA MET C 505 -21.93 25.02 -11.87
C MET C 505 -22.39 25.84 -10.67
N ARG C 506 -21.71 25.64 -9.54
CA ARG C 506 -21.77 26.49 -8.38
C ARG C 506 -20.36 26.56 -7.80
N TRP C 507 -19.96 27.74 -7.37
CA TRP C 507 -18.59 27.75 -6.87
C TRP C 507 -18.47 28.27 -5.45
N ASN C 508 -19.20 29.33 -5.09
CA ASN C 508 -19.12 29.82 -3.73
C ASN C 508 -20.48 30.19 -3.15
N SER C 509 -21.55 29.94 -3.88
CA SER C 509 -22.88 30.29 -3.43
C SER C 509 -23.87 29.47 -4.24
N ASN C 510 -25.15 29.76 -4.10
CA ASN C 510 -26.16 29.05 -4.87
C ASN C 510 -26.45 29.70 -6.21
N ILE C 511 -25.66 30.70 -6.62
CA ILE C 511 -25.77 31.21 -7.98
C ILE C 511 -25.24 30.16 -8.94
N VAL C 512 -25.82 30.09 -10.12
CA VAL C 512 -25.49 29.08 -11.11
C VAL C 512 -24.96 29.77 -12.36
N PHE C 513 -23.84 29.26 -12.89
CA PHE C 513 -23.30 29.71 -14.16
C PHE C 513 -22.50 28.56 -14.76
N SER C 514 -22.05 28.74 -15.98
CA SER C 514 -21.36 27.63 -16.65
C SER C 514 -19.91 27.53 -16.22
N ARG C 515 -19.29 28.66 -15.87
CA ARG C 515 -17.95 28.71 -15.30
C ARG C 515 -17.90 29.87 -14.32
N PRO C 516 -17.00 29.82 -13.36
CA PRO C 516 -16.96 30.88 -12.35
C PRO C 516 -16.70 32.25 -12.96
N ILE C 517 -17.42 33.25 -12.49
CA ILE C 517 -17.20 34.63 -12.92
C ILE C 517 -16.14 35.25 -12.03
N ARG C 518 -15.20 35.96 -12.63
CA ARG C 518 -14.09 36.52 -11.87
C ARG C 518 -14.03 38.03 -11.85
N TRP C 519 -14.51 38.71 -12.88
CA TRP C 519 -14.48 40.17 -12.87
C TRP C 519 -15.63 40.67 -13.72
N ILE C 520 -16.14 41.84 -13.38
CA ILE C 520 -17.18 42.49 -14.17
C ILE C 520 -16.75 43.91 -14.46
N PHE C 521 -16.71 44.26 -15.74
CA PHE C 521 -16.28 45.58 -16.18
C PHE C 521 -17.47 46.21 -16.84
N ALA C 522 -18.16 47.09 -16.13
CA ALA C 522 -19.36 47.71 -16.66
C ALA C 522 -19.23 49.20 -16.42
N LEU C 523 -19.10 49.95 -17.51
CA LEU C 523 -18.88 51.42 -17.42
C LEU C 523 -19.83 52.13 -18.39
N HIS C 524 -19.95 53.44 -18.30
CA HIS C 524 -20.87 54.23 -19.12
C HIS C 524 -20.30 55.63 -19.19
N GLY C 525 -19.70 55.98 -20.31
CA GLY C 525 -19.11 57.28 -20.44
C GLY C 525 -17.78 57.28 -19.74
N ASP C 526 -17.73 57.93 -18.58
CA ASP C 526 -16.58 57.84 -17.70
C ASP C 526 -16.93 57.24 -16.35
N LEU C 527 -18.20 57.23 -15.99
CA LEU C 527 -18.64 56.83 -14.67
C LEU C 527 -18.93 55.34 -14.63
N ILE C 528 -18.74 54.77 -13.49
CA ILE C 528 -18.97 53.35 -13.27
C ILE C 528 -20.41 53.13 -12.90
N VAL C 529 -21.05 52.13 -13.47
CA VAL C 529 -22.38 51.70 -13.05
C VAL C 529 -22.19 50.75 -11.87
N PRO C 530 -22.55 51.13 -10.65
CA PRO C 530 -22.24 50.28 -9.49
C PRO C 530 -23.32 49.27 -9.17
N PHE C 531 -22.94 48.01 -9.08
CA PHE C 531 -23.81 46.95 -8.59
C PHE C 531 -22.95 45.78 -8.16
N CYS C 532 -23.59 44.66 -7.83
CA CYS C 532 -22.86 43.48 -7.38
C CYS C 532 -23.59 42.23 -7.86
N PHE C 533 -22.82 41.23 -8.26
CA PHE C 533 -23.39 39.97 -8.70
C PHE C 533 -22.49 38.83 -8.29
N ALA C 534 -23.01 37.92 -7.46
CA ALA C 534 -22.26 36.74 -7.03
C ALA C 534 -20.99 37.11 -6.29
N GLY C 535 -21.06 38.12 -5.43
CA GLY C 535 -19.94 38.50 -4.61
C GLY C 535 -18.89 39.34 -5.28
N ILE C 536 -19.08 39.71 -6.54
CA ILE C 536 -18.15 40.57 -7.26
C ILE C 536 -18.77 41.94 -7.42
N SER C 537 -18.07 42.97 -6.96
CA SER C 537 -18.50 44.34 -7.19
C SER C 537 -17.91 44.83 -8.50
N SER C 538 -18.75 45.40 -9.35
CA SER C 538 -18.32 45.83 -10.66
C SER C 538 -17.32 46.97 -10.54
N GLY C 539 -16.42 47.07 -11.52
CA GLY C 539 -15.41 48.10 -11.51
C GLY C 539 -14.96 48.46 -12.91
N ASN C 540 -13.74 48.97 -13.05
CA ASN C 540 -13.19 49.26 -14.37
C ASN C 540 -11.79 48.70 -14.51
N GLN C 541 -11.61 47.41 -14.22
CA GLN C 541 -10.36 46.72 -14.48
C GLN C 541 -10.62 45.52 -15.37
N SER C 542 -9.58 45.05 -16.04
CA SER C 542 -9.71 43.89 -16.91
C SER C 542 -8.37 43.19 -17.05
N CYS C 543 -8.43 41.87 -17.18
CA CYS C 543 -7.25 41.06 -17.43
C CYS C 543 -7.04 40.88 -18.91
N GLY C 544 -5.83 41.13 -19.38
CA GLY C 544 -5.51 40.94 -20.77
C GLY C 544 -5.06 39.52 -21.04
N LEU C 545 -4.05 39.35 -21.85
CA LEU C 545 -3.57 38.02 -22.19
C LEU C 545 -2.76 37.47 -21.02
N ARG C 546 -3.17 36.31 -20.53
CA ARG C 546 -2.63 35.79 -19.28
C ARG C 546 -1.12 35.68 -19.33
N ASN C 547 -0.48 35.98 -18.20
CA ASN C 547 0.96 35.89 -18.05
C ASN C 547 1.68 36.78 -19.04
N SER C 548 1.32 38.06 -19.00
CA SER C 548 1.96 39.08 -19.82
C SER C 548 2.16 40.32 -18.94
N SER C 549 2.65 41.38 -19.55
CA SER C 549 2.80 42.64 -18.84
C SER C 549 1.48 43.37 -18.66
N LEU C 550 0.44 42.99 -19.38
CA LEU C 550 -0.88 43.56 -19.20
C LEU C 550 -1.87 42.52 -18.73
N ALA C 551 -1.46 41.69 -17.77
CA ALA C 551 -2.41 40.78 -17.15
C ALA C 551 -3.40 41.52 -16.28
N ASN C 552 -3.24 42.82 -16.09
CA ASN C 552 -4.20 43.66 -15.41
C ASN C 552 -4.03 45.09 -15.87
N PHE C 553 -5.07 45.65 -16.50
CA PHE C 553 -5.06 47.05 -16.84
C PHE C 553 -6.40 47.66 -16.45
N LYS C 554 -6.48 48.98 -16.53
CA LYS C 554 -7.73 49.68 -16.29
C LYS C 554 -8.03 50.63 -17.44
N VAL C 555 -9.28 50.61 -17.87
CA VAL C 555 -9.78 51.42 -18.97
C VAL C 555 -10.44 52.65 -18.38
N GLU C 556 -10.11 53.83 -18.90
CA GLU C 556 -10.64 55.03 -18.28
C GLU C 556 -12.05 55.35 -18.80
N ALA C 557 -12.17 55.67 -20.07
CA ALA C 557 -13.46 56.04 -20.63
C ALA C 557 -13.93 54.97 -21.61
N ALA C 558 -15.23 54.70 -21.58
CA ALA C 558 -15.78 53.56 -22.28
C ALA C 558 -15.70 53.66 -23.79
N GLU C 559 -15.20 54.77 -24.33
CA GLU C 559 -15.07 54.88 -25.78
C GLU C 559 -13.68 54.49 -26.28
N LEU C 560 -12.70 54.36 -25.40
CA LEU C 560 -11.41 53.79 -25.72
C LEU C 560 -11.24 52.43 -25.07
N TYR C 561 -12.29 51.62 -25.10
CA TYR C 561 -12.20 50.25 -24.62
C TYR C 561 -11.56 49.35 -25.66
N LEU C 562 -12.20 49.23 -26.84
CA LEU C 562 -11.67 48.36 -27.88
C LEU C 562 -10.24 48.72 -28.23
N HIS C 563 -9.97 50.00 -28.48
CA HIS C 563 -8.61 50.39 -28.80
C HIS C 563 -7.63 50.00 -27.72
N THR C 564 -8.06 49.90 -26.45
CA THR C 564 -7.16 49.42 -25.41
C THR C 564 -7.07 47.91 -25.43
N LEU C 565 -8.18 47.24 -25.66
CA LEU C 565 -8.18 45.77 -25.62
C LEU C 565 -7.19 45.21 -26.64
N GLU C 566 -7.31 45.59 -27.90
CA GLU C 566 -6.38 45.13 -28.92
C GLU C 566 -5.02 45.77 -28.81
N LYS C 567 -4.76 46.56 -27.76
CA LYS C 567 -3.41 46.97 -27.45
C LYS C 567 -2.73 46.00 -26.50
N ALA C 568 -3.46 45.00 -26.01
CA ALA C 568 -2.91 43.92 -25.22
C ALA C 568 -2.90 42.59 -25.97
N GLY C 569 -3.11 42.62 -27.29
CA GLY C 569 -3.01 41.45 -28.12
C GLY C 569 -4.33 40.79 -28.50
N ILE C 570 -5.38 40.95 -27.70
CA ILE C 570 -6.62 40.22 -27.92
C ILE C 570 -7.31 40.71 -29.18
N LEU C 571 -7.81 39.76 -29.98
CA LEU C 571 -8.70 40.03 -31.09
C LEU C 571 -10.08 39.55 -30.69
N ILE C 572 -10.93 40.47 -30.24
CA ILE C 572 -12.21 40.06 -29.67
C ILE C 572 -13.30 39.91 -30.73
N ASP C 573 -13.23 40.64 -31.83
CA ASP C 573 -14.27 40.54 -32.85
C ASP C 573 -14.24 39.16 -33.47
N MET C 574 -15.26 38.35 -33.19
CA MET C 574 -15.21 36.93 -33.54
C MET C 574 -15.00 36.72 -35.03
N GLN C 575 -15.62 37.54 -35.88
CA GLN C 575 -15.52 37.33 -37.31
C GLN C 575 -14.21 37.83 -37.88
N GLU C 576 -13.36 38.46 -37.09
CA GLU C 576 -12.02 38.80 -37.53
C GLU C 576 -10.96 37.96 -36.86
N ARG C 577 -11.35 36.86 -36.23
CA ARG C 577 -10.42 35.79 -35.93
C ARG C 577 -10.45 34.70 -36.98
N LYS C 578 -11.63 34.42 -37.55
CA LYS C 578 -11.71 33.49 -38.67
C LYS C 578 -10.89 33.95 -39.85
N GLN C 579 -10.91 35.25 -40.14
CA GLN C 579 -10.19 35.80 -41.27
C GLN C 579 -8.71 36.03 -40.99
N ARG C 580 -8.23 35.82 -39.76
CA ARG C 580 -6.80 35.79 -39.52
C ARG C 580 -6.29 34.40 -39.23
N ILE C 581 -7.19 33.43 -39.07
CA ILE C 581 -6.81 32.03 -39.09
C ILE C 581 -6.71 31.51 -40.52
N LEU C 582 -7.82 31.59 -41.26
CA LEU C 582 -7.93 31.07 -42.63
C LEU C 582 -7.22 31.92 -43.65
N HIS C 583 -6.45 32.90 -43.23
CA HIS C 583 -5.70 33.72 -44.16
C HIS C 583 -4.23 33.80 -43.82
N ASP C 584 -3.82 33.35 -42.65
CA ASP C 584 -2.43 33.06 -42.40
C ASP C 584 -2.12 31.57 -42.46
N SER C 585 -3.15 30.73 -42.53
CA SER C 585 -2.93 29.32 -42.84
C SER C 585 -2.64 29.08 -44.31
N SER C 586 -3.20 29.91 -45.19
CA SER C 586 -3.04 29.68 -46.61
C SER C 586 -1.62 29.95 -47.06
N ILE C 587 -0.97 30.96 -46.50
CA ILE C 587 0.42 31.22 -46.86
C ILE C 587 1.30 30.02 -46.51
N LEU C 588 1.08 29.44 -45.33
CA LEU C 588 1.83 28.25 -44.96
C LEU C 588 1.54 27.09 -45.90
N ALA C 589 0.25 26.77 -46.08
CA ALA C 589 -0.10 25.63 -46.91
C ALA C 589 0.38 25.79 -48.33
N GLU C 590 0.53 27.03 -48.82
CA GLU C 590 1.02 27.23 -50.17
C GLU C 590 2.54 27.31 -50.22
N GLY C 591 3.21 27.56 -49.10
CA GLY C 591 4.65 27.50 -49.10
C GLY C 591 5.20 26.10 -49.31
N VAL C 592 4.41 25.07 -49.05
CA VAL C 592 4.86 23.70 -49.22
C VAL C 592 4.32 23.06 -50.49
N GLY C 593 3.19 23.52 -51.00
CA GLY C 593 2.70 23.09 -52.29
C GLY C 593 1.22 22.76 -52.31
N GLY C 594 0.53 22.96 -51.20
CA GLY C 594 -0.86 22.53 -51.12
C GLY C 594 -1.83 23.49 -50.49
N ASP C 595 -2.89 22.95 -49.89
CA ASP C 595 -3.92 23.78 -49.30
C ASP C 595 -4.65 22.97 -48.22
N ILE C 596 -5.40 23.68 -47.38
CA ILE C 596 -5.92 23.10 -46.15
C ILE C 596 -7.28 22.45 -46.36
N ILE C 597 -7.70 21.64 -45.39
CA ILE C 597 -9.02 21.03 -45.35
C ILE C 597 -9.70 21.56 -44.10
N ALA C 598 -10.58 22.55 -44.25
CA ALA C 598 -11.21 23.19 -43.11
C ALA C 598 -12.72 23.07 -43.24
N PRO C 599 -13.31 21.97 -42.78
CA PRO C 599 -14.77 21.90 -42.72
C PRO C 599 -15.28 22.88 -41.69
N ASP C 600 -16.24 23.71 -42.08
CA ASP C 600 -16.65 24.77 -41.18
C ASP C 600 -17.38 24.27 -39.94
N SER C 601 -17.36 22.99 -39.66
CA SER C 601 -17.69 22.51 -38.33
C SER C 601 -16.45 22.35 -37.46
N LEU C 602 -15.27 22.55 -38.03
CA LEU C 602 -14.01 22.58 -37.31
C LEU C 602 -13.49 23.98 -37.08
N VAL C 603 -13.76 24.91 -38.01
CA VAL C 603 -13.32 26.27 -37.77
C VAL C 603 -14.15 26.92 -36.68
N GLN C 604 -15.44 26.59 -36.59
CA GLN C 604 -16.25 27.08 -35.48
C GLN C 604 -15.85 26.53 -34.13
N GLU C 605 -14.97 25.53 -34.08
CA GLU C 605 -14.47 25.02 -32.83
C GLU C 605 -12.97 25.22 -32.66
N VAL C 606 -12.29 25.75 -33.67
CA VAL C 606 -10.93 26.22 -33.48
C VAL C 606 -10.91 27.71 -33.16
N ILE C 607 -11.91 28.46 -33.62
CA ILE C 607 -11.98 29.87 -33.29
C ILE C 607 -12.10 30.06 -31.79
N ASN C 608 -13.03 29.36 -31.16
CA ASN C 608 -13.33 29.56 -29.76
C ASN C 608 -12.51 28.68 -28.84
N LEU C 609 -11.30 28.32 -29.26
CA LEU C 609 -10.32 27.73 -28.36
C LEU C 609 -9.12 28.64 -28.20
N VAL C 610 -9.12 29.79 -28.85
CA VAL C 610 -7.95 30.64 -28.92
C VAL C 610 -8.39 32.09 -28.69
N GLU C 611 -7.44 32.93 -28.32
CA GLU C 611 -7.68 34.33 -28.02
C GLU C 611 -6.87 35.26 -28.90
N ALA C 612 -5.60 34.93 -29.15
CA ALA C 612 -4.76 35.66 -30.10
C ALA C 612 -4.05 34.65 -30.99
N PRO C 613 -4.65 34.25 -32.11
CA PRO C 613 -4.15 33.09 -32.85
C PRO C 613 -2.78 33.32 -33.50
N MET C 614 -2.09 32.20 -33.74
CA MET C 614 -0.77 32.15 -34.38
C MET C 614 -0.52 30.77 -35.00
N PRO C 615 -0.53 30.63 -36.32
CA PRO C 615 -0.40 29.30 -36.93
C PRO C 615 1.01 28.87 -37.25
N ILE C 616 1.22 27.54 -37.23
CA ILE C 616 2.52 26.92 -37.41
C ILE C 616 2.36 25.65 -38.24
N ILE C 617 3.31 25.39 -39.17
CA ILE C 617 3.33 24.14 -39.92
C ILE C 617 4.20 23.13 -39.22
N GLY C 618 3.87 21.86 -39.42
CA GLY C 618 4.67 20.79 -38.85
C GLY C 618 4.71 19.60 -39.78
N ARG C 619 5.76 18.81 -39.65
CA ARG C 619 6.00 17.65 -40.48
C ARG C 619 5.85 16.36 -39.69
N TYR C 620 5.19 15.37 -40.28
CA TYR C 620 5.23 14.01 -39.78
C TYR C 620 5.79 13.10 -40.85
N ASP C 621 6.07 11.86 -40.46
CA ASP C 621 6.83 10.95 -41.32
C ASP C 621 6.02 10.55 -42.53
N VAL C 622 6.73 10.19 -43.59
CA VAL C 622 6.09 9.84 -44.86
C VAL C 622 5.60 8.40 -44.85
N SER C 623 6.29 7.50 -44.14
CA SER C 623 5.89 6.10 -44.10
C SER C 623 4.58 5.87 -43.38
N PHE C 624 3.95 6.88 -42.83
CA PHE C 624 2.59 6.74 -42.31
C PHE C 624 1.55 6.95 -43.37
N LEU C 625 1.95 7.25 -44.61
CA LEU C 625 0.97 7.55 -45.64
C LEU C 625 0.31 6.30 -46.20
N ALA C 626 0.72 5.12 -45.77
CA ALA C 626 0.09 3.88 -46.22
C ALA C 626 -1.23 3.60 -45.52
N LEU C 627 -1.55 4.30 -44.44
CA LEU C 627 -2.82 4.12 -43.79
C LEU C 627 -3.94 4.59 -44.71
N PRO C 628 -5.20 4.34 -44.36
CA PRO C 628 -6.29 4.94 -45.12
C PRO C 628 -6.33 6.44 -44.92
N LYS C 629 -6.81 7.15 -45.94
CA LYS C 629 -6.85 8.61 -45.85
C LYS C 629 -7.79 9.06 -44.74
N ASP C 630 -8.89 8.36 -44.56
CA ASP C 630 -9.89 8.78 -43.60
C ASP C 630 -9.60 8.27 -42.20
N VAL C 631 -8.40 7.76 -41.94
CA VAL C 631 -7.96 7.61 -40.56
C VAL C 631 -6.92 8.66 -40.22
N LEU C 632 -6.06 9.00 -41.18
CA LEU C 632 -5.17 10.15 -40.99
C LEU C 632 -5.97 11.39 -40.68
N ILE C 633 -6.96 11.72 -41.51
CA ILE C 633 -7.60 13.01 -41.28
C ILE C 633 -8.46 12.97 -40.03
N THR C 634 -8.96 11.80 -39.64
CA THR C 634 -9.77 11.77 -38.42
C THR C 634 -8.91 11.89 -37.17
N VAL C 635 -7.71 11.32 -37.17
CA VAL C 635 -6.78 11.59 -36.08
C VAL C 635 -6.43 13.07 -36.05
N MET C 636 -6.12 13.66 -37.20
CA MET C 636 -5.68 15.04 -37.20
C MET C 636 -6.79 16.03 -36.95
N GLN C 637 -8.05 15.63 -36.98
CA GLN C 637 -9.11 16.59 -36.79
C GLN C 637 -9.96 16.36 -35.57
N LYS C 638 -10.41 15.13 -35.31
CA LYS C 638 -11.39 14.97 -34.27
C LYS C 638 -10.77 14.80 -32.89
N HIS C 639 -9.45 14.66 -32.80
CA HIS C 639 -8.81 14.51 -31.51
C HIS C 639 -7.84 15.63 -31.18
N GLN C 640 -7.06 16.10 -32.15
CA GLN C 640 -6.05 17.11 -31.92
C GLN C 640 -6.41 18.49 -32.44
N LYS C 641 -7.43 18.60 -33.28
CA LYS C 641 -7.88 19.87 -33.84
C LYS C 641 -6.78 20.54 -34.65
N TYR C 642 -6.28 19.84 -35.66
CA TYR C 642 -5.28 20.35 -36.58
C TYR C 642 -5.92 20.64 -37.92
N PHE C 643 -5.11 21.07 -38.88
CA PHE C 643 -5.56 21.29 -40.25
C PHE C 643 -4.72 20.41 -41.17
N PRO C 644 -5.29 19.45 -41.87
CA PRO C 644 -4.48 18.68 -42.82
C PRO C 644 -4.07 19.54 -44.00
N VAL C 645 -3.16 19.01 -44.80
CA VAL C 645 -2.69 19.71 -45.99
C VAL C 645 -2.65 18.74 -47.15
N THR C 646 -3.26 19.11 -48.26
CA THR C 646 -3.32 18.27 -49.45
C THR C 646 -2.70 19.02 -50.61
N SER C 647 -1.85 18.35 -51.36
CA SER C 647 -1.27 18.97 -52.54
C SER C 647 -2.36 19.21 -53.57
N LYS C 648 -2.48 20.45 -54.04
CA LYS C 648 -3.57 20.77 -54.96
C LYS C 648 -3.36 20.24 -56.36
N THR C 649 -2.18 19.73 -56.68
CA THR C 649 -1.98 18.92 -57.88
C THR C 649 -1.85 17.47 -57.45
N MET C 650 -2.69 16.60 -58.01
CA MET C 650 -2.85 15.22 -57.54
C MET C 650 -3.32 15.21 -56.08
N GLY C 651 -4.57 15.64 -55.92
CA GLY C 651 -5.04 16.14 -54.64
C GLY C 651 -5.19 15.18 -53.47
N ASN C 652 -4.12 14.48 -53.12
CA ASN C 652 -4.08 13.64 -51.93
C ASN C 652 -3.16 14.29 -50.89
N LEU C 653 -2.99 13.63 -49.76
CA LEU C 653 -2.36 14.29 -48.62
C LEU C 653 -0.86 14.46 -48.80
N LEU C 654 -0.30 15.38 -48.03
CA LEU C 654 1.12 15.65 -47.91
C LEU C 654 1.55 15.45 -46.47
N PRO C 655 2.84 15.25 -46.22
CA PRO C 655 3.30 15.21 -44.83
C PRO C 655 3.46 16.60 -44.23
N CYS C 656 2.36 17.29 -43.97
CA CYS C 656 2.35 18.52 -43.21
C CYS C 656 1.04 18.62 -42.44
N PHE C 657 1.02 19.49 -41.46
CA PHE C 657 -0.20 19.83 -40.75
C PHE C 657 -0.04 21.25 -40.23
N ILE C 658 -1.15 21.89 -39.89
CA ILE C 658 -1.13 23.27 -39.41
C ILE C 658 -1.81 23.32 -38.07
N THR C 659 -1.14 23.89 -37.08
CA THR C 659 -1.68 24.00 -35.74
C THR C 659 -1.74 25.47 -35.32
N VAL C 660 -2.60 25.76 -34.36
CA VAL C 660 -2.93 27.13 -33.98
C VAL C 660 -2.54 27.33 -32.52
N ALA C 661 -1.43 28.04 -32.30
CA ALA C 661 -0.94 28.33 -30.97
C ALA C 661 -1.76 29.48 -30.37
N ASN C 662 -1.31 30.05 -29.25
CA ASN C 662 -2.08 31.09 -28.58
C ASN C 662 -1.16 32.01 -27.79
N GLY C 663 -0.82 33.15 -28.37
CA GLY C 663 -0.16 34.19 -27.61
C GLY C 663 1.26 34.52 -28.01
N ALA C 664 2.11 34.83 -27.03
CA ALA C 664 3.53 35.02 -27.23
C ALA C 664 4.20 33.67 -27.06
N ILE C 665 4.46 32.99 -28.18
CA ILE C 665 4.87 31.60 -28.20
C ILE C 665 6.27 31.53 -28.79
N LYS C 666 7.06 30.58 -28.31
CA LYS C 666 8.42 30.43 -28.80
C LYS C 666 8.45 29.97 -30.26
N GLU C 667 7.43 29.24 -30.71
CA GLU C 667 7.25 28.75 -32.08
C GLU C 667 8.48 28.00 -32.60
N GLU C 668 9.41 27.66 -31.72
CA GLU C 668 10.45 26.69 -32.02
C GLU C 668 10.37 25.48 -31.12
N VAL C 669 9.76 25.63 -29.96
CA VAL C 669 9.49 24.51 -29.09
C VAL C 669 8.10 23.95 -29.31
N VAL C 670 7.14 24.79 -29.71
CA VAL C 670 5.79 24.27 -29.87
C VAL C 670 5.65 23.43 -31.13
N ARG C 671 6.34 23.78 -32.21
CA ARG C 671 6.31 22.92 -33.39
C ARG C 671 6.99 21.59 -33.09
N LYS C 672 8.12 21.63 -32.38
CA LYS C 672 8.83 20.42 -32.01
C LYS C 672 8.08 19.58 -31.00
N GLY C 673 7.20 20.18 -30.22
CA GLY C 673 6.41 19.44 -29.27
C GLY C 673 5.17 18.84 -29.90
N ASN C 674 4.57 19.56 -30.84
CA ASN C 674 3.40 19.03 -31.53
C ASN C 674 3.76 17.96 -32.55
N GLU C 675 4.94 18.06 -33.16
CA GLU C 675 5.34 17.06 -34.14
C GLU C 675 5.49 15.67 -33.54
N ALA C 676 5.64 15.57 -32.23
CA ALA C 676 5.94 14.31 -31.57
C ALA C 676 4.78 13.76 -30.77
N VAL C 677 3.58 14.23 -31.02
CA VAL C 677 2.39 13.64 -30.42
C VAL C 677 1.67 12.82 -31.47
N LEU C 678 1.49 13.37 -32.66
CA LEU C 678 0.95 12.53 -33.70
C LEU C 678 2.02 11.77 -34.44
N ARG C 679 3.24 11.72 -33.91
CA ARG C 679 4.13 10.64 -34.27
C ARG C 679 3.88 9.44 -33.38
N ALA C 680 3.09 9.59 -32.34
CA ALA C 680 2.74 8.52 -31.42
C ALA C 680 1.33 8.00 -31.63
N ARG C 681 0.37 8.89 -31.86
CA ARG C 681 -0.98 8.43 -32.17
C ARG C 681 -1.03 7.69 -33.49
N TYR C 682 -0.31 8.18 -34.50
CA TYR C 682 -0.17 7.42 -35.73
C TYR C 682 0.54 6.11 -35.48
N GLU C 683 1.52 6.11 -34.59
CA GLU C 683 2.29 4.88 -34.38
C GLU C 683 1.47 3.83 -33.65
N ASP C 684 0.42 4.24 -32.94
CA ASP C 684 -0.50 3.25 -32.38
C ASP C 684 -1.52 2.80 -33.43
N ALA C 685 -2.10 3.74 -34.17
CA ALA C 685 -3.10 3.32 -35.15
C ALA C 685 -2.47 2.43 -36.22
N LYS C 686 -1.18 2.60 -36.50
CA LYS C 686 -0.56 1.75 -37.50
C LYS C 686 -0.43 0.32 -37.00
N PHE C 687 -0.13 0.15 -35.72
CA PHE C 687 -0.09 -1.19 -35.14
C PHE C 687 -1.46 -1.84 -35.14
N PHE C 688 -2.50 -1.08 -34.78
CA PHE C 688 -3.86 -1.60 -34.86
C PHE C 688 -4.19 -2.06 -36.27
N TYR C 689 -3.90 -1.22 -37.27
CA TYR C 689 -4.18 -1.56 -38.65
C TYR C 689 -3.44 -2.83 -39.08
N LYS C 690 -2.15 -2.92 -38.79
CA LYS C 690 -1.41 -4.10 -39.17
C LYS C 690 -1.87 -5.34 -38.42
N MET C 691 -2.49 -5.17 -37.25
CA MET C 691 -3.10 -6.29 -36.57
C MET C 691 -4.45 -6.66 -37.19
N ASP C 692 -5.08 -5.73 -37.90
CA ASP C 692 -6.35 -5.98 -38.55
C ASP C 692 -6.24 -6.55 -39.95
N THR C 693 -5.11 -6.39 -40.63
CA THR C 693 -4.98 -7.05 -41.93
C THR C 693 -4.40 -8.45 -41.82
N GLN C 694 -4.39 -9.06 -40.63
CA GLN C 694 -3.87 -10.41 -40.47
C GLN C 694 -4.87 -11.48 -40.86
N LYS C 695 -6.16 -11.14 -40.96
CA LYS C 695 -7.19 -12.15 -41.19
C LYS C 695 -8.15 -11.63 -42.24
N LYS C 696 -8.75 -12.55 -42.99
CA LYS C 696 -9.70 -12.14 -43.99
C LYS C 696 -10.96 -11.59 -43.31
N LEU C 697 -11.67 -10.72 -44.02
CA LEU C 697 -12.71 -9.93 -43.38
C LEU C 697 -13.87 -10.78 -42.92
N SER C 698 -14.16 -11.87 -43.63
CA SER C 698 -15.29 -12.72 -43.27
C SER C 698 -15.14 -13.39 -41.91
N GLU C 699 -13.98 -13.31 -41.29
CA GLU C 699 -13.77 -13.90 -39.98
C GLU C 699 -14.01 -12.94 -38.84
N PHE C 700 -14.13 -11.65 -39.12
CA PHE C 700 -14.42 -10.69 -38.05
C PHE C 700 -15.87 -10.70 -37.62
N ARG C 701 -16.71 -11.54 -38.24
CA ARG C 701 -18.09 -11.67 -37.78
C ARG C 701 -18.14 -12.33 -36.41
N ASP C 702 -17.47 -13.45 -36.24
CA ASP C 702 -17.67 -14.29 -35.08
C ASP C 702 -17.15 -13.66 -33.79
N GLN C 703 -16.68 -12.42 -33.81
CA GLN C 703 -16.48 -11.67 -32.58
C GLN C 703 -17.69 -10.85 -32.20
N LEU C 704 -18.68 -10.74 -33.08
CA LEU C 704 -19.77 -9.79 -32.85
C LEU C 704 -20.62 -10.19 -31.65
N SER C 705 -20.54 -11.43 -31.21
CA SER C 705 -21.44 -11.92 -30.19
C SER C 705 -21.10 -11.40 -28.80
N SER C 706 -20.29 -10.36 -28.72
CA SER C 706 -19.90 -9.78 -27.44
C SER C 706 -20.22 -8.30 -27.38
N ILE C 707 -21.22 -7.86 -28.15
CA ILE C 707 -21.71 -6.48 -28.08
C ILE C 707 -23.20 -6.54 -27.78
N LEU C 708 -23.61 -5.85 -26.72
CA LEU C 708 -25.01 -5.88 -26.32
C LEU C 708 -25.84 -4.98 -27.21
N PHE C 709 -27.05 -5.46 -27.55
CA PHE C 709 -28.05 -4.65 -28.23
C PHE C 709 -29.23 -4.35 -27.31
N HIS C 710 -29.85 -5.39 -26.75
CA HIS C 710 -30.88 -5.23 -25.75
C HIS C 710 -30.96 -6.52 -24.97
N GLU C 711 -31.36 -6.40 -23.70
CA GLU C 711 -31.17 -7.51 -22.76
C GLU C 711 -32.01 -8.72 -23.14
N ARG C 712 -33.32 -8.55 -23.28
CA ARG C 712 -34.18 -9.70 -23.51
C ARG C 712 -34.24 -10.11 -24.97
N LEU C 713 -33.46 -9.49 -25.85
CA LEU C 713 -33.38 -9.94 -27.23
C LEU C 713 -31.96 -10.13 -27.74
N GLY C 714 -30.94 -9.58 -27.08
CA GLY C 714 -29.61 -10.08 -27.30
C GLY C 714 -28.55 -9.19 -27.93
N THR C 715 -27.59 -9.84 -28.58
CA THR C 715 -26.35 -9.25 -29.07
C THR C 715 -26.54 -8.58 -30.42
N MET C 716 -25.45 -8.31 -31.14
CA MET C 716 -25.55 -7.85 -32.52
C MET C 716 -25.40 -8.96 -33.53
N LEU C 717 -24.74 -10.06 -33.19
CA LEU C 717 -24.61 -11.13 -34.19
C LEU C 717 -25.96 -11.72 -34.49
N ASP C 718 -26.81 -11.93 -33.49
CA ASP C 718 -28.15 -12.44 -33.76
C ASP C 718 -28.98 -11.44 -34.54
N LYS C 719 -28.83 -10.15 -34.25
CA LYS C 719 -29.58 -9.16 -35.01
C LYS C 719 -29.21 -9.20 -36.49
N MET C 720 -27.92 -9.14 -36.80
CA MET C 720 -27.53 -9.25 -38.20
C MET C 720 -27.84 -10.63 -38.77
N LYS C 721 -28.03 -11.63 -37.91
CA LYS C 721 -28.54 -12.91 -38.37
C LYS C 721 -29.98 -12.80 -38.82
N ARG C 722 -30.77 -11.96 -38.14
CA ARG C 722 -32.18 -11.80 -38.47
C ARG C 722 -32.41 -10.87 -39.65
N VAL C 723 -31.36 -10.49 -40.37
CA VAL C 723 -31.49 -9.59 -41.51
C VAL C 723 -31.20 -10.29 -42.84
N GLU C 724 -30.30 -11.27 -42.85
CA GLU C 724 -30.08 -12.00 -44.10
C GLU C 724 -31.33 -12.76 -44.51
N ASN C 725 -32.16 -13.15 -43.54
CA ASN C 725 -33.33 -13.96 -43.83
C ASN C 725 -34.56 -13.15 -44.22
N THR C 726 -34.49 -11.82 -44.15
CA THR C 726 -35.59 -10.98 -44.60
C THR C 726 -35.22 -10.05 -45.73
N VAL C 727 -33.93 -9.78 -45.96
CA VAL C 727 -33.59 -8.86 -47.06
C VAL C 727 -33.85 -9.42 -48.43
N ALA C 728 -34.44 -10.61 -48.54
CA ALA C 728 -34.77 -11.16 -49.84
C ALA C 728 -36.20 -10.84 -50.26
N GLU C 729 -36.95 -10.11 -49.44
CA GLU C 729 -38.32 -9.75 -49.79
C GLU C 729 -38.52 -8.24 -49.79
N VAL C 730 -37.89 -7.55 -48.86
CA VAL C 730 -37.93 -6.09 -48.89
C VAL C 730 -37.37 -5.58 -50.21
N ALA C 731 -36.69 -6.44 -50.95
CA ALA C 731 -36.32 -6.09 -52.32
C ALA C 731 -37.42 -6.41 -53.30
N LEU C 732 -38.51 -7.05 -52.87
CA LEU C 732 -39.68 -7.18 -53.72
C LEU C 732 -40.76 -6.16 -53.40
N LEU C 733 -40.86 -5.74 -52.14
CA LEU C 733 -41.78 -4.68 -51.78
C LEU C 733 -41.37 -3.36 -52.43
N LEU C 734 -40.08 -3.10 -52.54
CA LEU C 734 -39.59 -1.91 -53.23
C LEU C 734 -39.53 -2.10 -54.73
N GLY C 735 -39.74 -3.32 -55.22
CA GLY C 735 -39.72 -3.57 -56.65
C GLY C 735 -38.35 -3.49 -57.26
N ILE C 736 -37.33 -4.03 -56.58
CA ILE C 736 -35.96 -4.03 -57.08
C ILE C 736 -35.83 -5.06 -58.18
N ASN C 737 -34.90 -4.85 -59.10
CA ASN C 737 -34.72 -5.72 -60.24
C ASN C 737 -34.32 -7.12 -59.79
N GLU C 738 -34.65 -8.11 -60.61
CA GLU C 738 -34.42 -9.51 -60.23
C GLU C 738 -32.94 -9.87 -60.24
N LYS C 739 -32.17 -9.32 -61.18
CA LYS C 739 -30.76 -9.69 -61.32
C LYS C 739 -29.86 -9.00 -60.31
N MET C 740 -30.42 -8.51 -59.22
CA MET C 740 -29.63 -7.98 -58.13
C MET C 740 -30.02 -8.54 -56.78
N ILE C 741 -31.07 -9.33 -56.68
CA ILE C 741 -31.41 -10.00 -55.42
C ILE C 741 -30.38 -11.07 -55.07
N PRO C 742 -29.62 -11.68 -56.02
CA PRO C 742 -28.44 -12.44 -55.58
C PRO C 742 -27.37 -11.55 -54.98
N ALA C 743 -26.94 -10.55 -55.77
CA ALA C 743 -25.82 -9.70 -55.40
C ALA C 743 -26.10 -8.84 -54.19
N ILE C 744 -27.31 -8.89 -53.61
CA ILE C 744 -27.52 -8.24 -52.33
C ILE C 744 -27.18 -9.19 -51.21
N LYS C 745 -27.61 -10.43 -51.32
CA LYS C 745 -27.61 -11.30 -50.16
C LYS C 745 -26.19 -11.61 -49.66
N ASP C 746 -25.23 -11.80 -50.56
CA ASP C 746 -23.88 -12.06 -50.09
C ASP C 746 -23.26 -10.82 -49.46
N ALA C 747 -23.72 -9.62 -49.84
CA ALA C 747 -23.31 -8.41 -49.18
C ALA C 747 -24.13 -8.12 -47.93
N ALA C 748 -25.01 -9.03 -47.55
CA ALA C 748 -25.79 -8.93 -46.33
C ALA C 748 -25.19 -9.70 -45.18
N ALA C 749 -24.45 -10.78 -45.46
CA ALA C 749 -23.77 -11.52 -44.41
C ALA C 749 -22.58 -10.73 -43.87
N LEU C 750 -21.83 -10.08 -44.75
CA LEU C 750 -20.70 -9.28 -44.34
C LEU C 750 -21.10 -8.00 -43.62
N ALA C 751 -22.37 -7.63 -43.65
CA ALA C 751 -22.79 -6.35 -43.10
C ALA C 751 -22.41 -6.24 -41.64
N MET C 752 -22.13 -5.02 -41.21
CA MET C 752 -21.87 -4.72 -39.80
C MET C 752 -20.80 -5.63 -39.22
N SER C 753 -19.88 -6.09 -40.06
CA SER C 753 -18.81 -6.94 -39.56
C SER C 753 -17.69 -6.13 -38.93
N ASP C 754 -17.40 -4.95 -39.48
CA ASP C 754 -16.27 -4.16 -39.01
C ASP C 754 -16.48 -3.61 -37.61
N LEU C 755 -17.60 -3.88 -36.98
CA LEU C 755 -17.87 -3.29 -35.68
C LEU C 755 -17.08 -3.97 -34.56
N ALA C 756 -16.42 -5.10 -34.86
CA ALA C 756 -15.57 -5.78 -33.91
C ALA C 756 -14.09 -5.60 -34.22
N THR C 757 -13.75 -4.77 -35.19
CA THR C 757 -12.37 -4.62 -35.62
C THR C 757 -11.56 -3.93 -34.53
N ASN C 758 -10.24 -3.93 -34.71
CA ASN C 758 -9.39 -3.25 -33.74
C ASN C 758 -9.46 -1.73 -33.89
N ILE C 759 -9.47 -1.24 -35.13
CA ILE C 759 -9.57 0.20 -35.35
C ILE C 759 -10.87 0.72 -34.79
N VAL C 760 -12.00 0.18 -35.25
CA VAL C 760 -13.31 0.74 -34.96
C VAL C 760 -13.65 0.74 -33.48
N THR C 761 -12.98 -0.08 -32.67
CA THR C 761 -13.16 0.07 -31.24
C THR C 761 -12.42 1.28 -30.71
N GLU C 762 -11.36 1.70 -31.41
CA GLU C 762 -10.62 2.90 -31.00
C GLU C 762 -11.23 4.16 -31.60
N PHE C 763 -11.44 4.17 -32.91
CA PHE C 763 -12.07 5.29 -33.61
C PHE C 763 -13.51 4.90 -33.92
N THR C 764 -14.41 5.12 -32.95
CA THR C 764 -15.80 4.70 -33.09
C THR C 764 -16.59 5.51 -34.10
N SER C 765 -15.98 6.48 -34.77
CA SER C 765 -16.66 7.20 -35.82
C SER C 765 -16.43 6.60 -37.20
N LEU C 766 -15.47 5.70 -37.33
CA LEU C 766 -15.16 5.07 -38.60
C LEU C 766 -15.95 3.79 -38.82
N ALA C 767 -17.09 3.64 -38.16
CA ALA C 767 -17.94 2.50 -38.43
C ALA C 767 -18.61 2.70 -39.78
N GLY C 768 -18.21 1.90 -40.76
CA GLY C 768 -18.76 2.04 -42.10
C GLY C 768 -17.70 2.37 -43.13
N ILE C 769 -16.77 3.25 -42.77
CA ILE C 769 -15.65 3.53 -43.67
C ILE C 769 -14.70 2.35 -43.70
N MET C 770 -14.24 1.94 -42.52
CA MET C 770 -13.32 0.84 -42.38
C MET C 770 -13.97 -0.51 -42.52
N ALA C 771 -15.15 -0.56 -43.14
CA ALA C 771 -15.66 -1.81 -43.69
C ALA C 771 -15.54 -1.84 -45.19
N ARG C 772 -15.84 -0.73 -45.86
CA ARG C 772 -15.61 -0.66 -47.30
C ARG C 772 -14.12 -0.74 -47.62
N HIS C 773 -13.28 -0.11 -46.79
CA HIS C 773 -11.85 -0.17 -47.06
C HIS C 773 -11.33 -1.60 -47.04
N TYR C 774 -11.79 -2.41 -46.09
CA TYR C 774 -11.38 -3.81 -46.04
C TYR C 774 -12.02 -4.62 -47.15
N ALA C 775 -13.30 -4.38 -47.43
CA ALA C 775 -13.97 -5.17 -48.44
C ALA C 775 -13.34 -4.99 -49.81
N LEU C 776 -13.13 -3.74 -50.25
CA LEU C 776 -12.50 -3.54 -51.54
C LEU C 776 -11.13 -4.18 -51.60
N ARG C 777 -10.35 -4.07 -50.52
CA ARG C 777 -9.01 -4.64 -50.49
C ARG C 777 -9.03 -6.16 -50.55
N ASP C 778 -10.10 -6.77 -50.05
CA ASP C 778 -10.17 -8.23 -50.07
C ASP C 778 -10.43 -8.79 -51.45
N GLY C 779 -11.03 -8.00 -52.35
CA GLY C 779 -11.35 -8.50 -53.67
C GLY C 779 -12.80 -8.89 -53.88
N LEU C 780 -13.71 -8.01 -53.47
CA LEU C 780 -15.13 -8.18 -53.78
C LEU C 780 -15.48 -7.34 -55.01
N SER C 781 -16.75 -7.33 -55.38
CA SER C 781 -17.20 -6.41 -56.41
C SER C 781 -17.12 -4.99 -55.90
N GLU C 782 -17.33 -4.03 -56.78
CA GLU C 782 -17.36 -2.66 -56.31
C GLU C 782 -18.67 -2.34 -55.59
N GLN C 783 -19.80 -2.77 -56.17
CA GLN C 783 -21.09 -2.42 -55.61
C GLN C 783 -21.34 -3.12 -54.28
N ILE C 784 -20.76 -4.29 -54.07
CA ILE C 784 -20.82 -4.93 -52.76
C ILE C 784 -20.14 -4.05 -51.71
N ALA C 785 -18.93 -3.61 -52.00
CA ALA C 785 -18.22 -2.79 -51.04
C ALA C 785 -18.94 -1.47 -50.81
N GLU C 786 -19.44 -0.84 -51.87
CA GLU C 786 -20.14 0.43 -51.70
C GLU C 786 -21.41 0.25 -50.89
N ALA C 787 -22.12 -0.87 -51.08
CA ALA C 787 -23.29 -1.14 -50.25
C ALA C 787 -22.92 -1.43 -48.82
N LEU C 788 -21.72 -1.94 -48.57
CA LEU C 788 -21.27 -2.21 -47.20
C LEU C 788 -21.04 -0.95 -46.41
N PHE C 789 -21.22 0.22 -47.00
CA PHE C 789 -21.02 1.49 -46.32
C PHE C 789 -22.32 2.20 -45.97
N GLU C 790 -23.34 2.12 -46.83
CA GLU C 790 -24.58 2.83 -46.58
C GLU C 790 -25.57 2.07 -45.72
N ILE C 791 -25.15 1.01 -45.04
CA ILE C 791 -26.02 0.50 -43.98
C ILE C 791 -26.02 1.43 -42.78
N THR C 792 -25.18 2.46 -42.79
CA THR C 792 -25.09 3.42 -41.70
C THR C 792 -25.67 4.79 -42.02
N LEU C 793 -25.85 5.11 -43.30
CA LEU C 793 -26.38 6.42 -43.68
C LEU C 793 -27.89 6.46 -43.46
N PRO C 794 -28.42 7.56 -42.93
CA PRO C 794 -27.73 8.73 -42.40
C PRO C 794 -27.34 8.57 -40.93
N ARG C 795 -26.24 9.19 -40.53
CA ARG C 795 -25.73 9.01 -39.18
C ARG C 795 -26.19 10.07 -38.20
N PHE C 796 -26.71 11.20 -38.68
CA PHE C 796 -27.21 12.26 -37.82
C PHE C 796 -28.19 13.09 -38.63
N SER C 797 -28.53 14.26 -38.12
CA SER C 797 -29.44 15.17 -38.82
C SER C 797 -28.69 15.86 -39.93
N GLY C 798 -29.08 15.57 -41.18
CA GLY C 798 -28.51 16.26 -42.32
C GLY C 798 -27.31 15.59 -42.94
N ASP C 799 -27.44 14.33 -43.32
CA ASP C 799 -26.37 13.61 -44.00
C ASP C 799 -26.90 12.93 -45.25
N VAL C 800 -25.96 12.55 -46.12
CA VAL C 800 -26.33 12.03 -47.44
C VAL C 800 -27.03 10.68 -47.28
N PHE C 801 -27.97 10.40 -48.16
CA PHE C 801 -28.76 9.19 -48.10
C PHE C 801 -28.24 8.14 -49.07
N PRO C 802 -28.63 6.87 -48.88
CA PRO C 802 -28.20 5.83 -49.82
C PRO C 802 -28.79 6.06 -51.20
N LYS C 803 -27.91 6.09 -52.21
CA LYS C 803 -28.33 6.26 -53.59
C LYS C 803 -28.27 4.99 -54.42
N THR C 804 -27.31 4.11 -54.16
CA THR C 804 -27.20 2.93 -55.01
C THR C 804 -28.36 1.99 -54.74
N ASP C 805 -28.51 0.99 -55.60
CA ASP C 805 -29.69 0.14 -55.52
C ASP C 805 -29.63 -0.83 -54.34
N PRO C 806 -28.57 -1.62 -54.18
CA PRO C 806 -28.49 -2.49 -53.00
C PRO C 806 -28.11 -1.76 -51.73
N GLY C 807 -28.00 -0.44 -51.76
CA GLY C 807 -27.76 0.29 -50.54
C GLY C 807 -29.01 0.68 -49.80
N ILE C 808 -30.16 0.66 -50.48
CA ILE C 808 -31.41 0.99 -49.82
C ILE C 808 -31.98 -0.21 -49.10
N VAL C 809 -31.88 -1.40 -49.72
CA VAL C 809 -32.48 -2.59 -49.13
C VAL C 809 -32.00 -2.78 -47.70
N LEU C 810 -30.69 -2.67 -47.48
CA LEU C 810 -30.14 -2.98 -46.17
C LEU C 810 -30.39 -1.86 -45.18
N ALA C 811 -30.29 -0.60 -45.62
CA ALA C 811 -30.55 0.51 -44.72
C ALA C 811 -32.00 0.60 -44.32
N VAL C 812 -32.89 -0.03 -45.09
CA VAL C 812 -34.29 -0.11 -44.70
C VAL C 812 -34.54 -1.33 -43.82
N THR C 813 -33.94 -2.47 -44.17
CA THR C 813 -34.18 -3.67 -43.39
C THR C 813 -33.62 -3.59 -41.99
N ASP C 814 -32.53 -2.85 -41.79
CA ASP C 814 -32.01 -2.66 -40.44
C ASP C 814 -32.96 -1.84 -39.61
N ARG C 815 -33.47 -0.75 -40.17
CA ARG C 815 -34.32 0.17 -39.44
C ARG C 815 -35.70 -0.40 -39.18
N LEU C 816 -36.12 -1.39 -39.96
CA LEU C 816 -37.35 -2.09 -39.60
C LEU C 816 -37.15 -2.94 -38.36
N ASP C 817 -36.04 -3.67 -38.27
CA ASP C 817 -35.81 -4.51 -37.11
C ASP C 817 -35.61 -3.68 -35.85
N SER C 818 -34.71 -2.70 -35.89
CA SER C 818 -34.46 -1.97 -34.66
C SER C 818 -35.70 -1.24 -34.17
N LEU C 819 -36.73 -1.11 -35.00
CA LEU C 819 -38.01 -0.57 -34.57
C LEU C 819 -38.90 -1.66 -33.99
N VAL C 820 -39.17 -2.72 -34.76
CA VAL C 820 -40.13 -3.70 -34.30
C VAL C 820 -39.65 -4.44 -33.07
N GLY C 821 -38.36 -4.73 -32.98
CA GLY C 821 -37.85 -5.40 -31.80
C GLY C 821 -37.92 -4.52 -30.58
N LEU C 822 -37.35 -3.32 -30.65
CA LEU C 822 -37.35 -2.45 -29.49
C LEU C 822 -38.77 -2.08 -29.06
N PHE C 823 -39.70 -2.03 -30.00
CA PHE C 823 -41.07 -1.71 -29.63
C PHE C 823 -41.75 -2.90 -28.96
N GLY C 824 -41.80 -4.03 -29.65
CA GLY C 824 -42.53 -5.17 -29.13
C GLY C 824 -41.83 -5.90 -28.00
N ALA C 825 -40.86 -5.25 -27.37
CA ALA C 825 -40.12 -5.86 -26.27
C ALA C 825 -39.89 -4.86 -25.15
N GLY C 826 -40.93 -4.12 -24.79
CA GLY C 826 -40.86 -3.28 -23.61
C GLY C 826 -40.51 -1.83 -23.85
N CYS C 827 -39.34 -1.56 -24.40
CA CYS C 827 -38.84 -0.19 -24.46
C CYS C 827 -39.67 0.59 -25.46
N GLN C 828 -40.71 1.22 -24.98
CA GLN C 828 -41.49 2.13 -25.79
C GLN C 828 -41.18 3.57 -25.41
N PRO C 829 -41.21 4.49 -26.35
CA PRO C 829 -40.66 5.83 -26.10
C PRO C 829 -41.64 6.72 -25.36
N SER C 830 -42.65 6.13 -24.73
CA SER C 830 -43.70 6.91 -24.10
C SER C 830 -43.14 7.67 -22.90
N SER C 831 -42.55 8.83 -23.18
CA SER C 831 -41.98 9.73 -22.19
C SER C 831 -41.40 10.95 -22.90
N THR C 832 -40.89 11.89 -22.14
CA THR C 832 -39.96 12.87 -22.70
C THR C 832 -38.55 12.31 -22.81
N ASN C 833 -38.25 11.24 -22.07
CA ASN C 833 -36.93 10.63 -22.12
C ASN C 833 -36.79 9.80 -23.38
N ASP C 834 -35.65 9.90 -24.05
CA ASP C 834 -35.40 9.19 -25.31
C ASP C 834 -34.24 8.22 -25.11
N PRO C 835 -34.52 6.98 -24.73
CA PRO C 835 -33.46 5.96 -24.74
C PRO C 835 -33.42 5.23 -26.07
N PHE C 836 -32.27 4.69 -26.43
CA PHE C 836 -32.09 3.86 -27.63
C PHE C 836 -32.35 4.62 -28.92
N GLY C 837 -32.56 5.93 -28.85
CA GLY C 837 -32.81 6.75 -30.02
C GLY C 837 -33.87 6.20 -30.95
N LEU C 838 -35.12 6.16 -30.49
CA LEU C 838 -36.22 5.65 -31.31
C LEU C 838 -36.88 6.74 -32.13
N ARG C 839 -36.37 7.96 -32.07
CA ARG C 839 -36.96 9.05 -32.83
C ARG C 839 -36.27 9.19 -34.18
N ARG C 840 -34.95 9.35 -34.17
CA ARG C 840 -34.23 9.50 -35.44
C ARG C 840 -34.21 8.20 -36.24
N ILE C 841 -34.23 7.06 -35.56
CA ILE C 841 -34.32 5.79 -36.27
C ILE C 841 -35.63 5.70 -37.05
N SER C 842 -36.71 6.22 -36.47
CA SER C 842 -38.00 6.22 -37.16
C SER C 842 -38.12 7.37 -38.14
N TYR C 843 -37.32 8.42 -37.96
CA TYR C 843 -37.37 9.57 -38.85
C TYR C 843 -36.60 9.32 -40.14
N GLY C 844 -35.54 8.53 -40.08
CA GLY C 844 -34.73 8.30 -41.25
C GLY C 844 -35.38 7.34 -42.22
N LEU C 845 -36.22 6.46 -41.71
CA LEU C 845 -36.85 5.47 -42.57
C LEU C 845 -37.82 6.10 -43.56
N VAL C 846 -38.36 7.27 -43.25
CA VAL C 846 -39.25 7.95 -44.19
C VAL C 846 -38.48 8.84 -45.16
N GLN C 847 -37.33 9.35 -44.76
CA GLN C 847 -36.50 10.12 -45.67
C GLN C 847 -35.80 9.24 -46.69
N ILE C 848 -35.39 8.03 -46.33
CA ILE C 848 -34.78 7.17 -47.32
C ILE C 848 -35.78 6.87 -48.44
N LEU C 849 -37.06 7.08 -48.19
CA LEU C 849 -38.09 6.80 -49.18
C LEU C 849 -38.55 8.03 -49.94
N VAL C 850 -38.92 9.10 -49.23
CA VAL C 850 -39.43 10.27 -49.94
C VAL C 850 -38.35 10.94 -50.75
N GLU C 851 -37.08 10.69 -50.44
CA GLU C 851 -35.97 11.21 -51.22
C GLU C 851 -35.54 10.26 -52.32
N ASN C 852 -36.27 9.19 -52.58
CA ASN C 852 -35.73 8.18 -53.46
C ASN C 852 -36.76 7.56 -54.40
N LYS C 853 -38.00 8.06 -54.45
CA LYS C 853 -38.98 7.66 -55.45
C LYS C 853 -39.31 6.16 -55.36
N LYS C 854 -39.64 5.70 -54.16
CA LYS C 854 -39.89 4.29 -53.93
C LYS C 854 -41.30 4.06 -53.43
N ASN C 855 -41.90 2.95 -53.84
CA ASN C 855 -43.25 2.58 -53.46
C ASN C 855 -43.23 1.43 -52.47
N PHE C 856 -43.58 1.73 -51.22
CA PHE C 856 -43.43 0.79 -50.11
C PHE C 856 -44.79 0.46 -49.52
N ASP C 857 -44.83 -0.51 -48.62
CA ASP C 857 -46.03 -0.87 -47.87
C ASP C 857 -45.67 -1.01 -46.41
N LEU C 858 -46.02 -0.01 -45.60
CA LEU C 858 -45.65 -0.06 -44.19
C LEU C 858 -46.42 -1.11 -43.40
N THR C 859 -47.56 -1.57 -43.89
CA THR C 859 -48.33 -2.53 -43.13
C THR C 859 -48.17 -3.97 -43.62
N LYS C 860 -47.33 -4.21 -44.62
CA LYS C 860 -46.93 -5.56 -44.98
C LYS C 860 -45.52 -5.88 -44.56
N ALA C 861 -44.61 -4.92 -44.64
CA ALA C 861 -43.24 -5.17 -44.18
C ALA C 861 -43.21 -5.34 -42.67
N LEU C 862 -44.03 -4.60 -41.95
CA LEU C 862 -44.06 -4.78 -40.50
C LEU C 862 -44.82 -6.01 -40.08
N THR C 863 -45.58 -6.63 -40.96
CA THR C 863 -46.17 -7.93 -40.64
C THR C 863 -45.23 -9.08 -40.95
N LEU C 864 -44.05 -8.79 -41.50
CA LEU C 864 -43.13 -9.82 -41.91
C LEU C 864 -41.76 -9.70 -41.25
N VAL C 865 -41.33 -8.51 -40.85
CA VAL C 865 -40.10 -8.37 -40.10
C VAL C 865 -40.33 -8.50 -38.60
N ALA C 866 -41.58 -8.59 -38.17
CA ALA C 866 -41.90 -8.90 -36.78
C ALA C 866 -42.01 -10.39 -36.53
N GLU C 867 -42.22 -11.18 -37.58
CA GLU C 867 -42.37 -12.62 -37.44
C GLU C 867 -41.07 -13.26 -36.96
N GLU C 868 -39.93 -12.60 -37.13
CA GLU C 868 -38.64 -13.22 -36.90
C GLU C 868 -38.15 -13.12 -35.47
N GLN C 869 -38.58 -12.12 -34.72
CA GLN C 869 -37.98 -11.80 -33.44
C GLN C 869 -38.02 -12.98 -32.47
N PRO C 870 -37.18 -12.98 -31.43
CA PRO C 870 -37.25 -14.06 -30.45
C PRO C 870 -38.45 -13.97 -29.54
N ILE C 871 -38.83 -12.77 -29.12
CA ILE C 871 -40.02 -12.57 -28.31
C ILE C 871 -41.22 -12.44 -29.23
N THR C 872 -42.38 -12.91 -28.77
CA THR C 872 -43.55 -12.97 -29.62
C THR C 872 -44.15 -11.59 -29.87
N ILE C 873 -44.61 -11.37 -31.11
CA ILE C 873 -45.17 -10.10 -31.53
C ILE C 873 -46.62 -10.34 -31.93
N ASP C 874 -47.53 -9.75 -31.18
CA ASP C 874 -48.96 -9.87 -31.44
C ASP C 874 -49.42 -8.76 -32.39
N SER C 875 -50.52 -9.03 -33.09
CA SER C 875 -51.01 -8.11 -34.11
C SER C 875 -51.39 -6.75 -33.55
N GLY C 876 -51.45 -6.60 -32.23
CA GLY C 876 -51.83 -5.32 -31.67
C GLY C 876 -50.68 -4.35 -31.48
N VAL C 877 -49.46 -4.85 -31.34
CA VAL C 877 -48.33 -3.96 -31.07
C VAL C 877 -47.71 -3.42 -32.35
N ILE C 878 -48.00 -4.03 -33.51
CA ILE C 878 -47.54 -3.41 -34.75
C ILE C 878 -48.50 -2.35 -35.26
N ASP C 879 -49.67 -2.21 -34.65
CA ASP C 879 -50.57 -1.14 -35.00
C ASP C 879 -50.31 0.13 -34.24
N GLU C 880 -49.27 0.16 -33.41
CA GLU C 880 -48.80 1.40 -32.83
C GLU C 880 -47.49 1.87 -33.45
N VAL C 881 -46.73 0.96 -34.04
CA VAL C 881 -45.53 1.38 -34.77
C VAL C 881 -45.93 2.14 -36.03
N VAL C 882 -46.99 1.70 -36.71
CA VAL C 882 -47.47 2.43 -37.87
C VAL C 882 -47.88 3.84 -37.48
N GLN C 883 -48.48 4.00 -36.31
CA GLN C 883 -48.87 5.34 -35.89
C GLN C 883 -47.66 6.17 -35.48
N PHE C 884 -46.70 5.56 -34.79
CA PHE C 884 -45.50 6.30 -34.41
C PHE C 884 -44.68 6.70 -35.64
N VAL C 885 -44.87 6.00 -36.75
CA VAL C 885 -44.21 6.42 -37.98
C VAL C 885 -45.03 7.49 -38.69
N THR C 886 -46.36 7.36 -38.69
CA THR C 886 -47.21 8.31 -39.41
C THR C 886 -47.15 9.68 -38.77
N ARG C 887 -47.10 9.75 -37.45
CA ARG C 887 -46.95 11.05 -36.81
C ARG C 887 -45.64 11.72 -37.22
N ARG C 888 -44.57 10.94 -37.31
CA ARG C 888 -43.29 11.49 -37.75
C ARG C 888 -43.35 11.97 -39.19
N LEU C 889 -44.06 11.25 -40.04
CA LEU C 889 -44.22 11.72 -41.41
C LEU C 889 -45.01 13.01 -41.45
N GLU C 890 -46.06 13.12 -40.65
CA GLU C 890 -46.83 14.36 -40.61
C GLU C 890 -45.98 15.53 -40.15
N GLN C 891 -45.12 15.30 -39.15
CA GLN C 891 -44.23 16.38 -38.73
C GLN C 891 -43.19 16.72 -39.78
N LEU C 892 -42.70 15.74 -40.52
CA LEU C 892 -41.79 16.04 -41.61
C LEU C 892 -42.49 16.88 -42.67
N LEU C 893 -43.77 16.63 -42.89
CA LEU C 893 -44.50 17.23 -43.99
C LEU C 893 -45.06 18.61 -43.67
N VAL C 894 -45.40 18.86 -42.41
CA VAL C 894 -46.00 20.15 -42.06
C VAL C 894 -44.96 21.26 -42.14
N ASP C 895 -43.75 21.00 -41.65
CA ASP C 895 -42.72 22.03 -41.59
C ASP C 895 -42.00 22.24 -42.90
N GLU C 896 -42.57 21.79 -44.02
CA GLU C 896 -42.11 22.17 -45.35
C GLU C 896 -42.99 23.26 -45.96
N GLY C 897 -43.59 24.12 -45.13
CA GLY C 897 -44.44 25.16 -45.65
C GLY C 897 -45.76 24.65 -46.17
N ILE C 898 -46.28 23.58 -45.61
CA ILE C 898 -47.54 23.01 -46.04
C ILE C 898 -48.63 23.49 -45.10
N ASN C 899 -49.88 23.31 -45.51
CA ASN C 899 -51.00 23.63 -44.63
C ASN C 899 -51.33 22.43 -43.75
N CYS C 900 -51.84 22.71 -42.55
CA CYS C 900 -51.99 21.64 -41.56
C CYS C 900 -53.27 20.85 -41.76
N GLU C 901 -54.24 21.38 -42.50
CA GLU C 901 -55.51 20.67 -42.59
C GLU C 901 -55.55 19.67 -43.74
N ILE C 902 -54.68 19.80 -44.73
CA ILE C 902 -54.70 18.86 -45.85
C ILE C 902 -53.82 17.65 -45.53
N VAL C 903 -52.80 17.84 -44.72
CA VAL C 903 -51.89 16.75 -44.41
C VAL C 903 -52.52 15.82 -43.39
N ARG C 904 -53.70 16.18 -42.91
CA ARG C 904 -54.48 15.28 -42.07
C ARG C 904 -55.67 14.72 -42.82
N SER C 905 -55.85 15.10 -44.07
CA SER C 905 -56.89 14.55 -44.92
C SER C 905 -56.33 13.72 -46.06
N VAL C 906 -55.01 13.69 -46.23
CA VAL C 906 -54.38 12.68 -47.07
C VAL C 906 -53.81 11.53 -46.24
N LEU C 907 -53.39 11.78 -45.01
CA LEU C 907 -52.76 10.79 -44.15
C LEU C 907 -53.78 9.89 -43.47
N ILE C 908 -54.99 9.80 -44.00
CA ILE C 908 -55.98 8.88 -43.47
C ILE C 908 -56.05 7.59 -44.27
N GLU C 909 -55.83 7.65 -45.58
CA GLU C 909 -55.71 6.43 -46.36
C GLU C 909 -54.51 6.38 -47.29
N ARG C 910 -53.83 7.49 -47.56
CA ARG C 910 -52.60 7.40 -48.32
C ARG C 910 -51.38 7.36 -47.43
N ALA C 911 -51.57 7.07 -46.15
CA ALA C 911 -50.50 7.13 -45.18
C ALA C 911 -49.58 5.93 -45.22
N ASN C 912 -49.92 4.89 -45.99
CA ASN C 912 -49.11 3.68 -45.97
C ASN C 912 -47.78 3.92 -46.69
N CYS C 913 -47.82 4.21 -47.97
CA CYS C 913 -46.60 4.38 -48.74
C CYS C 913 -46.11 5.79 -48.59
N PRO C 914 -45.05 6.05 -47.82
CA PRO C 914 -44.67 7.43 -47.51
C PRO C 914 -44.23 8.24 -48.70
N TYR C 915 -44.10 7.66 -49.89
CA TYR C 915 -43.74 8.52 -51.01
C TYR C 915 -44.98 9.08 -51.68
N LEU C 916 -45.99 8.25 -51.93
CA LEU C 916 -47.20 8.73 -52.57
C LEU C 916 -47.92 9.77 -51.72
N ALA C 917 -47.85 9.64 -50.39
N ALA C 917 -47.85 9.64 -50.39
CA ALA C 917 -48.46 10.63 -49.51
CA ALA C 917 -48.46 10.63 -49.51
C ALA C 917 -47.76 11.98 -49.63
C ALA C 917 -47.76 11.98 -49.63
N SER C 918 -46.43 11.98 -49.55
CA SER C 918 -45.70 13.24 -49.68
C SER C 918 -45.79 13.78 -51.10
N GLN C 919 -46.11 12.94 -52.07
CA GLN C 919 -46.33 13.40 -53.42
C GLN C 919 -47.68 14.08 -53.55
N THR C 920 -48.73 13.48 -52.99
CA THR C 920 -50.10 13.92 -53.20
C THR C 920 -50.57 14.88 -52.14
N ALA C 921 -49.75 15.21 -51.15
CA ALA C 921 -50.09 16.30 -50.24
C ALA C 921 -49.53 17.63 -50.69
N ILE C 922 -48.48 17.63 -51.50
CA ILE C 922 -47.99 18.93 -52.05
C ILE C 922 -48.87 19.26 -53.25
N GLU C 923 -49.26 18.23 -54.01
CA GLU C 923 -50.06 18.43 -55.21
C GLU C 923 -51.52 18.74 -54.90
N MET C 924 -51.94 18.65 -53.64
CA MET C 924 -53.30 18.99 -53.26
C MET C 924 -53.43 20.42 -52.77
N GLU C 925 -52.38 20.99 -52.18
CA GLU C 925 -52.47 22.38 -51.76
C GLU C 925 -52.56 23.32 -52.96
N ALA C 926 -51.71 23.11 -53.97
CA ALA C 926 -51.79 23.92 -55.16
C ALA C 926 -53.15 23.81 -55.85
N PHE C 927 -53.84 22.67 -55.71
CA PHE C 927 -55.19 22.55 -56.22
C PHE C 927 -56.19 23.23 -55.30
N SER C 928 -55.91 23.23 -54.00
CA SER C 928 -56.80 23.90 -53.06
C SER C 928 -56.80 25.40 -53.24
N ARG C 929 -55.73 25.98 -53.76
CA ARG C 929 -55.71 27.42 -53.96
C ARG C 929 -56.36 27.87 -55.25
N THR C 930 -56.77 26.95 -56.13
CA THR C 930 -57.47 27.32 -57.36
C THR C 930 -58.97 27.30 -57.14
N GLU C 931 -59.69 28.04 -58.00
CA GLU C 931 -61.12 28.21 -57.80
C GLU C 931 -61.91 27.05 -58.41
N ASP C 932 -61.56 25.83 -58.05
CA ASP C 932 -62.44 24.69 -58.22
C ASP C 932 -62.60 23.90 -56.94
N PHE C 933 -61.80 24.22 -55.92
CA PHE C 933 -61.92 23.59 -54.62
C PHE C 933 -63.29 23.79 -53.99
N PRO C 934 -63.88 24.99 -53.96
CA PRO C 934 -65.22 25.12 -53.37
C PRO C 934 -66.31 24.47 -54.18
N LYS C 935 -66.08 24.19 -55.46
CA LYS C 935 -67.08 23.44 -56.20
C LYS C 935 -67.06 21.96 -55.83
N ILE C 936 -65.88 21.35 -55.79
CA ILE C 936 -65.77 19.92 -55.48
C ILE C 936 -66.09 19.63 -54.02
N VAL C 937 -65.54 20.41 -53.08
CA VAL C 937 -65.77 20.10 -51.67
C VAL C 937 -67.25 20.23 -51.32
N GLU C 938 -68.04 20.94 -52.11
CA GLU C 938 -69.48 20.96 -51.90
C GLU C 938 -70.18 19.86 -52.70
N ALA C 939 -69.74 19.64 -53.94
CA ALA C 939 -70.34 18.62 -54.78
C ALA C 939 -70.29 17.26 -54.10
N TYR C 940 -69.29 17.05 -53.27
CA TYR C 940 -69.21 15.70 -52.68
C TYR C 940 -69.89 15.72 -51.31
N SER C 941 -70.42 16.86 -50.85
CA SER C 941 -70.97 16.99 -49.48
C SER C 941 -72.47 16.94 -49.53
N ARG C 942 -73.02 17.13 -50.70
CA ARG C 942 -74.47 17.02 -50.78
C ARG C 942 -74.88 15.55 -50.68
N PRO C 943 -74.15 14.49 -51.08
CA PRO C 943 -74.65 13.15 -50.87
C PRO C 943 -73.97 12.39 -49.77
N THR C 944 -73.14 13.01 -48.94
CA THR C 944 -72.60 12.28 -47.76
C THR C 944 -73.32 12.72 -46.49
N ARG C 945 -73.84 13.94 -46.42
CA ARG C 945 -74.62 14.39 -45.25
C ARG C 945 -76.01 13.82 -45.39
N ILE C 946 -76.65 13.96 -46.54
CA ILE C 946 -78.05 13.49 -46.67
C ILE C 946 -78.16 12.02 -46.27
N ILE C 947 -77.08 11.24 -46.25
CA ILE C 947 -77.15 9.77 -45.96
C ILE C 947 -76.52 9.49 -44.59
N ARG C 948 -76.90 10.26 -43.55
CA ARG C 948 -76.28 10.14 -42.19
C ARG C 948 -76.82 8.94 -41.43
N GLY C 949 -77.54 8.04 -42.11
CA GLY C 949 -78.01 6.81 -41.46
C GLY C 949 -79.48 6.65 -41.66
N LYS C 950 -79.89 5.77 -42.59
CA LYS C 950 -81.32 5.52 -42.73
C LYS C 950 -81.54 4.03 -42.97
N GLU C 951 -80.67 3.21 -42.39
CA GLU C 951 -80.76 1.74 -42.45
C GLU C 951 -80.76 1.24 -43.90
N ILE C 952 -79.71 1.59 -44.63
CA ILE C 952 -79.49 1.03 -45.95
C ILE C 952 -79.08 -0.42 -45.77
N GLY C 953 -79.99 -1.35 -46.03
CA GLY C 953 -79.74 -2.75 -45.73
C GLY C 953 -79.29 -3.58 -46.92
N SER C 954 -80.01 -3.48 -48.03
CA SER C 954 -79.64 -4.20 -49.25
C SER C 954 -78.39 -3.57 -49.83
N ALA C 955 -77.25 -4.24 -49.61
CA ALA C 955 -75.93 -3.63 -49.77
C ALA C 955 -75.73 -2.91 -51.09
N LEU C 956 -75.75 -3.63 -52.20
CA LEU C 956 -75.42 -3.00 -53.48
C LEU C 956 -76.62 -2.29 -54.06
N GLU C 957 -77.64 -3.04 -54.47
CA GLU C 957 -78.95 -2.50 -54.82
C GLU C 957 -78.93 -1.57 -56.02
N VAL C 958 -77.74 -1.23 -56.52
CA VAL C 958 -77.66 -0.32 -57.66
C VAL C 958 -78.08 -1.09 -58.89
N ASP C 959 -79.32 -0.88 -59.33
CA ASP C 959 -79.88 -1.66 -60.42
C ASP C 959 -81.00 -0.88 -61.07
N ALA C 960 -81.53 -1.42 -62.16
CA ALA C 960 -82.69 -0.88 -62.83
C ALA C 960 -83.95 -1.68 -62.52
N SER C 961 -83.98 -2.37 -61.38
CA SER C 961 -85.14 -3.12 -60.93
C SER C 961 -86.40 -2.26 -61.05
N VAL C 962 -86.45 -1.18 -60.29
CA VAL C 962 -87.41 -0.11 -60.52
C VAL C 962 -86.71 1.24 -60.37
N PHE C 963 -86.22 1.77 -61.49
CA PHE C 963 -85.51 3.04 -61.48
C PHE C 963 -86.32 4.08 -62.27
N GLU C 964 -87.62 4.06 -61.97
CA GLU C 964 -88.60 4.90 -62.68
C GLU C 964 -88.35 6.38 -62.49
N LYS C 965 -87.26 6.72 -61.80
CA LYS C 965 -86.86 8.14 -61.62
C LYS C 965 -86.42 8.75 -62.94
N ASP C 966 -86.48 10.07 -63.05
CA ASP C 966 -86.14 10.79 -64.27
C ASP C 966 -84.64 11.07 -64.37
N GLU C 967 -84.07 11.71 -63.35
CA GLU C 967 -82.67 12.09 -63.37
C GLU C 967 -81.74 10.95 -62.98
N GLU C 968 -82.25 9.86 -62.40
CA GLU C 968 -81.38 8.75 -62.09
C GLU C 968 -80.75 8.18 -63.34
N ARG C 969 -81.53 8.06 -64.42
CA ARG C 969 -81.06 7.45 -65.65
C ARG C 969 -79.91 8.24 -66.27
N ALA C 970 -79.75 9.50 -65.88
CA ALA C 970 -78.64 10.30 -66.34
C ALA C 970 -77.58 10.51 -65.27
N LEU C 971 -77.88 10.17 -64.02
CA LEU C 971 -76.85 10.26 -62.98
C LEU C 971 -75.98 9.01 -62.94
N TRP C 972 -76.60 7.83 -62.93
CA TRP C 972 -75.81 6.61 -62.83
C TRP C 972 -74.87 6.44 -64.01
N SER C 973 -75.27 6.93 -65.20
CA SER C 973 -74.38 6.90 -66.34
C SER C 973 -73.13 7.70 -66.07
N ALA C 974 -73.29 8.92 -65.54
CA ALA C 974 -72.13 9.74 -65.20
C ALA C 974 -71.26 9.04 -64.17
N TYR C 975 -71.90 8.39 -63.18
CA TYR C 975 -71.10 7.70 -62.17
C TYR C 975 -70.27 6.58 -62.80
N LEU C 976 -70.86 5.81 -63.71
CA LEU C 976 -70.06 4.76 -64.32
C LEU C 976 -68.94 5.34 -65.18
N GLU C 977 -69.21 6.38 -65.96
CA GLU C 977 -68.14 6.86 -66.81
C GLU C 977 -67.04 7.58 -66.04
N VAL C 978 -67.29 8.01 -64.81
CA VAL C 978 -66.19 8.53 -64.01
C VAL C 978 -65.49 7.44 -63.22
N ALA C 979 -66.25 6.50 -62.67
CA ALA C 979 -65.66 5.40 -61.91
C ALA C 979 -64.83 4.48 -62.80
N ASP C 980 -65.08 4.49 -64.11
CA ASP C 980 -64.19 3.78 -65.02
C ASP C 980 -62.83 4.46 -65.15
N LYS C 981 -62.74 5.75 -64.78
CA LYS C 981 -61.44 6.41 -64.80
C LYS C 981 -60.74 6.36 -63.45
N ILE C 982 -61.43 6.76 -62.39
CA ILE C 982 -60.80 6.81 -61.07
C ILE C 982 -60.64 5.38 -60.55
N HIS C 983 -59.39 4.88 -60.60
CA HIS C 983 -58.84 3.63 -60.06
C HIS C 983 -58.13 3.91 -58.74
N PRO C 984 -57.92 2.90 -57.88
CA PRO C 984 -57.57 3.19 -56.48
C PRO C 984 -56.20 3.82 -56.27
N GLY C 985 -55.48 4.13 -57.34
CA GLY C 985 -54.17 4.74 -57.18
C GLY C 985 -53.94 5.92 -58.09
N VAL C 986 -55.01 6.57 -58.51
CA VAL C 986 -54.90 7.65 -59.48
C VAL C 986 -54.36 8.90 -58.79
N ASP C 987 -53.87 9.83 -59.59
CA ASP C 987 -53.37 11.08 -59.05
C ASP C 987 -54.50 12.09 -58.89
N ILE C 988 -54.19 13.22 -58.27
CA ILE C 988 -55.22 14.13 -57.83
C ILE C 988 -55.81 14.95 -58.98
N LYS C 989 -55.10 15.08 -60.10
CA LYS C 989 -55.57 15.94 -61.18
C LYS C 989 -56.63 15.25 -62.02
N ALA C 990 -56.46 13.96 -62.33
CA ALA C 990 -57.53 13.24 -63.00
C ALA C 990 -58.79 13.25 -62.16
N PHE C 991 -58.65 13.17 -60.85
CA PHE C 991 -59.78 13.29 -59.94
C PHE C 991 -60.42 14.68 -60.05
N ALA C 992 -59.60 15.72 -60.02
CA ALA C 992 -60.09 17.09 -60.00
C ALA C 992 -60.64 17.54 -61.34
N ASP C 993 -60.41 16.79 -62.41
CA ASP C 993 -61.09 17.04 -63.68
C ASP C 993 -62.14 15.99 -64.01
N ALA C 994 -62.23 14.91 -63.24
CA ALA C 994 -63.27 13.92 -63.47
C ALA C 994 -64.48 14.12 -62.56
N SER C 995 -64.37 14.94 -61.52
CA SER C 995 -65.55 15.26 -60.72
C SER C 995 -66.27 16.53 -61.16
N LEU C 996 -65.60 17.43 -61.88
CA LEU C 996 -66.23 18.66 -62.30
C LEU C 996 -67.42 18.43 -63.22
N GLU C 997 -67.44 17.32 -63.95
CA GLU C 997 -68.56 17.01 -64.82
C GLU C 997 -69.60 16.16 -64.14
N LEU C 998 -69.26 15.56 -63.00
CA LEU C 998 -70.20 14.87 -62.14
C LEU C 998 -71.00 15.84 -61.28
N LEU C 999 -70.44 17.02 -60.99
CA LEU C 999 -71.15 17.94 -60.09
C LEU C 999 -72.47 18.46 -60.66
N GLN C 1000 -72.67 18.43 -61.98
CA GLN C 1000 -73.93 18.96 -62.50
C GLN C 1000 -75.09 17.99 -62.39
N PRO C 1001 -74.99 16.75 -62.85
CA PRO C 1001 -76.12 15.82 -62.68
C PRO C 1001 -76.52 15.66 -61.24
N LEU C 1002 -75.64 15.98 -60.29
CA LEU C 1002 -76.00 15.96 -58.89
C LEU C 1002 -77.10 16.97 -58.59
N GLU C 1003 -76.89 18.22 -59.00
CA GLU C 1003 -77.87 19.29 -58.81
C GLU C 1003 -78.98 19.23 -59.83
N ASP C 1004 -78.94 18.28 -60.74
CA ASP C 1004 -80.12 17.97 -61.54
C ASP C 1004 -80.87 16.75 -61.02
N PHE C 1005 -80.28 15.99 -60.10
CA PHE C 1005 -80.95 14.90 -59.42
C PHE C 1005 -81.64 15.39 -58.17
N PHE C 1006 -80.90 16.11 -57.32
CA PHE C 1006 -81.47 16.62 -56.08
C PHE C 1006 -82.61 17.58 -56.34
N THR C 1007 -82.59 18.26 -57.47
CA THR C 1007 -83.63 19.23 -57.79
C THR C 1007 -85.00 18.58 -57.85
N ASN C 1008 -85.10 17.40 -58.45
CA ASN C 1008 -86.40 16.78 -58.70
C ASN C 1008 -86.70 15.59 -57.80
N VAL C 1009 -85.83 14.58 -57.79
CA VAL C 1009 -86.16 13.33 -57.13
C VAL C 1009 -86.24 13.54 -55.62
N PHE C 1010 -87.32 13.06 -55.02
CA PHE C 1010 -87.53 13.08 -53.57
C PHE C 1010 -86.98 11.78 -53.00
N VAL C 1011 -85.73 11.84 -52.54
CA VAL C 1011 -85.03 10.61 -52.17
C VAL C 1011 -85.75 9.90 -51.04
N MET C 1012 -86.28 10.64 -50.07
CA MET C 1012 -86.80 9.97 -48.89
C MET C 1012 -88.02 9.12 -49.22
N ALA C 1013 -88.28 8.16 -48.34
CA ALA C 1013 -89.15 7.02 -48.65
C ALA C 1013 -90.61 7.45 -48.54
N GLU C 1014 -91.24 7.65 -49.69
CA GLU C 1014 -92.69 7.67 -49.76
C GLU C 1014 -93.27 6.29 -50.00
N ASP C 1015 -92.47 5.35 -50.49
CA ASP C 1015 -92.86 3.96 -50.64
C ASP C 1015 -92.11 3.12 -49.62
N GLU C 1016 -92.58 1.89 -49.42
CA GLU C 1016 -92.05 1.04 -48.35
C GLU C 1016 -90.70 0.44 -48.73
N LYS C 1017 -90.69 -0.38 -49.78
CA LYS C 1017 -89.49 -1.14 -50.12
C LYS C 1017 -88.60 -0.42 -51.11
N VAL C 1018 -89.16 0.12 -52.19
CA VAL C 1018 -88.31 0.71 -53.21
C VAL C 1018 -88.02 2.17 -52.88
N ARG C 1019 -87.08 2.35 -51.95
CA ARG C 1019 -86.45 3.63 -51.66
C ARG C 1019 -85.00 3.39 -51.34
N ASN C 1020 -84.50 2.19 -51.62
CA ASN C 1020 -83.11 1.82 -51.41
C ASN C 1020 -82.26 2.03 -52.65
N ASN C 1021 -82.88 2.00 -53.83
CA ASN C 1021 -82.17 2.45 -55.03
C ASN C 1021 -81.66 3.87 -54.86
N ARG C 1022 -82.55 4.77 -54.41
CA ARG C 1022 -82.23 6.19 -54.30
C ARG C 1022 -81.22 6.43 -53.19
N LEU C 1023 -80.99 5.43 -52.36
CA LEU C 1023 -80.00 5.51 -51.29
C LEU C 1023 -78.65 4.95 -51.71
N ALA C 1024 -78.66 3.81 -52.39
CA ALA C 1024 -77.41 3.26 -52.90
C ALA C 1024 -76.83 4.14 -53.99
N LEU C 1025 -77.69 4.72 -54.84
CA LEU C 1025 -77.20 5.53 -55.94
C LEU C 1025 -76.41 6.72 -55.43
N LEU C 1026 -76.63 7.13 -54.18
CA LEU C 1026 -75.80 8.18 -53.60
C LEU C 1026 -74.73 7.63 -52.70
N THR C 1027 -74.94 6.45 -52.10
CA THR C 1027 -73.85 5.87 -51.32
C THR C 1027 -72.64 5.64 -52.21
N LYS C 1028 -72.89 5.20 -53.44
CA LYS C 1028 -71.79 4.98 -54.38
C LYS C 1028 -71.11 6.29 -54.74
N VAL C 1029 -71.88 7.30 -55.14
CA VAL C 1029 -71.32 8.60 -55.51
C VAL C 1029 -70.59 9.23 -54.33
N ALA C 1030 -70.97 8.85 -53.11
CA ALA C 1030 -70.27 9.35 -51.94
C ALA C 1030 -68.98 8.61 -51.69
N SER C 1031 -68.90 7.35 -52.08
CA SER C 1031 -67.76 6.53 -51.70
C SER C 1031 -66.60 6.54 -52.68
N LEU C 1032 -66.84 7.08 -53.89
CA LEU C 1032 -65.78 7.14 -54.94
C LEU C 1032 -64.45 7.66 -54.36
N PRO C 1033 -64.39 8.79 -53.60
CA PRO C 1033 -63.11 9.29 -53.10
C PRO C 1033 -62.52 8.51 -51.94
N LYS C 1034 -62.96 7.28 -51.69
CA LYS C 1034 -62.33 6.42 -50.69
C LYS C 1034 -61.06 5.82 -51.28
N GLY C 1035 -59.91 6.32 -50.84
CA GLY C 1035 -58.62 5.89 -51.34
C GLY C 1035 -57.74 7.03 -51.81
N ILE C 1036 -58.28 8.21 -52.04
CA ILE C 1036 -57.51 9.34 -52.54
C ILE C 1036 -57.39 10.44 -51.48
N ALA C 1037 -58.51 10.85 -50.89
CA ALA C 1037 -58.49 11.86 -49.85
C ALA C 1037 -59.74 11.74 -49.00
N ASP C 1038 -59.57 11.96 -47.70
CA ASP C 1038 -60.66 11.89 -46.72
C ASP C 1038 -61.31 13.25 -46.61
N LEU C 1039 -62.28 13.49 -47.46
CA LEU C 1039 -62.77 14.83 -47.75
C LEU C 1039 -63.69 15.40 -46.68
N SER C 1040 -63.92 14.69 -45.58
CA SER C 1040 -64.86 15.14 -44.56
C SER C 1040 -64.18 15.84 -43.40
N VAL C 1041 -62.97 16.33 -43.60
CA VAL C 1041 -62.24 17.06 -42.58
C VAL C 1041 -61.96 18.49 -43.02
N LEU C 1042 -61.68 18.70 -44.30
CA LEU C 1042 -61.33 20.01 -44.79
C LEU C 1042 -62.45 21.01 -44.48
N PRO C 1043 -62.12 22.23 -44.12
CA PRO C 1043 -63.13 23.23 -43.83
C PRO C 1043 -63.81 23.68 -45.11
N GLY C 1044 -64.85 24.49 -44.94
CA GLY C 1044 -65.67 24.86 -46.08
C GLY C 1044 -66.62 23.79 -46.51
N PHE C 1045 -66.86 22.79 -45.65
CA PHE C 1045 -67.76 21.71 -45.98
C PHE C 1045 -69.21 22.20 -45.85
PG GTP D 1 -34.22 8.43 -12.43
O1G GTP D 1 -33.50 7.35 -11.76
O2G GTP D 1 -34.97 9.41 -11.34
O3G GTP D 1 -33.14 9.12 -13.12
O3B GTP D 1 -35.32 7.84 -13.50
PB GTP D 1 -35.97 8.72 -14.73
O1B GTP D 1 -37.43 8.74 -14.66
O2B GTP D 1 -35.66 10.14 -14.58
O3A GTP D 1 -35.43 8.14 -16.17
PA GTP D 1 -33.87 7.75 -16.49
O1A GTP D 1 -33.16 7.33 -15.28
O2A GTP D 1 -33.77 6.54 -17.30
O5' GTP D 1 -33.09 9.02 -17.22
C5' GTP D 1 -33.07 10.25 -16.56
C4' GTP D 1 -31.73 10.86 -16.73
O4' GTP D 1 -31.18 10.49 -18.09
C3' GTP D 1 -31.85 12.32 -16.63
O3' GTP D 1 -31.04 12.81 -15.52
C2' GTP D 1 -31.37 12.89 -17.87
O2' GTP D 1 -30.30 13.86 -17.60
C1' GTP D 1 -30.83 11.81 -18.72
N9 GTP D 1 -31.44 11.92 -19.98
C8 GTP D 1 -32.30 11.14 -20.27
N7 GTP D 1 -32.69 11.47 -21.50
C5 GTP D 1 -31.87 12.61 -21.86
C6 GTP D 1 -31.74 13.43 -22.91
O6 GTP D 1 -32.42 13.27 -23.87
N1 GTP D 1 -30.84 14.40 -22.89
C2 GTP D 1 -30.06 14.58 -21.79
N2 GTP D 1 -29.08 15.65 -21.76
N3 GTP D 1 -30.20 13.76 -20.71
C4 GTP D 1 -31.08 12.79 -20.74
#